data_8E16
#
_entry.id   8E16
#
_entity_poly.entity_id   1
_entity_poly.type   'polypeptide(L)'
_entity_poly.pdbx_seq_one_letter_code
;MAFNNFIPELWSDMLLEEWTAQTVFANLVNREYEGIASKGNVVHIAGVVAPTVKDYKAAGRQTSADAISDTGVDLLIDQE
KSIDFLVDDIDRVQVAGSLEAYTRAGATALATDTDKFIADMLVDNGTALTGSAPSDADDAFDLIASALKELTKANVPNVG
RVVVVNAEMAFWLRSSGSKLTSADTSGDAAGLRAGTIGNLLGARIVESNNLRDTDDEQFVAFHPSAAAYVSQIDTVEALR
DQDSFSDRIRALHVYGGKVVRPTGVVVFNKTGS
;
_entity_poly.pdbx_strand_id   I,A,G,F,E,B,C,D,H
#
# COMPACT_ATOMS: atom_id res chain seq x y z
N ALA A 2 -49.29 47.83 -6.26
CA ALA A 2 -49.63 47.33 -4.93
C ALA A 2 -48.66 46.24 -4.47
N PHE A 3 -48.93 44.96 -4.79
CA PHE A 3 -48.06 43.84 -4.47
C PHE A 3 -46.94 43.67 -5.50
N ASN A 4 -45.72 44.03 -5.14
CA ASN A 4 -44.54 43.90 -5.98
C ASN A 4 -43.79 42.59 -5.77
N ASN A 5 -44.03 41.88 -4.67
CA ASN A 5 -43.26 40.72 -4.25
C ASN A 5 -44.11 39.48 -4.04
N PHE A 6 -45.37 39.61 -3.63
CA PHE A 6 -46.17 38.46 -3.21
C PHE A 6 -46.91 37.71 -4.33
N ILE A 7 -46.87 38.18 -5.58
CA ILE A 7 -47.51 37.53 -6.74
C ILE A 7 -46.52 36.59 -7.45
N PRO A 8 -46.75 35.27 -7.50
CA PRO A 8 -45.82 34.33 -8.11
C PRO A 8 -45.85 34.30 -9.64
N GLU A 9 -44.73 33.91 -10.23
CA GLU A 9 -44.66 33.31 -11.56
C GLU A 9 -44.61 31.80 -11.37
N LEU A 10 -45.35 31.02 -12.16
CA LEU A 10 -45.46 29.57 -11.99
C LEU A 10 -44.76 28.83 -13.12
N TRP A 11 -44.14 27.68 -12.85
CA TRP A 11 -43.55 26.82 -13.87
C TRP A 11 -44.40 25.58 -14.04
N SER A 12 -44.71 25.23 -15.27
CA SER A 12 -45.22 23.89 -15.58
C SER A 12 -44.19 22.84 -15.15
N ASP A 13 -44.58 21.84 -14.38
CA ASP A 13 -43.70 20.77 -13.91
C ASP A 13 -43.50 19.65 -14.94
N MET A 14 -43.69 19.96 -16.22
CA MET A 14 -43.70 19.00 -17.31
C MET A 14 -43.06 19.60 -18.54
N LEU A 15 -42.01 18.96 -19.07
CA LEU A 15 -41.37 19.39 -20.30
C LEU A 15 -42.24 19.03 -21.52
N LEU A 16 -42.30 19.90 -22.51
CA LEU A 16 -42.82 19.56 -23.83
C LEU A 16 -41.85 18.66 -24.61
N GLU A 17 -42.34 17.52 -25.08
CA GLU A 17 -41.65 16.69 -26.05
C GLU A 17 -41.59 17.36 -27.42
N GLU A 18 -40.52 17.16 -28.18
CA GLU A 18 -40.47 17.56 -29.59
C GLU A 18 -41.44 16.75 -30.46
N TRP A 19 -42.01 17.39 -31.47
CA TRP A 19 -42.74 16.71 -32.55
C TRP A 19 -41.74 16.20 -33.60
N THR A 20 -41.67 14.89 -33.79
CA THR A 20 -40.72 14.21 -34.69
C THR A 20 -41.42 13.24 -35.65
N ALA A 21 -40.86 13.09 -36.84
CA ALA A 21 -41.43 12.28 -37.91
C ALA A 21 -41.66 10.82 -37.48
N GLN A 22 -42.76 10.20 -37.87
CA GLN A 22 -42.91 8.76 -37.73
C GLN A 22 -41.85 8.05 -38.58
N THR A 23 -41.15 7.09 -37.99
CA THR A 23 -40.14 6.28 -38.68
C THR A 23 -40.78 5.04 -39.30
N VAL A 24 -40.47 4.72 -40.55
CA VAL A 24 -41.14 3.65 -41.31
C VAL A 24 -40.21 2.68 -42.00
N PHE A 25 -39.05 3.11 -42.46
CA PHE A 25 -38.26 2.33 -43.40
C PHE A 25 -37.67 1.06 -42.79
N ALA A 26 -37.33 1.02 -41.50
CA ALA A 26 -36.78 -0.18 -40.86
C ALA A 26 -37.75 -1.36 -40.77
N ASN A 27 -39.05 -1.15 -40.95
CA ASN A 27 -40.06 -2.23 -41.06
C ASN A 27 -40.45 -2.56 -42.51
N LEU A 28 -40.01 -1.79 -43.51
CA LEU A 28 -40.35 -2.03 -44.92
C LEU A 28 -39.30 -2.84 -45.66
N VAL A 29 -38.02 -2.70 -45.32
CA VAL A 29 -36.91 -3.46 -45.91
C VAL A 29 -36.72 -4.85 -45.29
N ASN A 30 -35.93 -5.69 -45.94
CA ASN A 30 -35.64 -7.06 -45.54
C ASN A 30 -34.67 -7.13 -44.33
N ARG A 31 -35.01 -7.93 -43.31
CA ARG A 31 -34.25 -8.08 -42.05
C ARG A 31 -33.57 -9.44 -41.87
N GLU A 32 -33.63 -10.34 -42.85
CA GLU A 32 -33.24 -11.74 -42.66
C GLU A 32 -31.76 -11.95 -42.27
N TYR A 33 -30.86 -11.08 -42.71
CA TYR A 33 -29.43 -11.18 -42.43
C TYR A 33 -29.01 -10.82 -40.99
N GLU A 34 -29.92 -10.33 -40.15
CA GLU A 34 -29.62 -10.12 -38.73
C GLU A 34 -29.29 -11.41 -37.98
N GLY A 35 -29.74 -12.57 -38.49
CA GLY A 35 -29.31 -13.87 -37.99
C GLY A 35 -27.82 -14.14 -38.22
N ILE A 36 -27.37 -14.09 -39.48
CA ILE A 36 -25.97 -14.36 -39.83
C ILE A 36 -25.01 -13.26 -39.32
N ALA A 37 -25.43 -12.00 -39.34
CA ALA A 37 -24.60 -10.85 -38.98
C ALA A 37 -24.46 -10.60 -37.46
N SER A 38 -24.68 -11.60 -36.62
CA SER A 38 -24.39 -11.58 -35.18
C SER A 38 -22.92 -11.25 -34.84
N LYS A 39 -22.00 -11.57 -35.75
CA LYS A 39 -20.56 -11.31 -35.69
C LYS A 39 -20.00 -11.04 -37.09
N GLY A 40 -18.79 -10.52 -37.18
CA GLY A 40 -18.21 -10.01 -38.42
C GLY A 40 -18.86 -8.72 -38.91
N ASN A 41 -18.25 -8.05 -39.88
CA ASN A 41 -18.73 -6.77 -40.41
C ASN A 41 -18.99 -6.73 -41.92
N VAL A 42 -18.92 -7.88 -42.59
CA VAL A 42 -19.34 -8.06 -43.99
C VAL A 42 -20.22 -9.29 -44.12
N VAL A 43 -21.32 -9.21 -44.87
CA VAL A 43 -22.09 -10.37 -45.33
C VAL A 43 -22.00 -10.44 -46.85
N HIS A 44 -21.48 -11.54 -47.40
CA HIS A 44 -21.50 -11.78 -48.85
C HIS A 44 -22.79 -12.44 -49.27
N ILE A 45 -23.46 -11.86 -50.26
CA ILE A 45 -24.76 -12.34 -50.75
C ILE A 45 -24.56 -12.70 -52.22
N ALA A 46 -24.81 -13.96 -52.58
CA ALA A 46 -24.50 -14.50 -53.89
C ALA A 46 -25.76 -14.82 -54.72
N GLY A 47 -25.69 -14.56 -56.02
CA GLY A 47 -26.76 -14.79 -56.99
C GLY A 47 -26.31 -15.71 -58.12
N VAL A 48 -27.17 -16.63 -58.51
CA VAL A 48 -26.98 -17.54 -59.64
C VAL A 48 -26.82 -16.79 -60.96
N VAL A 49 -25.89 -17.23 -61.81
CA VAL A 49 -25.84 -16.82 -63.22
C VAL A 49 -26.37 -17.98 -64.07
N ALA A 50 -27.40 -17.74 -64.88
CA ALA A 50 -28.08 -18.82 -65.59
C ALA A 50 -27.20 -19.45 -66.69
N PRO A 51 -27.29 -20.77 -66.94
CA PRO A 51 -26.70 -21.39 -68.12
C PRO A 51 -27.24 -20.79 -69.41
N THR A 52 -26.39 -20.51 -70.39
CA THR A 52 -26.81 -19.98 -71.69
C THR A 52 -27.42 -21.06 -72.58
N VAL A 53 -28.57 -20.80 -73.19
CA VAL A 53 -29.16 -21.68 -74.21
C VAL A 53 -28.33 -21.61 -75.49
N LYS A 54 -27.96 -22.78 -76.04
CA LYS A 54 -27.18 -22.91 -77.27
C LYS A 54 -28.04 -23.36 -78.44
N ASP A 55 -27.77 -22.86 -79.63
CA ASP A 55 -28.42 -23.33 -80.86
C ASP A 55 -27.82 -24.66 -81.31
N TYR A 56 -28.32 -25.75 -80.73
CA TYR A 56 -27.81 -27.10 -80.92
C TYR A 56 -27.81 -27.57 -82.37
N LYS A 57 -28.81 -27.16 -83.15
CA LYS A 57 -28.99 -27.51 -84.55
C LYS A 57 -28.02 -26.77 -85.49
N ALA A 58 -27.41 -25.68 -85.02
CA ALA A 58 -26.38 -24.96 -85.76
C ALA A 58 -24.96 -25.44 -85.46
N ALA A 59 -24.76 -26.08 -84.30
CA ALA A 59 -23.51 -26.71 -83.92
C ALA A 59 -23.31 -28.10 -84.58
N GLY A 60 -23.76 -28.30 -85.82
CA GLY A 60 -24.04 -29.65 -86.29
C GLY A 60 -25.20 -30.23 -85.49
N ARG A 61 -24.91 -31.20 -84.63
CA ARG A 61 -25.74 -31.57 -83.48
C ARG A 61 -24.89 -31.81 -82.24
N GLN A 62 -23.80 -31.07 -82.11
CA GLN A 62 -22.86 -31.18 -81.00
C GLN A 62 -23.36 -30.40 -79.77
N THR A 63 -22.89 -30.80 -78.60
CA THR A 63 -23.08 -30.09 -77.32
C THR A 63 -21.84 -30.27 -76.44
N SER A 64 -21.59 -29.35 -75.52
CA SER A 64 -20.58 -29.51 -74.46
C SER A 64 -20.97 -28.73 -73.22
N ALA A 65 -20.46 -29.15 -72.06
CA ALA A 65 -20.78 -28.47 -70.82
C ALA A 65 -20.05 -27.13 -70.71
N ASP A 66 -20.77 -26.09 -70.32
CA ASP A 66 -20.16 -24.85 -69.81
C ASP A 66 -19.85 -24.96 -68.31
N ALA A 67 -18.92 -24.14 -67.83
CA ALA A 67 -18.79 -23.85 -66.42
C ALA A 67 -19.90 -22.92 -65.92
N ILE A 68 -20.56 -23.28 -64.82
CA ILE A 68 -21.50 -22.40 -64.11
C ILE A 68 -20.75 -21.29 -63.39
N SER A 69 -21.46 -20.24 -62.98
CA SER A 69 -20.89 -19.05 -62.32
C SER A 69 -21.82 -18.48 -61.27
N ASP A 70 -21.33 -17.49 -60.53
CA ASP A 70 -22.08 -16.70 -59.58
C ASP A 70 -21.85 -15.20 -59.82
N THR A 71 -22.66 -14.41 -59.13
CA THR A 71 -22.48 -12.98 -58.89
C THR A 71 -22.61 -12.75 -57.39
N GLY A 72 -22.22 -11.60 -56.88
CA GLY A 72 -22.56 -11.25 -55.51
C GLY A 72 -22.40 -9.79 -55.16
N VAL A 73 -22.99 -9.43 -54.03
CA VAL A 73 -22.96 -8.10 -53.40
C VAL A 73 -22.59 -8.26 -51.94
N ASP A 74 -21.96 -7.23 -51.36
CA ASP A 74 -21.56 -7.23 -49.95
C ASP A 74 -22.46 -6.28 -49.15
N LEU A 75 -23.10 -6.76 -48.08
CA LEU A 75 -23.68 -5.90 -47.06
C LEU A 75 -22.58 -5.56 -46.06
N LEU A 76 -22.29 -4.28 -45.86
CA LEU A 76 -21.27 -3.82 -44.93
C LEU A 76 -21.93 -3.29 -43.67
N ILE A 77 -21.57 -3.84 -42.51
CA ILE A 77 -21.99 -3.32 -41.22
C ILE A 77 -20.99 -2.24 -40.81
N ASP A 78 -21.08 -1.09 -41.48
CA ASP A 78 -20.11 -0.01 -41.43
C ASP A 78 -20.66 1.32 -40.89
N GLN A 79 -21.92 1.39 -40.48
CA GLN A 79 -22.48 2.57 -39.84
C GLN A 79 -22.41 2.38 -38.32
N GLU A 80 -21.83 3.33 -37.63
CA GLU A 80 -21.77 3.33 -36.17
C GLU A 80 -21.96 4.76 -35.69
N LYS A 81 -23.05 4.97 -34.97
CA LYS A 81 -23.60 6.27 -34.58
C LYS A 81 -23.84 6.29 -33.09
N SER A 82 -23.69 7.43 -32.45
CA SER A 82 -23.78 7.52 -31.00
C SER A 82 -24.54 8.74 -30.51
N ILE A 83 -25.05 8.65 -29.29
CA ILE A 83 -25.58 9.73 -28.47
C ILE A 83 -24.71 9.84 -27.23
N ASP A 84 -24.40 11.04 -26.75
CA ASP A 84 -23.57 11.23 -25.54
C ASP A 84 -23.87 12.59 -24.92
N PHE A 85 -24.43 12.63 -23.71
CA PHE A 85 -24.82 13.88 -23.05
C PHE A 85 -24.74 13.83 -21.52
N LEU A 86 -24.64 15.01 -20.92
CA LEU A 86 -24.58 15.22 -19.48
C LEU A 86 -25.89 15.72 -18.91
N VAL A 87 -26.28 15.19 -17.76
CA VAL A 87 -27.26 15.81 -16.86
C VAL A 87 -26.56 16.25 -15.59
N ASP A 88 -26.46 17.56 -15.37
CA ASP A 88 -25.85 18.17 -14.20
C ASP A 88 -26.62 17.86 -12.93
N ASP A 89 -25.94 17.44 -11.86
CA ASP A 89 -26.57 17.13 -10.57
C ASP A 89 -27.26 18.35 -9.93
N ILE A 90 -26.75 19.55 -10.15
CA ILE A 90 -27.39 20.75 -9.63
C ILE A 90 -28.65 21.03 -10.43
N ASP A 91 -28.59 20.97 -11.76
CA ASP A 91 -29.79 21.12 -12.58
C ASP A 91 -30.83 20.05 -12.26
N ARG A 92 -30.47 18.78 -12.13
CA ARG A 92 -31.42 17.69 -11.80
C ARG A 92 -32.19 17.98 -10.51
N VAL A 93 -31.56 18.62 -9.53
CA VAL A 93 -32.19 19.05 -8.27
C VAL A 93 -33.03 20.32 -8.43
N GLN A 94 -32.55 21.31 -9.16
CA GLN A 94 -33.18 22.63 -9.24
C GLN A 94 -34.34 22.75 -10.25
N VAL A 95 -34.48 21.89 -11.26
CA VAL A 95 -35.56 21.99 -12.24
C VAL A 95 -36.96 21.63 -11.69
N ALA A 96 -38.01 22.03 -12.39
CA ALA A 96 -39.40 21.89 -11.95
C ALA A 96 -40.00 20.48 -12.04
N GLY A 97 -39.43 19.57 -12.82
CA GLY A 97 -39.88 18.18 -12.95
C GLY A 97 -38.82 17.24 -13.49
N SER A 98 -39.20 16.04 -13.89
CA SER A 98 -38.27 15.01 -14.37
C SER A 98 -37.51 15.43 -15.63
N LEU A 99 -36.24 15.01 -15.74
CA LEU A 99 -35.43 15.12 -16.95
C LEU A 99 -35.34 13.82 -17.76
N GLU A 100 -36.13 12.78 -17.45
CA GLU A 100 -36.12 11.51 -18.19
C GLU A 100 -36.33 11.67 -19.69
N ALA A 101 -37.06 12.70 -20.11
CA ALA A 101 -37.38 13.00 -21.50
C ALA A 101 -36.15 13.17 -22.38
N TYR A 102 -35.01 13.64 -21.86
CA TYR A 102 -33.79 13.73 -22.65
C TYR A 102 -33.24 12.38 -23.09
N THR A 103 -33.43 11.32 -22.29
CA THR A 103 -33.06 9.95 -22.70
C THR A 103 -33.95 9.44 -23.83
N ARG A 104 -35.27 9.64 -23.73
CA ARG A 104 -36.22 9.33 -24.82
C ARG A 104 -35.91 10.14 -26.07
N ALA A 105 -35.54 11.41 -25.94
CA ALA A 105 -35.18 12.25 -27.07
C ALA A 105 -33.93 11.72 -27.78
N GLY A 106 -32.88 11.33 -27.04
CA GLY A 106 -31.70 10.71 -27.62
C GLY A 106 -31.99 9.38 -28.30
N ALA A 107 -32.80 8.52 -27.68
CA ALA A 107 -33.21 7.26 -28.30
C ALA A 107 -34.00 7.48 -29.61
N THR A 108 -34.93 8.43 -29.60
CA THR A 108 -35.71 8.85 -30.78
C THR A 108 -34.82 9.45 -31.87
N ALA A 109 -33.79 10.19 -31.50
CA ALA A 109 -32.81 10.73 -32.43
C ALA A 109 -32.02 9.61 -33.14
N LEU A 110 -31.57 8.57 -32.43
CA LEU A 110 -30.91 7.41 -33.06
C LEU A 110 -31.85 6.65 -33.98
N ALA A 111 -33.09 6.39 -33.57
CA ALA A 111 -34.09 5.78 -34.44
C ALA A 111 -34.37 6.59 -35.70
N THR A 112 -34.34 7.92 -35.61
CA THR A 112 -34.48 8.79 -36.78
C THR A 112 -33.26 8.72 -37.67
N ASP A 113 -32.05 8.61 -37.13
CA ASP A 113 -30.85 8.47 -37.95
C ASP A 113 -30.80 7.13 -38.69
N THR A 114 -31.34 6.06 -38.10
CA THR A 114 -31.61 4.83 -38.81
C THR A 114 -32.56 5.06 -39.97
N ASP A 115 -33.74 5.65 -39.72
CA ASP A 115 -34.75 5.80 -40.75
C ASP A 115 -34.27 6.66 -41.93
N LYS A 116 -33.55 7.74 -41.66
CA LYS A 116 -32.90 8.59 -42.67
C LYS A 116 -31.84 7.84 -43.45
N PHE A 117 -31.07 6.93 -42.86
CA PHE A 117 -30.08 6.14 -43.57
C PHE A 117 -30.74 5.23 -44.61
N ILE A 118 -31.79 4.50 -44.22
CA ILE A 118 -32.50 3.63 -45.14
C ILE A 118 -33.18 4.44 -46.25
N ALA A 119 -33.79 5.58 -45.92
CA ALA A 119 -34.32 6.50 -46.92
C ALA A 119 -33.24 6.97 -47.91
N ASP A 120 -32.09 7.45 -47.44
CA ASP A 120 -31.02 7.91 -48.33
C ASP A 120 -30.44 6.78 -49.16
N MET A 121 -30.33 5.57 -48.63
CA MET A 121 -29.80 4.42 -49.35
C MET A 121 -30.72 4.00 -50.50
N LEU A 122 -32.04 3.97 -50.29
CA LEU A 122 -33.00 3.66 -51.35
C LEU A 122 -32.99 4.73 -52.43
N VAL A 123 -32.95 6.01 -52.07
CA VAL A 123 -32.83 7.11 -53.02
C VAL A 123 -31.49 7.07 -53.76
N ASP A 124 -30.38 6.95 -53.06
CA ASP A 124 -29.06 7.07 -53.68
C ASP A 124 -28.71 5.91 -54.58
N ASN A 125 -29.15 4.69 -54.25
CA ASN A 125 -28.73 3.49 -54.97
C ASN A 125 -29.80 2.85 -55.88
N GLY A 126 -31.06 3.27 -55.78
CA GLY A 126 -32.10 2.85 -56.72
C GLY A 126 -31.97 3.46 -58.12
N THR A 127 -32.72 2.94 -59.07
CA THR A 127 -32.74 3.39 -60.47
C THR A 127 -33.60 4.64 -60.63
N ALA A 128 -33.14 5.62 -61.41
CA ALA A 128 -33.87 6.88 -61.59
C ALA A 128 -35.10 6.72 -62.50
N LEU A 129 -36.27 7.13 -62.03
CA LEU A 129 -37.46 7.30 -62.86
C LEU A 129 -37.33 8.57 -63.71
N THR A 130 -37.65 8.46 -64.99
CA THR A 130 -37.29 9.45 -66.02
C THR A 130 -37.97 10.83 -65.90
N GLY A 131 -39.19 10.89 -65.37
CA GLY A 131 -40.12 12.00 -65.56
C GLY A 131 -39.74 13.39 -65.00
N SER A 132 -40.63 14.35 -65.17
CA SER A 132 -40.53 15.71 -64.62
C SER A 132 -41.60 15.96 -63.55
N ALA A 133 -41.40 16.92 -62.66
CA ALA A 133 -42.27 17.19 -61.51
C ALA A 133 -43.75 17.35 -61.90
N PRO A 134 -44.69 16.81 -61.12
CA PRO A 134 -46.11 16.85 -61.46
C PRO A 134 -46.64 18.28 -61.45
N SER A 135 -47.31 18.67 -62.53
CA SER A 135 -47.97 19.96 -62.66
C SER A 135 -49.43 19.92 -62.23
N ASP A 136 -50.02 18.73 -62.13
CA ASP A 136 -51.36 18.49 -61.61
C ASP A 136 -51.50 17.08 -61.01
N ALA A 137 -52.66 16.77 -60.46
CA ALA A 137 -52.93 15.49 -59.82
C ALA A 137 -52.87 14.27 -60.76
N ASP A 138 -53.08 14.45 -62.06
CA ASP A 138 -53.01 13.36 -63.02
C ASP A 138 -51.56 13.02 -63.34
N ASP A 139 -50.69 14.02 -63.47
CA ASP A 139 -49.25 13.78 -63.55
C ASP A 139 -48.72 12.97 -62.36
N ALA A 140 -49.10 13.34 -61.14
CA ALA A 140 -48.64 12.66 -59.96
C ALA A 140 -49.08 11.19 -59.94
N PHE A 141 -50.30 10.88 -60.37
CA PHE A 141 -50.77 9.50 -60.46
C PHE A 141 -50.05 8.73 -61.57
N ASP A 142 -49.80 9.37 -62.72
CA ASP A 142 -49.03 8.79 -63.81
C ASP A 142 -47.57 8.53 -63.42
N LEU A 143 -46.98 9.33 -62.54
CA LEU A 143 -45.66 9.04 -61.99
C LEU A 143 -45.68 7.74 -61.17
N ILE A 144 -46.61 7.57 -60.23
CA ILE A 144 -46.74 6.30 -59.50
C ILE A 144 -46.99 5.13 -60.46
N ALA A 145 -47.88 5.28 -61.45
CA ALA A 145 -48.16 4.24 -62.42
C ALA A 145 -46.93 3.90 -63.29
N SER A 146 -46.15 4.88 -63.71
CA SER A 146 -44.93 4.64 -64.47
C SER A 146 -43.81 4.05 -63.60
N ALA A 147 -43.75 4.33 -62.30
CA ALA A 147 -42.83 3.68 -61.40
C ALA A 147 -43.16 2.19 -61.26
N LEU A 148 -44.43 1.83 -61.08
CA LEU A 148 -44.84 0.44 -60.99
C LEU A 148 -44.65 -0.29 -62.32
N LYS A 149 -44.76 0.39 -63.47
CA LYS A 149 -44.31 -0.13 -64.77
C LYS A 149 -42.84 -0.51 -64.73
N GLU A 150 -41.94 0.38 -64.32
CA GLU A 150 -40.52 0.05 -64.28
C GLU A 150 -40.18 -1.11 -63.35
N LEU A 151 -40.91 -1.33 -62.26
CA LEU A 151 -40.75 -2.56 -61.48
C LEU A 151 -41.20 -3.79 -62.26
N THR A 152 -42.29 -3.71 -63.04
CA THR A 152 -42.76 -4.82 -63.88
C THR A 152 -41.84 -5.10 -65.06
N LYS A 153 -41.27 -4.08 -65.73
CA LYS A 153 -40.28 -4.30 -66.78
C LYS A 153 -38.99 -4.94 -66.28
N ALA A 154 -38.71 -4.84 -64.98
CA ALA A 154 -37.62 -5.49 -64.30
C ALA A 154 -38.00 -6.84 -63.66
N ASN A 155 -39.18 -7.40 -63.95
CA ASN A 155 -39.64 -8.69 -63.41
C ASN A 155 -39.72 -8.78 -61.88
N VAL A 156 -39.81 -7.64 -61.19
CA VAL A 156 -39.95 -7.58 -59.72
C VAL A 156 -41.30 -8.20 -59.34
N PRO A 157 -41.42 -9.01 -58.26
CA PRO A 157 -42.68 -9.65 -57.87
C PRO A 157 -43.88 -8.70 -57.83
N ASN A 158 -45.07 -9.20 -58.16
CA ASN A 158 -46.27 -8.38 -58.27
C ASN A 158 -46.94 -8.03 -56.94
N VAL A 159 -46.91 -8.92 -55.96
CA VAL A 159 -47.49 -8.71 -54.62
C VAL A 159 -46.50 -8.05 -53.66
N GLY A 160 -47.00 -7.28 -52.69
CA GLY A 160 -46.18 -6.72 -51.62
C GLY A 160 -45.28 -5.53 -51.99
N ARG A 161 -45.46 -4.94 -53.16
CA ARG A 161 -44.83 -3.67 -53.58
C ARG A 161 -45.30 -2.50 -52.72
N VAL A 162 -44.40 -1.57 -52.46
CA VAL A 162 -44.59 -0.40 -51.59
C VAL A 162 -44.09 0.84 -52.29
N VAL A 163 -44.81 1.95 -52.17
CA VAL A 163 -44.34 3.27 -52.55
C VAL A 163 -44.27 4.12 -51.29
N VAL A 164 -43.12 4.74 -51.02
CA VAL A 164 -42.96 5.70 -49.92
C VAL A 164 -42.82 7.09 -50.50
N VAL A 165 -43.70 8.01 -50.10
CA VAL A 165 -43.87 9.36 -50.66
C VAL A 165 -43.57 10.44 -49.63
N ASN A 166 -42.93 11.54 -50.02
CA ASN A 166 -42.81 12.71 -49.14
C ASN A 166 -44.12 13.52 -49.09
N ALA A 167 -44.25 14.45 -48.15
CA ALA A 167 -45.48 15.24 -48.00
C ALA A 167 -45.80 16.13 -49.21
N GLU A 168 -44.80 16.58 -49.97
CA GLU A 168 -45.02 17.28 -51.25
C GLU A 168 -45.69 16.37 -52.27
N MET A 169 -45.25 15.14 -52.41
CA MET A 169 -45.86 14.16 -53.30
C MET A 169 -47.26 13.76 -52.82
N ALA A 170 -47.44 13.51 -51.54
CA ALA A 170 -48.72 13.12 -50.96
C ALA A 170 -49.80 14.20 -51.08
N PHE A 171 -49.45 15.49 -51.17
CA PHE A 171 -50.42 16.54 -51.45
C PHE A 171 -51.16 16.33 -52.78
N TRP A 172 -50.53 15.81 -53.83
CA TRP A 172 -51.25 15.59 -55.08
C TRP A 172 -52.29 14.49 -54.98
N LEU A 173 -52.02 13.44 -54.22
CA LEU A 173 -52.97 12.38 -53.91
C LEU A 173 -54.17 12.87 -53.08
N ARG A 174 -54.01 13.98 -52.34
CA ARG A 174 -55.07 14.64 -51.56
C ARG A 174 -55.58 15.96 -52.16
N SER A 175 -55.07 16.43 -53.28
CA SER A 175 -55.48 17.68 -53.92
C SER A 175 -56.91 17.62 -54.46
N SER A 176 -57.43 18.75 -54.91
CA SER A 176 -58.71 18.90 -55.59
C SER A 176 -58.84 18.03 -56.84
N GLY A 177 -57.75 17.81 -57.60
CA GLY A 177 -57.76 17.03 -58.83
C GLY A 177 -57.67 15.51 -58.66
N SER A 178 -57.43 15.01 -57.45
CA SER A 178 -57.18 13.58 -57.22
C SER A 178 -58.39 12.70 -57.51
N LYS A 179 -58.16 11.46 -57.95
CA LYS A 179 -59.18 10.40 -57.99
C LYS A 179 -59.74 10.07 -56.61
N LEU A 180 -58.96 10.30 -55.57
CA LEU A 180 -59.24 9.87 -54.20
C LEU A 180 -60.16 10.85 -53.47
N THR A 181 -60.07 12.14 -53.79
CA THR A 181 -60.90 13.20 -53.21
C THR A 181 -62.24 13.36 -53.96
N SER A 182 -62.85 12.25 -54.36
CA SER A 182 -64.13 12.24 -55.06
C SER A 182 -64.82 10.88 -54.91
N ALA A 183 -66.05 10.88 -54.42
CA ALA A 183 -66.86 9.67 -54.25
C ALA A 183 -67.36 9.08 -55.58
N ASP A 184 -67.18 9.80 -56.69
CA ASP A 184 -67.54 9.35 -58.03
C ASP A 184 -66.41 8.51 -58.62
N THR A 185 -65.19 9.05 -58.59
CA THR A 185 -64.00 8.45 -59.23
C THR A 185 -63.45 7.29 -58.43
N SER A 186 -63.34 7.44 -57.11
CA SER A 186 -63.09 6.34 -56.18
C SER A 186 -64.41 5.78 -55.65
N GLY A 187 -64.39 4.66 -54.95
CA GLY A 187 -65.62 3.98 -54.54
C GLY A 187 -66.46 4.67 -53.45
N ASP A 188 -65.89 5.58 -52.65
CA ASP A 188 -66.48 6.13 -51.43
C ASP A 188 -65.93 7.52 -51.07
N ALA A 189 -66.55 8.20 -50.11
CA ALA A 189 -66.15 9.53 -49.67
C ALA A 189 -64.97 9.56 -48.67
N ALA A 190 -64.37 8.43 -48.29
CA ALA A 190 -63.31 8.39 -47.26
C ALA A 190 -62.05 9.16 -47.67
N GLY A 191 -61.70 9.22 -48.95
CA GLY A 191 -60.59 10.05 -49.40
C GLY A 191 -60.89 11.55 -49.32
N LEU A 192 -62.16 11.95 -49.40
CA LEU A 192 -62.61 13.33 -49.22
C LEU A 192 -62.72 13.70 -47.73
N ARG A 193 -63.39 12.86 -46.95
CA ARG A 193 -63.72 13.11 -45.53
C ARG A 193 -62.57 12.82 -44.58
N ALA A 194 -61.98 11.63 -44.66
CA ALA A 194 -60.92 11.17 -43.76
C ALA A 194 -59.51 11.42 -44.28
N GLY A 195 -59.34 11.71 -45.57
CA GLY A 195 -58.02 11.93 -46.19
C GLY A 195 -57.23 10.66 -46.49
N THR A 196 -57.86 9.49 -46.37
CA THR A 196 -57.26 8.17 -46.57
C THR A 196 -56.78 7.98 -48.00
N ILE A 197 -55.51 7.59 -48.19
CA ILE A 197 -54.97 7.28 -49.52
C ILE A 197 -55.23 5.81 -49.88
N GLY A 198 -54.88 4.86 -49.02
CA GLY A 198 -55.03 3.44 -49.27
C GLY A 198 -54.09 2.88 -50.35
N ASN A 199 -54.41 1.71 -50.89
CA ASN A 199 -53.60 1.07 -51.93
C ASN A 199 -53.88 1.67 -53.31
N LEU A 200 -52.85 1.87 -54.13
CA LEU A 200 -52.98 2.31 -55.51
C LEU A 200 -52.33 1.31 -56.44
N LEU A 201 -53.04 0.87 -57.47
CA LEU A 201 -52.54 -0.10 -58.45
C LEU A 201 -51.98 -1.39 -57.81
N GLY A 202 -52.53 -1.77 -56.65
CA GLY A 202 -52.12 -2.92 -55.85
C GLY A 202 -50.89 -2.69 -54.95
N ALA A 203 -50.21 -1.57 -55.07
CA ALA A 203 -49.13 -1.18 -54.18
C ALA A 203 -49.65 -0.51 -52.91
N ARG A 204 -48.97 -0.75 -51.78
CA ARG A 204 -49.16 0.05 -50.55
C ARG A 204 -48.59 1.45 -50.75
N ILE A 205 -49.23 2.47 -50.21
CA ILE A 205 -48.69 3.84 -50.17
C ILE A 205 -48.41 4.23 -48.72
N VAL A 206 -47.24 4.81 -48.46
CA VAL A 206 -46.77 5.21 -47.13
C VAL A 206 -46.22 6.62 -47.19
N GLU A 207 -46.58 7.52 -46.27
CA GLU A 207 -45.98 8.85 -46.21
C GLU A 207 -44.81 8.87 -45.21
N SER A 208 -43.68 9.50 -45.57
CA SER A 208 -42.57 9.72 -44.66
C SER A 208 -42.00 11.13 -44.81
N ASN A 209 -41.64 11.79 -43.71
CA ASN A 209 -40.84 13.01 -43.76
C ASN A 209 -39.33 12.74 -43.80
N ASN A 210 -38.89 11.48 -43.75
CA ASN A 210 -37.47 11.14 -43.71
C ASN A 210 -36.83 10.95 -45.10
N LEU A 211 -37.57 11.09 -46.19
CA LEU A 211 -36.99 11.27 -47.53
C LEU A 211 -36.20 12.58 -47.61
N ARG A 212 -35.18 12.66 -48.47
CA ARG A 212 -34.22 13.76 -48.46
C ARG A 212 -34.83 15.08 -48.90
N ASP A 213 -35.58 15.10 -50.00
CA ASP A 213 -36.23 16.31 -50.47
C ASP A 213 -37.50 16.60 -49.68
N THR A 214 -37.68 17.84 -49.23
CA THR A 214 -38.87 18.30 -48.51
C THR A 214 -39.53 19.50 -49.18
N ASP A 215 -39.06 19.96 -50.34
CA ASP A 215 -39.68 21.08 -51.05
C ASP A 215 -40.11 20.74 -52.49
N ASP A 216 -39.51 19.75 -53.14
CA ASP A 216 -40.09 19.10 -54.33
C ASP A 216 -40.66 17.72 -53.98
N GLU A 217 -41.52 17.21 -54.85
CA GLU A 217 -42.03 15.85 -54.79
C GLU A 217 -40.89 14.84 -54.91
N GLN A 218 -40.88 13.82 -54.06
CA GLN A 218 -39.92 12.73 -54.10
C GLN A 218 -40.60 11.47 -53.59
N PHE A 219 -40.31 10.32 -54.20
CA PHE A 219 -40.81 9.03 -53.73
C PHE A 219 -39.93 7.88 -54.20
N VAL A 220 -40.05 6.74 -53.54
CA VAL A 220 -39.40 5.49 -53.95
C VAL A 220 -40.40 4.34 -54.02
N ALA A 221 -40.38 3.57 -55.10
CA ALA A 221 -41.19 2.38 -55.27
C ALA A 221 -40.28 1.16 -55.27
N PHE A 222 -40.57 0.16 -54.45
CA PHE A 222 -39.72 -1.01 -54.31
C PHE A 222 -40.50 -2.24 -53.84
N HIS A 223 -39.89 -3.41 -53.99
CA HIS A 223 -40.32 -4.61 -53.28
C HIS A 223 -39.44 -4.81 -52.04
N PRO A 224 -39.98 -5.19 -50.87
CA PRO A 224 -39.21 -5.39 -49.65
C PRO A 224 -37.95 -6.24 -49.79
N SER A 225 -37.97 -7.25 -50.66
CA SER A 225 -36.81 -8.10 -50.94
C SER A 225 -35.66 -7.39 -51.67
N ALA A 226 -35.83 -6.19 -52.20
CA ALA A 226 -34.81 -5.51 -52.99
C ALA A 226 -33.71 -4.81 -52.16
N ALA A 227 -33.96 -4.60 -50.88
CA ALA A 227 -33.06 -3.88 -49.99
C ALA A 227 -33.05 -4.48 -48.60
N ALA A 228 -31.89 -4.52 -47.98
CA ALA A 228 -31.65 -5.20 -46.72
C ALA A 228 -31.03 -4.28 -45.67
N TYR A 229 -31.37 -4.51 -44.41
CA TYR A 229 -30.88 -3.75 -43.25
C TYR A 229 -30.56 -4.69 -42.08
N VAL A 230 -29.48 -4.40 -41.39
CA VAL A 230 -29.00 -5.11 -40.19
C VAL A 230 -28.78 -4.11 -39.07
N SER A 231 -29.43 -4.31 -37.92
CA SER A 231 -29.01 -3.75 -36.63
C SER A 231 -28.18 -4.79 -35.88
N GLN A 232 -26.88 -4.52 -35.72
CA GLN A 232 -25.95 -5.44 -35.07
C GLN A 232 -25.76 -5.13 -33.59
N ILE A 233 -25.62 -3.85 -33.23
CA ILE A 233 -25.48 -3.40 -31.84
C ILE A 233 -26.42 -2.24 -31.57
N ASP A 234 -27.05 -2.24 -30.40
CA ASP A 234 -27.86 -1.14 -29.91
C ASP A 234 -27.83 -1.14 -28.38
N THR A 235 -27.01 -0.29 -27.77
CA THR A 235 -26.84 -0.24 -26.31
C THR A 235 -26.84 1.17 -25.76
N VAL A 236 -27.24 1.29 -24.50
CA VAL A 236 -27.26 2.53 -23.71
C VAL A 236 -26.57 2.30 -22.37
N GLU A 237 -25.88 3.32 -21.88
CA GLU A 237 -24.90 3.23 -20.78
C GLU A 237 -24.99 4.47 -19.88
N ALA A 238 -24.85 4.29 -18.57
CA ALA A 238 -24.84 5.37 -17.59
C ALA A 238 -23.51 5.43 -16.82
N LEU A 239 -22.98 6.64 -16.70
CA LEU A 239 -21.68 6.97 -16.09
C LEU A 239 -21.79 8.25 -15.26
N ARG A 240 -20.72 8.60 -14.56
CA ARG A 240 -20.49 9.91 -13.93
C ARG A 240 -19.52 10.70 -14.80
N ASP A 241 -19.72 11.99 -14.94
CA ASP A 241 -18.77 12.85 -15.64
C ASP A 241 -17.46 12.98 -14.85
N GLN A 242 -16.32 12.85 -15.49
CA GLN A 242 -15.03 13.07 -14.84
C GLN A 242 -14.79 14.54 -14.49
N ASP A 243 -15.35 15.49 -15.23
CA ASP A 243 -14.99 16.91 -15.06
C ASP A 243 -16.03 17.73 -14.31
N SER A 244 -17.15 17.16 -13.91
CA SER A 244 -18.22 17.86 -13.21
C SER A 244 -19.08 16.90 -12.40
N PHE A 245 -19.84 17.39 -11.43
CA PHE A 245 -20.85 16.60 -10.75
C PHE A 245 -22.07 16.46 -11.68
N SER A 246 -21.98 15.53 -12.61
CA SER A 246 -23.01 15.26 -13.60
C SER A 246 -23.13 13.79 -13.86
N ASP A 247 -24.34 13.32 -14.15
CA ASP A 247 -24.51 12.07 -14.87
C ASP A 247 -24.08 12.24 -16.32
N ARG A 248 -23.63 11.15 -16.92
CA ARG A 248 -23.43 11.01 -18.36
C ARG A 248 -24.23 9.83 -18.85
N ILE A 249 -25.04 10.05 -19.87
CA ILE A 249 -25.77 9.00 -20.60
C ILE A 249 -25.19 8.95 -21.99
N ARG A 250 -24.80 7.77 -22.45
CA ARG A 250 -24.34 7.57 -23.83
C ARG A 250 -24.94 6.30 -24.43
N ALA A 251 -25.15 6.29 -25.74
CA ALA A 251 -25.74 5.17 -26.47
C ALA A 251 -25.05 4.96 -27.81
N LEU A 252 -24.85 3.71 -28.19
CA LEU A 252 -24.19 3.29 -29.42
C LEU A 252 -25.16 2.49 -30.28
N HIS A 253 -25.21 2.78 -31.57
CA HIS A 253 -25.92 1.97 -32.55
C HIS A 253 -25.02 1.64 -33.73
N VAL A 254 -24.88 0.35 -34.03
CA VAL A 254 -24.06 -0.19 -35.12
C VAL A 254 -24.98 -0.95 -36.05
N TYR A 255 -24.94 -0.62 -37.32
CA TYR A 255 -25.89 -1.09 -38.32
C TYR A 255 -25.31 -1.06 -39.72
N GLY A 256 -25.99 -1.67 -40.67
CA GLY A 256 -25.63 -1.59 -42.08
C GLY A 256 -26.80 -1.92 -42.98
N GLY A 257 -26.68 -1.63 -44.26
CA GLY A 257 -27.72 -1.93 -45.24
C GLY A 257 -27.26 -1.74 -46.67
N LYS A 258 -27.92 -2.44 -47.59
CA LYS A 258 -27.57 -2.51 -49.01
C LYS A 258 -28.85 -2.63 -49.85
N VAL A 259 -28.95 -1.95 -50.99
CA VAL A 259 -29.89 -2.36 -52.05
C VAL A 259 -29.29 -3.57 -52.74
N VAL A 260 -29.70 -4.76 -52.31
CA VAL A 260 -29.15 -6.02 -52.82
C VAL A 260 -29.59 -6.31 -54.27
N ARG A 261 -30.66 -5.67 -54.75
CA ARG A 261 -31.21 -5.81 -56.11
C ARG A 261 -31.60 -4.43 -56.67
N PRO A 262 -30.69 -3.66 -57.29
CA PRO A 262 -30.93 -2.27 -57.65
C PRO A 262 -32.15 -2.01 -58.55
N THR A 263 -32.44 -2.90 -59.50
CA THR A 263 -33.62 -2.82 -60.39
C THR A 263 -34.94 -3.00 -59.65
N GLY A 264 -34.90 -3.50 -58.42
CA GLY A 264 -36.05 -3.62 -57.52
C GLY A 264 -36.39 -2.33 -56.78
N VAL A 265 -35.66 -1.23 -57.00
CA VAL A 265 -35.92 0.08 -56.40
C VAL A 265 -35.96 1.16 -57.50
N VAL A 266 -37.04 1.91 -57.56
CA VAL A 266 -37.27 2.99 -58.52
C VAL A 266 -37.43 4.29 -57.77
N VAL A 267 -36.71 5.32 -58.18
CA VAL A 267 -36.59 6.59 -57.46
C VAL A 267 -37.08 7.74 -58.33
N PHE A 268 -38.12 8.46 -57.89
CA PHE A 268 -38.51 9.72 -58.51
C PHE A 268 -37.83 10.89 -57.80
N ASN A 269 -37.34 11.89 -58.54
CA ASN A 269 -36.57 13.02 -58.03
C ASN A 269 -35.31 12.58 -57.27
N LYS A 270 -34.43 11.81 -57.92
CA LYS A 270 -33.23 11.23 -57.30
C LYS A 270 -32.19 12.26 -56.86
N THR A 271 -32.03 13.37 -57.57
CA THR A 271 -31.15 14.48 -57.17
C THR A 271 -31.78 15.44 -56.15
N GLY A 272 -33.00 15.17 -55.69
CA GLY A 272 -33.73 16.03 -54.77
C GLY A 272 -33.04 16.17 -53.40
N SER A 273 -32.67 17.41 -53.05
CA SER A 273 -31.92 17.75 -51.84
C SER A 273 -32.26 19.15 -51.33
N ALA B 2 -12.62 54.58 120.93
CA ALA B 2 -12.59 53.77 119.69
C ALA B 2 -11.67 52.56 119.85
N PHE B 3 -11.81 51.56 118.99
CA PHE B 3 -10.95 50.38 118.98
C PHE B 3 -9.62 50.65 118.28
N ASN B 4 -8.68 51.26 119.00
CA ASN B 4 -7.30 51.43 118.56
C ASN B 4 -6.49 50.11 118.57
N ASN B 5 -7.00 49.04 119.19
CA ASN B 5 -6.23 47.83 119.49
C ASN B 5 -6.86 46.51 119.01
N PHE B 6 -8.13 46.47 118.64
CA PHE B 6 -8.88 45.21 118.39
C PHE B 6 -9.44 45.06 116.97
N ILE B 7 -9.21 46.04 116.08
CA ILE B 7 -9.57 45.93 114.66
C ILE B 7 -8.33 45.43 113.90
N PRO B 8 -8.36 44.23 113.30
CA PRO B 8 -7.20 43.67 112.64
C PRO B 8 -6.90 44.35 111.31
N GLU B 9 -5.68 44.11 110.82
CA GLU B 9 -5.33 44.26 109.42
C GLU B 9 -5.18 42.86 108.81
N LEU B 10 -5.57 42.70 107.55
CA LEU B 10 -5.59 41.41 106.89
C LEU B 10 -4.53 41.35 105.78
N TRP B 11 -3.86 40.22 105.66
CA TRP B 11 -2.99 39.85 104.55
C TRP B 11 -3.64 38.73 103.76
N SER B 12 -3.61 38.82 102.43
CA SER B 12 -3.93 37.70 101.56
C SER B 12 -2.81 36.66 101.62
N ASP B 13 -3.14 35.38 101.68
CA ASP B 13 -2.14 34.30 101.71
C ASP B 13 -1.52 34.01 100.34
N MET B 14 -2.03 34.56 99.25
CA MET B 14 -1.48 34.39 97.91
C MET B 14 -0.61 35.59 97.52
N LEU B 15 0.61 35.34 97.08
CA LEU B 15 1.40 36.33 96.35
C LEU B 15 0.80 36.59 94.97
N LEU B 16 0.82 37.82 94.47
CA LEU B 16 0.51 38.08 93.07
C LEU B 16 1.71 37.69 92.21
N GLU B 17 1.56 36.68 91.37
CA GLU B 17 2.61 36.30 90.42
C GLU B 17 2.72 37.32 89.29
N GLU B 18 3.92 37.66 88.86
CA GLU B 18 4.14 38.67 87.82
C GLU B 18 3.58 38.22 86.47
N TRP B 19 2.98 39.14 85.73
CA TRP B 19 2.51 38.91 84.36
C TRP B 19 3.66 39.03 83.37
N THR B 20 3.90 37.98 82.59
CA THR B 20 5.04 37.85 81.69
C THR B 20 4.62 37.19 80.39
N ALA B 21 5.35 37.49 79.32
CA ALA B 21 5.03 37.03 77.97
C ALA B 21 5.02 35.50 77.83
N GLN B 22 4.11 34.98 77.02
CA GLN B 22 4.15 33.59 76.61
C GLN B 22 5.40 33.35 75.75
N THR B 23 6.23 32.41 76.17
CA THR B 23 7.40 31.96 75.40
C THR B 23 6.98 30.99 74.31
N VAL B 24 7.54 31.12 73.11
CA VAL B 24 7.10 30.32 71.95
C VAL B 24 8.26 29.79 71.11
N PHE B 25 9.37 30.52 70.99
CA PHE B 25 10.36 30.27 69.95
C PHE B 25 11.09 28.94 70.09
N ALA B 26 11.41 28.51 71.31
CA ALA B 26 12.07 27.24 71.56
C ALA B 26 11.25 26.01 71.13
N ASN B 27 9.93 26.16 70.97
CA ASN B 27 9.06 25.13 70.42
C ASN B 27 8.94 25.19 68.90
N LEU B 28 9.29 26.30 68.27
CA LEU B 28 9.16 26.54 66.83
C LEU B 28 10.41 26.18 66.04
N VAL B 29 11.60 26.47 66.56
CA VAL B 29 12.88 26.15 65.90
C VAL B 29 13.24 24.67 66.03
N ASN B 30 14.21 24.20 65.25
CA ASN B 30 14.67 22.81 65.20
C ASN B 30 15.52 22.43 66.43
N ARG B 31 15.25 21.27 67.03
CA ARG B 31 15.92 20.77 68.24
C ARG B 31 16.86 19.58 67.99
N GLU B 32 17.05 19.20 66.75
CA GLU B 32 17.71 17.96 66.32
C GLU B 32 19.16 17.79 66.84
N TYR B 33 19.93 18.87 66.91
CA TYR B 33 21.31 18.85 67.37
C TYR B 33 21.45 18.69 68.89
N GLU B 34 20.37 18.69 69.67
CA GLU B 34 20.46 18.39 71.10
C GLU B 34 20.90 16.95 71.37
N GLY B 35 20.67 16.02 70.42
CA GLY B 35 21.23 14.69 70.48
C GLY B 35 22.75 14.67 70.45
N ILE B 36 23.38 15.35 69.49
CA ILE B 36 24.84 15.42 69.38
C ILE B 36 25.48 16.32 70.44
N ALA B 37 24.89 17.46 70.77
CA ALA B 37 25.44 18.45 71.69
C ALA B 37 25.41 18.06 73.18
N SER B 38 25.45 16.77 73.53
CA SER B 38 25.54 16.32 74.92
C SER B 38 26.89 16.64 75.59
N LYS B 39 27.89 17.04 74.82
CA LYS B 39 29.23 17.46 75.22
C LYS B 39 29.82 18.42 74.19
N GLY B 40 30.95 19.03 74.51
CA GLY B 40 31.60 20.00 73.64
C GLY B 40 30.86 21.32 73.55
N ASN B 41 31.52 22.33 72.99
CA ASN B 41 30.98 23.70 72.93
C ASN B 41 30.72 24.22 71.52
N VAL B 42 30.94 23.40 70.49
CA VAL B 42 30.66 23.72 69.09
C VAL B 42 30.07 22.50 68.41
N VAL B 43 29.05 22.69 67.59
CA VAL B 43 28.58 21.72 66.60
C VAL B 43 28.86 22.25 65.20
N HIS B 44 29.51 21.46 64.36
CA HIS B 44 29.69 21.70 62.94
C HIS B 44 28.62 20.97 62.15
N ILE B 45 27.90 21.72 61.32
CA ILE B 45 26.93 21.24 60.37
C ILE B 45 27.52 21.45 58.96
N ALA B 46 27.46 20.43 58.10
CA ALA B 46 27.94 20.49 56.73
C ALA B 46 26.82 20.27 55.71
N GLY B 47 26.95 20.85 54.53
CA GLY B 47 26.01 20.72 53.42
C GLY B 47 26.67 20.27 52.13
N VAL B 48 25.91 19.53 51.34
CA VAL B 48 26.28 19.05 50.00
C VAL B 48 26.47 20.22 49.04
N VAL B 49 27.46 20.15 48.16
CA VAL B 49 27.46 20.93 46.90
C VAL B 49 27.23 19.96 45.75
N ALA B 50 26.16 20.13 44.98
CA ALA B 50 25.80 19.17 43.94
C ALA B 50 26.85 19.04 42.81
N PRO B 51 27.03 17.85 42.24
CA PRO B 51 27.82 17.65 41.03
C PRO B 51 27.18 18.33 39.80
N THR B 52 28.01 18.89 38.92
CA THR B 52 27.58 19.61 37.71
C THR B 52 27.17 18.66 36.58
N VAL B 53 26.06 18.93 35.89
CA VAL B 53 25.69 18.23 34.66
C VAL B 53 26.57 18.69 33.49
N LYS B 54 27.23 17.76 32.83
CA LYS B 54 28.07 17.98 31.65
C LYS B 54 27.36 17.55 30.38
N ASP B 55 27.50 18.32 29.31
CA ASP B 55 27.06 17.95 27.98
C ASP B 55 27.96 16.86 27.39
N TYR B 56 27.43 15.64 27.28
CA TYR B 56 28.16 14.47 26.83
C TYR B 56 28.35 14.44 25.31
N LYS B 57 27.48 15.13 24.56
CA LYS B 57 27.60 15.29 23.11
C LYS B 57 28.69 16.29 22.73
N ALA B 58 28.72 17.47 23.34
CA ALA B 58 29.78 18.44 23.06
C ALA B 58 31.17 17.91 23.46
N ALA B 59 31.26 17.03 24.45
CA ALA B 59 32.47 16.33 24.83
C ALA B 59 32.93 15.23 23.84
N GLY B 60 32.14 14.91 22.82
CA GLY B 60 32.44 13.85 21.87
C GLY B 60 32.20 12.45 22.41
N ARG B 61 31.20 12.27 23.26
CA ARG B 61 30.91 11.03 24.00
C ARG B 61 32.11 10.56 24.83
N GLN B 62 32.70 11.50 25.55
CA GLN B 62 33.73 11.30 26.56
C GLN B 62 33.26 11.86 27.89
N THR B 63 33.66 11.26 29.01
CA THR B 63 33.38 11.77 30.34
C THR B 63 34.50 11.44 31.32
N SER B 64 34.84 12.37 32.20
CA SER B 64 35.79 12.21 33.29
C SER B 64 35.22 12.76 34.59
N ALA B 65 35.60 12.16 35.70
CA ALA B 65 35.02 12.42 37.00
C ALA B 65 35.54 13.73 37.62
N ASP B 66 34.64 14.57 38.11
CA ASP B 66 34.96 15.75 38.93
C ASP B 66 35.13 15.40 40.41
N ALA B 67 35.86 16.22 41.16
CA ALA B 67 35.96 16.12 42.61
C ALA B 67 34.78 16.78 43.34
N ILE B 68 34.18 16.10 44.32
CA ILE B 68 33.08 16.67 45.13
C ILE B 68 33.59 17.68 46.17
N SER B 69 32.69 18.48 46.74
CA SER B 69 32.98 19.55 47.70
C SER B 69 31.80 19.78 48.61
N ASP B 70 32.00 20.50 49.71
CA ASP B 70 31.01 20.77 50.74
C ASP B 70 31.05 22.23 51.20
N THR B 71 30.04 22.59 52.00
CA THR B 71 29.95 23.85 52.74
C THR B 71 29.65 23.52 54.20
N GLY B 72 29.79 24.45 55.13
CA GLY B 72 29.37 24.21 56.50
C GLY B 72 29.21 25.46 57.36
N VAL B 73 28.52 25.30 58.48
CA VAL B 73 28.22 26.33 59.48
C VAL B 73 28.51 25.81 60.89
N ASP B 74 28.88 26.71 61.78
CA ASP B 74 29.18 26.41 63.18
C ASP B 74 28.05 26.89 64.09
N LEU B 75 27.56 26.02 64.98
CA LEU B 75 26.68 26.36 66.09
C LEU B 75 27.49 26.38 67.38
N LEU B 76 27.65 27.55 68.00
CA LEU B 76 28.40 27.71 69.25
C LEU B 76 27.46 27.55 70.45
N ILE B 77 27.93 26.93 71.52
CA ILE B 77 27.17 26.74 72.76
C ILE B 77 27.77 27.68 73.82
N ASP B 78 27.51 28.97 73.68
CA ASP B 78 28.28 30.05 74.31
C ASP B 78 27.46 31.01 75.20
N GLN B 79 26.18 30.73 75.44
CA GLN B 79 25.34 31.49 76.37
C GLN B 79 25.20 30.71 77.68
N GLU B 80 25.68 31.28 78.79
CA GLU B 80 25.50 30.73 80.13
C GLU B 80 24.78 31.74 81.00
N LYS B 81 23.62 31.39 81.53
CA LYS B 81 22.74 32.30 82.25
C LYS B 81 22.28 31.65 83.54
N SER B 82 22.22 32.39 84.65
CA SER B 82 21.89 31.83 85.95
C SER B 82 20.92 32.69 86.76
N ILE B 83 20.22 32.02 87.67
CA ILE B 83 19.37 32.56 88.72
C ILE B 83 19.96 32.08 90.04
N ASP B 84 20.02 32.92 91.08
CA ASP B 84 20.58 32.55 92.38
C ASP B 84 20.08 33.49 93.47
N PHE B 85 19.29 32.99 94.42
CA PHE B 85 18.63 33.79 95.44
C PHE B 85 18.48 33.06 96.78
N LEU B 86 18.39 33.83 97.87
CA LEU B 86 18.31 33.33 99.25
C LEU B 86 16.93 33.53 99.87
N VAL B 87 16.48 32.55 100.65
CA VAL B 87 15.25 32.61 101.46
C VAL B 87 15.53 32.26 102.92
N ASP B 88 15.32 33.18 103.86
CA ASP B 88 15.49 32.86 105.29
C ASP B 88 14.42 31.92 105.80
N ASP B 89 14.80 31.01 106.70
CA ASP B 89 13.84 30.14 107.38
C ASP B 89 12.88 30.93 108.27
N ILE B 90 13.35 32.02 108.87
CA ILE B 90 12.50 32.92 109.65
C ILE B 90 11.43 33.54 108.74
N ASP B 91 11.84 34.13 107.61
CA ASP B 91 10.91 34.64 106.62
C ASP B 91 9.94 33.55 106.13
N ARG B 92 10.42 32.35 105.78
CA ARG B 92 9.54 31.28 105.28
C ARG B 92 8.47 30.88 106.30
N VAL B 93 8.78 30.91 107.59
CA VAL B 93 7.79 30.64 108.65
C VAL B 93 6.85 31.82 108.86
N GLN B 94 7.36 33.05 108.88
CA GLN B 94 6.61 34.24 109.27
C GLN B 94 5.74 34.88 108.19
N VAL B 95 6.01 34.72 106.90
CA VAL B 95 5.13 35.28 105.84
C VAL B 95 3.76 34.61 105.80
N ALA B 96 2.76 35.29 105.22
CA ALA B 96 1.35 34.88 105.26
C ALA B 96 0.98 33.63 104.43
N GLY B 97 1.86 33.16 103.56
CA GLY B 97 1.65 31.99 102.70
C GLY B 97 2.94 31.61 101.96
N SER B 98 2.87 30.70 101.00
CA SER B 98 4.06 30.08 100.42
C SER B 98 4.96 31.04 99.63
N LEU B 99 6.28 30.93 99.79
CA LEU B 99 7.28 31.61 98.97
C LEU B 99 7.65 30.85 97.68
N GLU B 100 7.01 29.74 97.35
CA GLU B 100 7.29 28.93 96.16
C GLU B 100 7.13 29.70 94.83
N ALA B 101 6.34 30.76 94.79
CA ALA B 101 6.23 31.63 93.63
C ALA B 101 7.58 32.24 93.20
N TYR B 102 8.54 32.42 94.10
CA TYR B 102 9.86 32.91 93.73
C TYR B 102 10.68 31.88 92.94
N THR B 103 10.53 30.57 93.16
CA THR B 103 11.18 29.56 92.33
C THR B 103 10.51 29.40 90.97
N ARG B 104 9.17 29.50 90.89
CA ARG B 104 8.47 29.63 89.61
C ARG B 104 8.88 30.89 88.85
N ALA B 105 9.10 32.02 89.51
CA ALA B 105 9.57 33.23 88.87
C ALA B 105 10.97 33.07 88.28
N GLY B 106 11.87 32.33 88.95
CA GLY B 106 13.20 32.06 88.44
C GLY B 106 13.23 31.22 87.17
N ALA B 107 12.52 30.10 87.16
CA ALA B 107 12.32 29.28 85.96
C ALA B 107 11.74 30.11 84.80
N THR B 108 10.76 30.96 85.09
CA THR B 108 10.14 31.86 84.11
C THR B 108 11.12 32.89 83.56
N ALA B 109 12.03 33.44 84.37
CA ALA B 109 13.04 34.37 83.91
C ALA B 109 14.04 33.73 82.95
N LEU B 110 14.51 32.51 83.23
CA LEU B 110 15.39 31.78 82.32
C LEU B 110 14.69 31.40 81.03
N ALA B 111 13.43 30.98 81.08
CA ALA B 111 12.65 30.70 79.88
C ALA B 111 12.46 31.96 79.03
N THR B 112 12.24 33.11 79.65
CA THR B 112 12.13 34.40 78.95
C THR B 112 13.46 34.78 78.28
N ASP B 113 14.57 34.71 79.01
CA ASP B 113 15.90 35.03 78.52
C ASP B 113 16.30 34.17 77.31
N THR B 114 15.84 32.93 77.28
CA THR B 114 15.95 32.01 76.15
C THR B 114 15.12 32.47 74.96
N ASP B 115 13.82 32.73 75.15
CA ASP B 115 12.94 33.19 74.07
C ASP B 115 13.46 34.49 73.43
N LYS B 116 13.97 35.42 74.25
CA LYS B 116 14.60 36.66 73.80
C LYS B 116 15.84 36.39 72.94
N PHE B 117 16.68 35.41 73.29
CA PHE B 117 17.84 35.03 72.48
C PHE B 117 17.43 34.46 71.12
N ILE B 118 16.51 33.50 71.08
CA ILE B 118 16.09 32.88 69.82
C ILE B 118 15.41 33.90 68.92
N ALA B 119 14.54 34.75 69.44
CA ALA B 119 13.94 35.84 68.70
C ALA B 119 14.99 36.78 68.11
N ASP B 120 15.98 37.22 68.89
CA ASP B 120 17.05 38.08 68.41
C ASP B 120 17.91 37.40 67.35
N MET B 121 18.22 36.12 67.51
CA MET B 121 18.98 35.34 66.54
C MET B 121 18.26 35.31 65.19
N LEU B 122 16.97 35.00 65.16
CA LEU B 122 16.22 35.01 63.92
C LEU B 122 16.18 36.40 63.28
N VAL B 123 15.94 37.44 64.08
CA VAL B 123 15.93 38.82 63.59
C VAL B 123 17.27 39.26 63.02
N ASP B 124 18.38 38.97 63.69
CA ASP B 124 19.69 39.45 63.29
C ASP B 124 20.28 38.70 62.09
N ASN B 125 20.02 37.40 61.97
CA ASN B 125 20.68 36.54 61.01
C ASN B 125 19.81 36.06 59.85
N GLY B 126 18.49 36.21 59.92
CA GLY B 126 17.63 35.99 58.77
C GLY B 126 17.84 37.00 57.65
N THR B 127 17.40 36.69 56.44
CA THR B 127 17.51 37.61 55.30
C THR B 127 16.47 38.74 55.41
N ALA B 128 16.80 39.97 55.03
CA ALA B 128 15.90 41.11 55.20
C ALA B 128 14.84 41.17 54.10
N LEU B 129 13.55 41.21 54.47
CA LEU B 129 12.45 41.48 53.56
C LEU B 129 12.41 42.96 53.20
N THR B 130 12.38 43.25 51.91
CA THR B 130 12.22 44.61 51.37
C THR B 130 10.81 45.16 51.60
N GLY B 131 10.69 46.46 51.85
CA GLY B 131 9.42 47.15 52.12
C GLY B 131 9.53 48.20 53.21
N SER B 132 8.43 48.89 53.46
CA SER B 132 8.27 49.97 54.44
C SER B 132 7.09 49.68 55.37
N ALA B 133 7.01 50.37 56.51
CA ALA B 133 6.00 50.12 57.53
C ALA B 133 4.58 50.11 56.94
N PRO B 134 3.75 49.08 57.21
CA PRO B 134 2.46 48.94 56.54
C PRO B 134 1.54 50.11 56.85
N SER B 135 0.99 50.75 55.82
CA SER B 135 0.13 51.92 56.01
C SER B 135 -1.33 51.55 56.26
N ASP B 136 -1.73 50.35 55.88
CA ASP B 136 -3.07 49.82 56.05
C ASP B 136 -3.05 48.29 56.21
N ALA B 137 -4.21 47.69 56.48
CA ALA B 137 -4.34 46.26 56.70
C ALA B 137 -4.01 45.41 55.45
N ASP B 138 -4.05 45.99 54.25
CA ASP B 138 -3.67 45.31 53.03
C ASP B 138 -2.16 45.33 52.82
N ASP B 139 -1.46 46.42 53.14
CA ASP B 139 -0.01 46.41 53.17
C ASP B 139 0.53 45.34 54.11
N ALA B 140 -0.06 45.19 55.30
CA ALA B 140 0.37 44.16 56.24
C ALA B 140 0.17 42.76 55.69
N PHE B 141 -0.99 42.46 55.11
CA PHE B 141 -1.24 41.19 54.45
C PHE B 141 -0.24 40.95 53.30
N ASP B 142 0.05 41.97 52.50
CA ASP B 142 1.04 41.87 51.44
C ASP B 142 2.45 41.67 51.94
N LEU B 143 2.86 42.18 53.10
CA LEU B 143 4.16 41.84 53.65
C LEU B 143 4.26 40.35 53.97
N ILE B 144 3.23 39.74 54.54
CA ILE B 144 3.20 38.30 54.81
C ILE B 144 3.20 37.52 53.50
N ALA B 145 2.40 37.91 52.51
CA ALA B 145 2.39 37.24 51.22
C ALA B 145 3.74 37.38 50.48
N SER B 146 4.40 38.53 50.63
CA SER B 146 5.71 38.81 50.06
C SER B 146 6.82 38.04 50.76
N ALA B 147 6.76 37.89 52.09
CA ALA B 147 7.67 37.06 52.85
C ALA B 147 7.61 35.59 52.42
N LEU B 148 6.41 35.06 52.27
CA LEU B 148 6.21 33.69 51.81
C LEU B 148 6.64 33.48 50.36
N LYS B 149 6.54 34.48 49.46
CA LYS B 149 7.23 34.46 48.15
C LYS B 149 8.74 34.33 48.33
N GLU B 150 9.37 35.12 49.18
CA GLU B 150 10.82 35.10 49.32
C GLU B 150 11.33 33.77 49.87
N LEU B 151 10.56 33.06 50.68
CA LEU B 151 10.86 31.67 51.03
C LEU B 151 10.70 30.73 49.84
N THR B 152 9.64 30.88 49.04
CA THR B 152 9.42 30.02 47.86
C THR B 152 10.50 30.20 46.80
N LYS B 153 10.97 31.41 46.54
CA LYS B 153 12.10 31.65 45.62
C LYS B 153 13.39 30.98 46.08
N ALA B 154 13.58 30.78 47.38
CA ALA B 154 14.70 30.06 47.97
C ALA B 154 14.51 28.53 48.05
N ASN B 155 13.40 27.99 47.54
CA ASN B 155 13.06 26.55 47.55
C ASN B 155 12.83 25.95 48.94
N VAL B 156 12.58 26.78 49.94
CA VAL B 156 12.20 26.40 51.30
C VAL B 156 10.92 25.57 51.26
N PRO B 157 10.79 24.46 52.00
CA PRO B 157 9.60 23.61 51.96
C PRO B 157 8.28 24.34 52.16
N ASN B 158 7.20 23.85 51.56
CA ASN B 158 5.88 24.49 51.60
C ASN B 158 5.06 24.13 52.84
N VAL B 159 5.29 22.96 53.41
CA VAL B 159 4.57 22.47 54.59
C VAL B 159 5.38 22.80 55.84
N GLY B 160 4.72 23.35 56.86
CA GLY B 160 5.29 23.63 58.16
C GLY B 160 5.93 25.00 58.33
N ARG B 161 5.65 25.95 57.44
CA ARG B 161 6.11 27.35 57.58
C ARG B 161 5.39 28.08 58.71
N VAL B 162 6.11 28.95 59.40
CA VAL B 162 5.61 29.73 60.54
C VAL B 162 5.93 31.20 60.32
N VAL B 163 5.02 32.08 60.70
CA VAL B 163 5.29 33.52 60.82
C VAL B 163 5.11 33.92 62.28
N VAL B 164 6.13 34.53 62.89
CA VAL B 164 6.01 35.07 64.23
C VAL B 164 5.95 36.58 64.16
N VAL B 165 4.86 37.17 64.62
CA VAL B 165 4.54 38.60 64.52
C VAL B 165 4.61 39.26 65.89
N ASN B 166 5.13 40.49 66.00
CA ASN B 166 4.99 41.26 67.23
C ASN B 166 3.57 41.85 67.36
N ALA B 167 3.26 42.46 68.49
CA ALA B 167 1.95 43.05 68.76
C ALA B 167 1.56 44.13 67.74
N GLU B 168 2.48 45.00 67.33
CA GLU B 168 2.22 46.03 66.33
C GLU B 168 1.89 45.45 64.96
N MET B 169 2.55 44.37 64.54
CA MET B 169 2.18 43.67 63.33
C MET B 169 0.81 42.99 63.48
N ALA B 170 0.56 42.31 64.60
CA ALA B 170 -0.71 41.62 64.83
C ALA B 170 -1.91 42.57 64.90
N PHE B 171 -1.73 43.83 65.33
CA PHE B 171 -2.80 44.82 65.30
C PHE B 171 -3.42 44.96 63.90
N TRP B 172 -2.62 45.00 62.84
CA TRP B 172 -3.15 45.06 61.49
C TRP B 172 -3.94 43.84 61.09
N LEU B 173 -3.59 42.65 61.57
CA LEU B 173 -4.36 41.43 61.32
C LEU B 173 -5.68 41.41 62.11
N ARG B 174 -5.77 42.12 63.23
CA ARG B 174 -7.00 42.32 64.02
C ARG B 174 -7.73 43.65 63.72
N SER B 175 -7.25 44.47 62.78
CA SER B 175 -7.79 45.80 62.50
C SER B 175 -9.11 45.78 61.70
N SER B 176 -9.79 46.91 61.59
CA SER B 176 -11.02 47.08 60.80
C SER B 176 -10.87 46.74 59.31
N GLY B 177 -9.70 46.96 58.72
CA GLY B 177 -9.43 46.65 57.31
C GLY B 177 -9.03 45.20 57.04
N SER B 178 -8.76 44.41 58.07
CA SER B 178 -8.31 43.03 57.95
C SER B 178 -9.35 42.14 57.28
N LYS B 179 -8.91 41.21 56.43
CA LYS B 179 -9.77 40.16 55.86
C LYS B 179 -10.43 39.28 56.91
N LEU B 180 -9.84 39.21 58.10
CA LEU B 180 -10.24 38.32 59.18
C LEU B 180 -11.38 38.92 60.01
N THR B 181 -11.47 40.25 60.08
CA THR B 181 -12.50 40.98 60.82
C THR B 181 -13.77 41.26 60.01
N SER B 182 -13.99 40.52 58.93
CA SER B 182 -15.23 40.51 58.15
C SER B 182 -15.61 39.08 57.81
N ALA B 183 -16.89 38.74 57.98
CA ALA B 183 -17.42 37.40 57.76
C ALA B 183 -17.74 37.10 56.29
N ASP B 184 -17.44 38.03 55.36
CA ASP B 184 -17.42 37.77 53.92
C ASP B 184 -16.02 37.43 53.40
N THR B 185 -15.02 38.26 53.69
CA THR B 185 -13.66 38.05 53.18
C THR B 185 -13.01 36.83 53.79
N SER B 186 -13.31 36.51 55.04
CA SER B 186 -13.03 35.21 55.64
C SER B 186 -14.35 34.44 55.78
N GLY B 187 -14.30 33.14 55.99
CA GLY B 187 -15.52 32.32 55.88
C GLY B 187 -16.54 32.47 57.00
N ASP B 188 -16.17 33.09 58.13
CA ASP B 188 -16.94 33.07 59.38
C ASP B 188 -16.63 34.26 60.30
N ALA B 189 -17.42 34.43 61.36
CA ALA B 189 -17.33 35.56 62.29
C ALA B 189 -16.23 35.42 63.36
N ALA B 190 -15.51 34.31 63.44
CA ALA B 190 -14.54 34.04 64.48
C ALA B 190 -13.44 35.10 64.60
N GLY B 191 -12.92 35.62 63.50
CA GLY B 191 -11.91 36.68 63.55
C GLY B 191 -12.42 38.05 64.03
N LEU B 192 -13.74 38.26 64.06
CA LEU B 192 -14.39 39.45 64.63
C LEU B 192 -14.74 39.23 66.10
N ARG B 193 -15.50 38.17 66.40
CA ARG B 193 -16.00 37.86 67.75
C ARG B 193 -14.90 37.39 68.69
N ALA B 194 -14.12 36.40 68.29
CA ALA B 194 -13.05 35.82 69.09
C ALA B 194 -11.67 36.45 68.85
N GLY B 195 -11.51 37.25 67.81
CA GLY B 195 -10.25 37.87 67.42
C GLY B 195 -9.22 36.90 66.82
N THR B 196 -9.60 35.66 66.56
CA THR B 196 -8.73 34.56 66.13
C THR B 196 -8.01 34.85 64.82
N ILE B 197 -6.68 34.81 64.80
CA ILE B 197 -5.88 34.72 63.57
C ILE B 197 -5.58 33.24 63.30
N GLY B 198 -6.15 32.68 62.25
CA GLY B 198 -5.90 31.30 61.84
C GLY B 198 -4.58 31.15 61.09
N ASN B 199 -4.53 30.23 60.14
CA ASN B 199 -3.46 30.21 59.14
C ASN B 199 -3.65 31.29 58.08
N LEU B 200 -2.57 31.83 57.54
CA LEU B 200 -2.59 32.66 56.34
C LEU B 200 -1.71 32.00 55.28
N LEU B 201 -2.24 31.79 54.07
CA LEU B 201 -1.48 31.33 52.90
C LEU B 201 -0.67 30.06 53.15
N GLY B 202 -1.22 29.15 53.95
CA GLY B 202 -0.60 27.88 54.35
C GLY B 202 0.34 27.97 55.54
N ALA B 203 0.66 29.17 56.02
CA ALA B 203 1.55 29.38 57.14
C ALA B 203 0.78 29.52 58.46
N ARG B 204 1.37 29.00 59.54
CA ARG B 204 0.89 29.19 60.90
C ARG B 204 1.34 30.54 61.44
N ILE B 205 0.42 31.34 61.96
CA ILE B 205 0.73 32.67 62.49
C ILE B 205 0.75 32.65 64.01
N VAL B 206 1.84 33.12 64.61
CA VAL B 206 2.09 33.07 66.05
C VAL B 206 2.44 34.47 66.53
N GLU B 207 1.93 34.93 67.67
CA GLU B 207 2.22 36.26 68.19
C GLU B 207 3.22 36.21 69.36
N SER B 208 4.19 37.12 69.42
CA SER B 208 5.15 37.19 70.53
C SER B 208 5.52 38.62 70.94
N ASN B 209 5.64 38.87 72.24
CA ASN B 209 6.22 40.12 72.77
C ASN B 209 7.74 40.10 72.83
N ASN B 210 8.40 38.95 72.64
CA ASN B 210 9.85 38.81 72.80
C ASN B 210 10.65 39.17 71.55
N LEU B 211 10.03 39.53 70.43
CA LEU B 211 10.72 40.19 69.31
C LEU B 211 11.29 41.54 69.76
N ARG B 212 12.36 42.04 69.12
CA ARG B 212 13.12 43.17 69.62
C ARG B 212 12.34 44.47 69.53
N ASP B 213 11.71 44.75 68.40
CA ASP B 213 10.95 45.98 68.22
C ASP B 213 9.60 45.87 68.91
N THR B 214 9.25 46.84 69.76
CA THR B 214 7.99 46.87 70.51
C THR B 214 7.10 48.05 70.14
N ASP B 215 7.50 48.94 69.25
CA ASP B 215 6.68 50.12 68.90
C ASP B 215 6.49 50.34 67.39
N ASP B 216 7.15 49.55 66.54
CA ASP B 216 6.82 49.36 65.12
C ASP B 216 6.66 47.88 64.77
N GLU B 217 6.04 47.60 63.63
CA GLU B 217 5.81 46.25 63.15
C GLU B 217 7.13 45.53 62.90
N GLN B 218 7.25 44.30 63.37
CA GLN B 218 8.36 43.40 63.08
C GLN B 218 7.81 41.99 63.04
N PHE B 219 8.34 41.15 62.16
CA PHE B 219 8.01 39.74 62.12
C PHE B 219 9.14 38.93 61.51
N VAL B 220 9.15 37.63 61.75
CA VAL B 220 10.02 36.68 61.08
C VAL B 220 9.20 35.55 60.50
N ALA B 221 9.43 35.21 59.23
CA ALA B 221 8.84 34.06 58.59
C ALA B 221 9.93 33.05 58.25
N PHE B 222 9.71 31.79 58.59
CA PHE B 222 10.75 30.76 58.49
C PHE B 222 10.17 29.37 58.40
N HIS B 223 10.99 28.41 57.98
CA HIS B 223 10.76 27.01 58.18
C HIS B 223 11.53 26.54 59.41
N PRO B 224 10.95 25.77 60.34
CA PRO B 224 11.62 25.28 61.54
C PRO B 224 13.03 24.75 61.31
N SER B 225 13.23 23.98 60.23
CA SER B 225 14.52 23.38 59.89
C SER B 225 15.61 24.38 59.47
N ALA B 226 15.29 25.66 59.25
CA ALA B 226 16.24 26.70 58.91
C ALA B 226 17.06 27.19 60.11
N ALA B 227 16.58 26.98 61.33
CA ALA B 227 17.21 27.51 62.54
C ALA B 227 17.23 26.49 63.66
N ALA B 228 18.37 26.37 64.32
CA ALA B 228 18.66 25.34 65.31
C ALA B 228 18.95 25.94 66.68
N TYR B 229 18.49 25.28 67.73
CA TYR B 229 18.73 25.67 69.12
C TYR B 229 19.07 24.45 69.96
N VAL B 230 20.10 24.53 70.80
CA VAL B 230 20.43 23.50 71.76
C VAL B 230 20.50 24.07 73.16
N SER B 231 19.85 23.39 74.09
CA SER B 231 20.05 23.53 75.53
C SER B 231 20.90 22.35 75.97
N GLN B 232 22.06 22.64 76.54
CA GLN B 232 23.06 21.65 76.89
C GLN B 232 23.00 21.28 78.37
N ILE B 233 22.85 22.30 79.22
CA ILE B 233 22.67 22.17 80.67
C ILE B 233 21.45 22.98 81.03
N ASP B 234 20.54 22.42 81.82
CA ASP B 234 19.42 23.16 82.38
C ASP B 234 19.05 22.58 83.74
N THR B 235 19.83 22.91 84.77
CA THR B 235 19.73 22.32 86.11
C THR B 235 19.32 23.36 87.14
N VAL B 236 18.55 22.94 88.14
CA VAL B 236 18.21 23.72 89.34
C VAL B 236 18.61 22.95 90.58
N GLU B 237 19.09 23.63 91.61
CA GLU B 237 19.38 23.01 92.90
C GLU B 237 19.03 23.92 94.07
N ALA B 238 18.70 23.27 95.17
CA ALA B 238 18.57 23.86 96.49
C ALA B 238 19.75 23.42 97.37
N LEU B 239 20.35 24.39 98.05
CA LEU B 239 21.37 24.17 99.06
C LEU B 239 21.11 25.11 100.24
N ARG B 240 21.77 24.92 101.38
CA ARG B 240 21.71 25.86 102.50
C ARG B 240 22.74 26.97 102.32
N ASP B 241 22.52 28.15 102.87
CA ASP B 241 23.59 29.14 103.03
C ASP B 241 24.59 28.71 104.11
N GLN B 242 25.79 29.26 104.10
CA GLN B 242 26.82 29.01 105.11
C GLN B 242 26.74 29.99 106.29
N ASP B 243 26.26 31.21 106.06
CA ASP B 243 26.29 32.32 107.02
C ASP B 243 24.96 32.60 107.73
N SER B 244 23.87 31.91 107.38
CA SER B 244 22.53 32.10 107.97
C SER B 244 21.67 30.87 107.81
N PHE B 245 20.57 30.83 108.56
CA PHE B 245 19.51 29.84 108.41
C PHE B 245 18.63 30.20 107.23
N SER B 246 19.11 29.88 106.04
CA SER B 246 18.46 30.23 104.78
C SER B 246 18.66 29.11 103.77
N ASP B 247 17.64 28.85 102.97
CA ASP B 247 17.82 28.16 101.71
C ASP B 247 18.50 29.09 100.70
N ARG B 248 19.23 28.51 99.77
CA ARG B 248 19.71 29.12 98.53
C ARG B 248 19.15 28.29 97.39
N ILE B 249 18.45 28.91 96.46
CA ILE B 249 17.98 28.28 95.24
C ILE B 249 18.77 28.87 94.10
N ARG B 250 19.39 28.03 93.28
CA ARG B 250 20.07 28.49 92.07
C ARG B 250 19.82 27.59 90.88
N ALA B 251 19.81 28.17 89.69
CA ALA B 251 19.62 27.47 88.43
C ALA B 251 20.59 27.97 87.37
N LEU B 252 21.08 27.07 86.54
CA LEU B 252 21.97 27.36 85.42
C LEU B 252 21.34 26.87 84.13
N HIS B 253 21.29 27.72 83.12
CA HIS B 253 20.97 27.36 81.75
C HIS B 253 22.18 27.64 80.86
N VAL B 254 22.65 26.65 80.10
CA VAL B 254 23.71 26.81 79.10
C VAL B 254 23.19 26.36 77.75
N TYR B 255 23.28 27.23 76.75
CA TYR B 255 22.59 27.07 75.47
C TYR B 255 23.30 27.78 74.31
N GLY B 256 22.86 27.47 73.09
CA GLY B 256 23.28 28.15 71.88
C GLY B 256 22.33 27.93 70.72
N GLY B 257 22.49 28.68 69.65
CA GLY B 257 21.66 28.54 68.45
C GLY B 257 22.23 29.22 67.22
N LYS B 258 21.73 28.85 66.04
CA LYS B 258 22.21 29.33 64.75
C LYS B 258 21.09 29.30 63.71
N VAL B 259 21.02 30.26 62.79
CA VAL B 259 20.31 30.03 61.53
C VAL B 259 21.23 29.20 60.64
N VAL B 260 21.02 27.87 60.63
CA VAL B 260 21.92 26.94 59.87
C VAL B 260 21.73 27.25 58.38
N ARG B 261 20.51 27.61 57.97
CA ARG B 261 20.22 28.04 56.58
C ARG B 261 19.75 29.50 56.69
N PRO B 262 20.53 30.53 56.28
CA PRO B 262 20.07 31.92 56.30
C PRO B 262 18.88 32.22 55.38
N THR B 263 18.80 31.62 54.19
CA THR B 263 17.71 31.88 53.23
C THR B 263 16.38 31.28 53.65
N GLY B 264 16.35 30.39 54.62
CA GLY B 264 15.14 29.81 55.20
C GLY B 264 14.45 30.67 56.23
N VAL B 265 15.01 31.83 56.57
CA VAL B 265 14.45 32.82 57.46
C VAL B 265 14.39 34.16 56.73
N VAL B 266 13.22 34.80 56.68
CA VAL B 266 13.07 36.18 56.19
C VAL B 266 12.53 37.07 57.31
N VAL B 267 13.06 38.27 57.43
CA VAL B 267 12.82 39.20 58.54
C VAL B 267 12.25 40.51 58.00
N PHE B 268 11.05 40.89 58.41
CA PHE B 268 10.58 42.25 58.20
C PHE B 268 11.03 43.17 59.34
N ASN B 269 11.47 44.38 59.01
CA ASN B 269 12.03 45.35 59.94
C ASN B 269 13.22 44.80 60.74
N LYS B 270 14.26 44.28 60.06
CA LYS B 270 15.45 43.72 60.70
C LYS B 270 16.12 44.71 61.68
N THR B 271 16.25 45.97 61.27
CA THR B 271 16.97 46.99 62.05
C THR B 271 16.15 47.58 63.22
N GLY B 272 14.88 47.24 63.34
CA GLY B 272 13.97 47.79 64.33
C GLY B 272 14.31 47.41 65.77
N SER B 273 14.26 48.38 66.67
CA SER B 273 14.71 48.24 68.06
C SER B 273 13.92 49.17 68.98
N ALA C 2 73.49 -40.37 27.92
CA ALA C 2 72.36 -41.13 27.33
C ALA C 2 71.10 -40.28 27.21
N PHE C 3 70.41 -39.95 28.31
CA PHE C 3 69.18 -39.15 28.30
C PHE C 3 69.46 -37.64 28.20
N ASN C 4 69.70 -37.17 26.98
CA ASN C 4 69.85 -35.75 26.65
C ASN C 4 68.52 -34.98 26.56
N ASN C 5 67.37 -35.68 26.55
CA ASN C 5 66.07 -35.10 26.24
C ASN C 5 64.95 -35.44 27.24
N PHE C 6 65.19 -36.33 28.20
CA PHE C 6 64.15 -36.89 29.07
C PHE C 6 64.40 -36.71 30.56
N ILE C 7 65.52 -36.09 30.96
CA ILE C 7 65.76 -35.67 32.34
C ILE C 7 65.26 -34.23 32.49
N PRO C 8 64.18 -33.97 33.26
CA PRO C 8 63.63 -32.64 33.42
C PRO C 8 64.49 -31.74 34.31
N GLU C 9 64.53 -30.45 33.97
CA GLU C 9 64.77 -29.40 34.95
C GLU C 9 63.46 -29.05 35.64
N LEU C 10 63.49 -28.75 36.93
CA LEU C 10 62.30 -28.49 37.75
C LEU C 10 62.31 -27.07 38.30
N TRP C 11 61.12 -26.49 38.45
CA TRP C 11 60.89 -25.19 39.08
C TRP C 11 60.19 -25.41 40.41
N SER C 12 60.71 -24.82 41.47
CA SER C 12 60.01 -24.80 42.75
C SER C 12 58.70 -24.01 42.60
N ASP C 13 57.60 -24.57 43.06
CA ASP C 13 56.30 -23.90 43.05
C ASP C 13 56.20 -22.77 44.08
N MET C 14 57.17 -22.65 44.98
CA MET C 14 57.21 -21.66 46.04
C MET C 14 58.18 -20.53 45.71
N LEU C 15 57.73 -19.28 45.76
CA LEU C 15 58.62 -18.12 45.66
C LEU C 15 59.46 -17.96 46.92
N LEU C 16 60.71 -17.59 46.72
CA LEU C 16 61.64 -17.24 47.79
C LEU C 16 61.36 -15.81 48.26
N GLU C 17 61.01 -15.60 49.53
CA GLU C 17 60.65 -14.28 50.05
C GLU C 17 61.83 -13.32 50.08
N GLU C 18 61.62 -12.05 49.74
CA GLU C 18 62.61 -11.00 49.92
C GLU C 18 62.73 -10.64 51.42
N TRP C 19 63.95 -10.53 51.95
CA TRP C 19 64.15 -10.51 53.41
C TRP C 19 63.78 -9.21 54.11
N THR C 20 64.15 -8.06 53.56
CA THR C 20 63.95 -6.74 54.20
C THR C 20 64.60 -6.65 55.60
N ALA C 21 63.84 -6.28 56.64
CA ALA C 21 64.29 -6.12 58.03
C ALA C 21 63.13 -6.37 59.00
N GLN C 22 63.40 -6.82 60.22
CA GLN C 22 62.33 -7.05 61.21
C GLN C 22 61.70 -5.73 61.64
N THR C 23 60.38 -5.66 61.63
CA THR C 23 59.64 -4.48 62.06
C THR C 23 59.21 -4.64 63.51
N VAL C 24 59.50 -3.64 64.34
CA VAL C 24 59.30 -3.73 65.79
C VAL C 24 58.53 -2.55 66.36
N PHE C 25 58.65 -1.36 65.78
CA PHE C 25 58.18 -0.14 66.42
C PHE C 25 56.66 -0.09 66.56
N ALA C 26 55.89 -0.59 65.61
CA ALA C 26 54.43 -0.58 65.67
C ALA C 26 53.85 -1.43 66.82
N ASN C 27 54.60 -2.40 67.35
CA ASN C 27 54.21 -3.14 68.55
C ASN C 27 54.66 -2.45 69.84
N LEU C 28 55.63 -1.53 69.79
CA LEU C 28 56.24 -0.91 70.95
C LEU C 28 55.61 0.41 71.35
N VAL C 29 55.03 1.19 70.45
CA VAL C 29 54.33 2.43 70.78
C VAL C 29 52.87 2.19 71.16
N ASN C 30 52.21 3.17 71.79
CA ASN C 30 50.82 3.10 72.21
C ASN C 30 49.85 3.09 71.01
N ARG C 31 48.84 2.21 71.05
CA ARG C 31 47.85 1.99 69.99
C ARG C 31 46.41 2.35 70.37
N GLU C 32 46.17 2.86 71.58
CA GLU C 32 44.79 3.08 72.13
C GLU C 32 43.98 4.10 71.34
N TYR C 33 44.61 5.03 70.63
CA TYR C 33 43.91 6.14 69.92
C TYR C 33 43.39 5.66 68.57
N GLU C 34 43.64 4.41 68.18
CA GLU C 34 43.12 3.81 66.91
C GLU C 34 41.59 3.72 66.96
N GLY C 35 40.99 3.38 68.12
CA GLY C 35 39.53 3.21 68.27
C GLY C 35 38.76 4.49 67.96
N ILE C 36 39.06 5.61 68.63
CA ILE C 36 38.43 6.90 68.32
C ILE C 36 38.70 7.36 66.89
N ALA C 37 39.86 7.01 66.33
CA ALA C 37 40.32 7.47 65.03
C ALA C 37 39.76 6.70 63.83
N SER C 38 38.64 6.01 63.95
CA SER C 38 37.94 5.39 62.82
C SER C 38 37.44 6.38 61.75
N LYS C 39 37.35 7.66 62.09
CA LYS C 39 37.05 8.80 61.23
C LYS C 39 37.85 10.03 61.66
N GLY C 40 37.80 11.12 60.92
CA GLY C 40 38.55 12.35 61.18
C GLY C 40 40.02 12.28 60.77
N ASN C 41 40.72 13.40 60.78
CA ASN C 41 42.12 13.49 60.40
C ASN C 41 43.05 14.01 61.51
N VAL C 42 42.52 14.29 62.71
CA VAL C 42 43.30 14.67 63.88
C VAL C 42 42.71 14.01 65.11
N VAL C 43 43.54 13.49 66.00
CA VAL C 43 43.16 13.11 67.35
C VAL C 43 43.72 14.12 68.32
N HIS C 44 42.90 14.68 69.20
CA HIS C 44 43.34 15.53 70.29
C HIS C 44 43.45 14.69 71.56
N ILE C 45 44.62 14.67 72.16
CA ILE C 45 44.96 13.87 73.33
C ILE C 45 45.20 14.84 74.49
N ALA C 46 44.42 14.73 75.57
CA ALA C 46 44.56 15.60 76.74
C ALA C 46 45.21 14.87 77.91
N GLY C 47 46.05 15.56 78.68
CA GLY C 47 46.67 15.06 79.90
C GLY C 47 46.28 15.88 81.13
N VAL C 48 46.23 15.24 82.28
CA VAL C 48 45.89 15.83 83.57
C VAL C 48 47.05 16.68 84.09
N VAL C 49 46.77 17.91 84.51
CA VAL C 49 47.65 18.65 85.43
C VAL C 49 47.20 18.36 86.85
N ALA C 50 47.96 17.58 87.60
CA ALA C 50 47.54 17.08 88.91
C ALA C 50 47.34 18.23 89.94
N PRO C 51 46.33 18.16 90.81
CA PRO C 51 46.14 19.13 91.88
C PRO C 51 47.26 19.01 92.91
N THR C 52 47.74 20.14 93.40
CA THR C 52 48.88 20.23 94.34
C THR C 52 48.47 19.84 95.76
N VAL C 53 49.42 19.33 96.56
CA VAL C 53 49.21 18.90 97.94
C VAL C 53 49.50 20.05 98.92
N LYS C 54 48.59 20.28 99.86
CA LYS C 54 48.65 21.37 100.84
C LYS C 54 48.92 20.84 102.24
N ASP C 55 49.78 21.51 103.01
CA ASP C 55 49.97 21.21 104.43
C ASP C 55 48.80 21.76 105.27
N TYR C 56 47.82 20.91 105.53
CA TYR C 56 46.61 21.23 106.29
C TYR C 56 46.86 21.47 107.78
N LYS C 57 48.08 21.28 108.29
CA LYS C 57 48.44 21.59 109.68
C LYS C 57 49.13 22.95 109.79
N ALA C 58 49.99 23.33 108.84
CA ALA C 58 50.71 24.60 108.86
C ALA C 58 49.79 25.81 108.71
N ALA C 59 48.71 25.69 107.94
CA ALA C 59 47.73 26.76 107.73
C ALA C 59 46.71 26.93 108.88
N GLY C 60 46.87 26.22 109.99
CA GLY C 60 45.72 25.83 110.81
C GLY C 60 44.89 24.82 110.01
N ARG C 61 43.85 24.22 110.58
CA ARG C 61 43.05 23.18 109.90
C ARG C 61 42.08 23.76 108.85
N GLN C 62 42.64 24.42 107.85
CA GLN C 62 41.99 25.23 106.83
C GLN C 62 42.39 24.80 105.41
N THR C 63 41.45 24.81 104.47
CA THR C 63 41.70 24.46 103.06
C THR C 63 40.75 25.21 102.13
N SER C 64 41.16 25.48 100.89
CA SER C 64 40.27 26.01 99.84
C SER C 64 40.61 25.43 98.47
N ALA C 65 39.58 25.25 97.65
CA ALA C 65 39.66 24.61 96.35
C ALA C 65 40.44 25.43 95.32
N ASP C 66 41.05 24.76 94.35
CA ASP C 66 41.70 25.33 93.16
C ASP C 66 41.03 24.86 91.86
N ALA C 67 41.19 25.66 90.81
CA ALA C 67 40.88 25.28 89.44
C ALA C 67 41.85 24.22 88.90
N ILE C 68 41.32 23.12 88.37
CA ILE C 68 42.08 22.11 87.62
C ILE C 68 42.34 22.56 86.17
N SER C 69 43.30 21.93 85.50
CA SER C 69 43.63 22.22 84.10
C SER C 69 44.14 20.98 83.34
N ASP C 70 44.60 21.17 82.11
CA ASP C 70 45.00 20.13 81.15
C ASP C 70 46.23 20.53 80.32
N THR C 71 46.91 19.55 79.72
CA THR C 71 48.18 19.76 78.97
C THR C 71 47.98 19.84 77.45
N GLY C 72 47.41 18.80 76.85
CA GLY C 72 47.04 18.73 75.42
C GLY C 72 48.16 18.50 74.42
N VAL C 73 47.95 17.56 73.49
CA VAL C 73 48.80 17.30 72.31
C VAL C 73 47.98 16.71 71.16
N ASP C 74 48.37 16.95 69.92
CA ASP C 74 47.61 16.58 68.72
C ASP C 74 48.34 15.52 67.90
N LEU C 75 47.66 14.44 67.49
CA LEU C 75 48.17 13.46 66.52
C LEU C 75 47.52 13.71 65.15
N LEU C 76 48.32 13.99 64.13
CA LEU C 76 47.88 14.23 62.76
C LEU C 76 47.90 12.91 61.98
N ILE C 77 46.80 12.56 61.33
CA ILE C 77 46.68 11.35 60.54
C ILE C 77 46.92 11.74 59.07
N ASP C 78 48.19 11.89 58.71
CA ASP C 78 48.64 12.62 57.54
C ASP C 78 49.69 11.90 56.68
N GLN C 79 50.02 10.65 56.99
CA GLN C 79 50.85 9.80 56.13
C GLN C 79 49.93 8.94 55.27
N GLU C 80 50.14 8.96 53.96
CA GLU C 80 49.30 8.27 52.98
C GLU C 80 50.23 7.57 52.00
N LYS C 81 50.28 6.24 52.03
CA LYS C 81 51.26 5.45 51.28
C LYS C 81 50.57 4.33 50.53
N SER C 82 51.12 3.97 49.36
CA SER C 82 50.49 3.01 48.48
C SER C 82 51.47 2.09 47.76
N ILE C 83 50.95 0.92 47.43
CA ILE C 83 51.56 -0.12 46.59
C ILE C 83 50.60 -0.36 45.44
N ASP C 84 51.09 -0.52 44.23
CA ASP C 84 50.26 -0.70 43.04
C ASP C 84 51.06 -1.40 41.96
N PHE C 85 50.69 -2.62 41.57
CA PHE C 85 51.42 -3.41 40.59
C PHE C 85 50.48 -4.28 39.72
N LEU C 86 50.94 -4.65 38.53
CA LEU C 86 50.20 -5.54 37.63
C LEU C 86 50.61 -6.99 37.80
N VAL C 87 49.65 -7.89 37.66
CA VAL C 87 49.85 -9.33 37.52
C VAL C 87 49.24 -9.74 36.18
N ASP C 88 50.10 -9.91 35.19
CA ASP C 88 49.71 -10.35 33.86
C ASP C 88 49.03 -11.72 33.89
N ASP C 89 47.91 -11.85 33.19
CA ASP C 89 47.17 -13.11 33.10
C ASP C 89 48.01 -14.23 32.50
N ILE C 90 48.85 -13.93 31.51
CA ILE C 90 49.69 -14.93 30.88
C ILE C 90 50.72 -15.41 31.90
N ASP C 91 51.35 -14.50 32.63
CA ASP C 91 52.28 -14.87 33.68
C ASP C 91 51.59 -15.67 34.78
N ARG C 92 50.42 -15.25 35.28
CA ARG C 92 49.69 -16.02 36.29
C ARG C 92 49.39 -17.45 35.85
N VAL C 93 49.09 -17.68 34.58
CA VAL C 93 48.86 -19.02 34.01
C VAL C 93 50.17 -19.78 33.84
N GLN C 94 51.25 -19.14 33.41
CA GLN C 94 52.48 -19.84 33.02
C GLN C 94 53.50 -20.07 34.12
N VAL C 95 53.56 -19.26 35.19
CA VAL C 95 54.53 -19.48 36.27
C VAL C 95 54.21 -20.73 37.09
N ALA C 96 55.18 -21.24 37.84
CA ALA C 96 54.97 -22.32 38.79
C ALA C 96 54.38 -21.80 40.10
N GLY C 97 53.21 -22.28 40.49
CA GLY C 97 52.53 -21.89 41.72
C GLY C 97 52.03 -20.45 41.80
N SER C 98 51.58 -20.05 42.98
CA SER C 98 50.91 -18.78 43.24
C SER C 98 51.84 -17.56 43.20
N LEU C 99 51.34 -16.44 42.72
CA LEU C 99 51.98 -15.12 42.79
C LEU C 99 51.57 -14.31 44.02
N GLU C 100 50.73 -14.84 44.91
CA GLU C 100 50.23 -14.14 46.10
C GLU C 100 51.34 -13.70 47.06
N ALA C 101 52.55 -14.24 46.95
CA ALA C 101 53.73 -13.74 47.65
C ALA C 101 54.07 -12.29 47.29
N TYR C 102 53.68 -11.80 46.11
CA TYR C 102 53.79 -10.39 45.77
C TYR C 102 52.79 -9.52 46.53
N THR C 103 51.58 -10.00 46.83
CA THR C 103 50.65 -9.26 47.69
C THR C 103 51.19 -9.17 49.11
N ARG C 104 51.75 -10.27 49.65
CA ARG C 104 52.47 -10.28 50.92
C ARG C 104 53.73 -9.41 50.93
N ALA C 105 54.47 -9.35 49.83
CA ALA C 105 55.61 -8.44 49.69
C ALA C 105 55.18 -6.96 49.71
N GLY C 106 54.02 -6.64 49.12
CA GLY C 106 53.42 -5.31 49.17
C GLY C 106 53.05 -4.89 50.59
N ALA C 107 52.38 -5.78 51.33
CA ALA C 107 52.05 -5.55 52.74
C ALA C 107 53.30 -5.38 53.60
N THR C 108 54.35 -6.14 53.33
CA THR C 108 55.64 -6.04 54.02
C THR C 108 56.36 -4.74 53.69
N ALA C 109 56.32 -4.25 52.46
CA ALA C 109 56.90 -2.96 52.10
C ALA C 109 56.19 -1.80 52.81
N LEU C 110 54.85 -1.83 52.91
CA LEU C 110 54.08 -0.87 53.70
C LEU C 110 54.39 -0.97 55.20
N ALA C 111 54.49 -2.17 55.77
CA ALA C 111 54.91 -2.36 57.15
C ALA C 111 56.33 -1.84 57.41
N THR C 112 57.24 -1.97 56.45
CA THR C 112 58.59 -1.40 56.55
C THR C 112 58.55 0.12 56.56
N ASP C 113 57.67 0.71 55.77
CA ASP C 113 57.55 2.15 55.68
C ASP C 113 57.06 2.79 56.99
N THR C 114 56.06 2.19 57.64
CA THR C 114 55.61 2.67 58.95
C THR C 114 56.63 2.40 60.05
N ASP C 115 57.36 1.28 60.02
CA ASP C 115 58.43 1.03 60.98
C ASP C 115 59.52 2.10 60.90
N LYS C 116 59.91 2.50 59.69
CA LYS C 116 60.82 3.63 59.46
C LYS C 116 60.22 4.97 59.87
N PHE C 117 58.91 5.18 59.72
CA PHE C 117 58.26 6.39 60.19
C PHE C 117 58.31 6.53 61.70
N ILE C 118 57.87 5.49 62.44
CA ILE C 118 57.86 5.51 63.90
C ILE C 118 59.29 5.62 64.44
N ALA C 119 60.26 4.94 63.83
CA ALA C 119 61.67 5.08 64.18
C ALA C 119 62.19 6.51 64.00
N ASP C 120 61.95 7.15 62.84
CA ASP C 120 62.37 8.52 62.61
C ASP C 120 61.69 9.51 63.57
N MET C 121 60.41 9.32 63.84
CA MET C 121 59.64 10.16 64.75
C MET C 121 60.19 10.13 66.17
N LEU C 122 60.47 8.94 66.70
CA LEU C 122 61.13 8.79 67.99
C LEU C 122 62.51 9.46 68.00
N VAL C 123 63.33 9.24 66.98
CA VAL C 123 64.67 9.83 66.89
C VAL C 123 64.60 11.35 66.80
N ASP C 124 63.71 11.91 65.99
CA ASP C 124 63.60 13.35 65.77
C ASP C 124 62.99 14.13 66.94
N ASN C 125 61.93 13.60 67.54
CA ASN C 125 61.15 14.26 68.57
C ASN C 125 61.48 13.84 70.00
N GLY C 126 62.41 12.92 70.21
CA GLY C 126 62.91 12.52 71.52
C GLY C 126 64.01 13.43 72.08
N THR C 127 64.27 13.34 73.38
CA THR C 127 65.27 14.10 74.13
C THR C 127 66.68 13.58 73.86
N ALA C 128 67.64 14.43 73.50
CA ALA C 128 69.02 13.98 73.26
C ALA C 128 69.72 13.50 74.53
N LEU C 129 70.55 12.46 74.40
CA LEU C 129 71.43 11.91 75.43
C LEU C 129 72.85 12.43 75.23
N THR C 130 73.54 12.78 76.31
CA THR C 130 74.94 13.23 76.27
C THR C 130 75.90 12.04 76.36
N GLY C 131 76.82 11.91 75.42
CA GLY C 131 77.88 10.90 75.46
C GLY C 131 78.65 10.81 74.16
N SER C 132 79.80 10.14 74.20
CA SER C 132 80.59 9.82 73.00
C SER C 132 80.21 8.43 72.47
N ALA C 133 80.48 8.16 71.20
CA ALA C 133 80.35 6.81 70.64
C ALA C 133 81.18 5.80 71.44
N PRO C 134 80.64 4.61 71.76
CA PRO C 134 81.32 3.66 72.62
C PRO C 134 82.63 3.17 72.01
N SER C 135 83.66 3.01 72.83
CA SER C 135 84.99 2.55 72.39
C SER C 135 85.30 1.11 72.83
N ASP C 136 84.52 0.59 73.77
CA ASP C 136 84.46 -0.82 74.13
C ASP C 136 83.07 -1.16 74.66
N ALA C 137 82.85 -2.44 74.99
CA ALA C 137 81.53 -2.89 75.42
C ALA C 137 81.08 -2.26 76.75
N ASP C 138 81.98 -1.88 77.66
CA ASP C 138 81.58 -1.20 78.89
C ASP C 138 81.09 0.21 78.60
N ASP C 139 81.65 0.93 77.63
CA ASP C 139 81.06 2.18 77.18
C ASP C 139 79.62 2.02 76.65
N ALA C 140 79.31 0.90 76.00
CA ALA C 140 77.97 0.65 75.51
C ALA C 140 77.00 0.41 76.66
N PHE C 141 77.31 -0.47 77.61
CA PHE C 141 76.45 -0.66 78.79
C PHE C 141 76.34 0.61 79.64
N ASP C 142 77.38 1.44 79.70
CA ASP C 142 77.28 2.76 80.33
C ASP C 142 76.31 3.68 79.58
N LEU C 143 76.31 3.72 78.24
CA LEU C 143 75.36 4.51 77.49
C LEU C 143 73.93 4.06 77.70
N ILE C 144 73.66 2.75 77.68
CA ILE C 144 72.33 2.23 77.96
C ILE C 144 71.90 2.59 79.38
N ALA C 145 72.75 2.36 80.38
CA ALA C 145 72.45 2.67 81.77
C ALA C 145 72.22 4.17 81.98
N SER C 146 72.97 5.01 81.28
CA SER C 146 72.76 6.45 81.27
C SER C 146 71.38 6.82 80.71
N ALA C 147 70.96 6.24 79.59
CA ALA C 147 69.63 6.50 79.06
C ALA C 147 68.50 6.02 79.97
N LEU C 148 68.63 4.86 80.61
CA LEU C 148 67.66 4.36 81.59
C LEU C 148 67.61 5.23 82.85
N LYS C 149 68.74 5.84 83.27
CA LYS C 149 68.76 6.85 84.33
C LYS C 149 67.93 8.07 83.93
N GLU C 150 68.10 8.59 82.73
CA GLU C 150 67.31 9.72 82.23
C GLU C 150 65.81 9.44 82.23
N LEU C 151 65.37 8.24 81.82
CA LEU C 151 63.97 7.84 81.96
C LEU C 151 63.49 7.85 83.42
N THR C 152 64.30 7.41 84.39
CA THR C 152 63.90 7.46 85.80
C THR C 152 63.81 8.88 86.33
N LYS C 153 64.77 9.76 86.01
CA LYS C 153 64.71 11.17 86.41
C LYS C 153 63.50 11.90 85.82
N ALA C 154 63.03 11.49 84.65
CA ALA C 154 61.82 12.00 84.01
C ALA C 154 60.51 11.41 84.57
N ASN C 155 60.55 10.60 85.64
CA ASN C 155 59.40 9.91 86.25
C ASN C 155 58.69 8.91 85.32
N VAL C 156 59.41 8.32 84.36
CA VAL C 156 58.85 7.30 83.46
C VAL C 156 58.60 5.99 84.21
N PRO C 157 57.50 5.25 83.97
CA PRO C 157 57.26 3.96 84.61
C PRO C 157 58.42 2.98 84.44
N ASN C 158 58.69 2.15 85.43
CA ASN C 158 59.84 1.23 85.41
C ASN C 158 59.54 -0.13 84.74
N VAL C 159 58.27 -0.48 84.53
CA VAL C 159 57.84 -1.70 83.87
C VAL C 159 57.45 -1.40 82.42
N GLY C 160 57.95 -2.18 81.47
CA GLY C 160 57.67 -2.00 80.05
C GLY C 160 58.61 -1.05 79.32
N ARG C 161 59.69 -0.56 79.94
CA ARG C 161 60.74 0.19 79.23
C ARG C 161 61.42 -0.67 78.16
N VAL C 162 61.75 -0.06 77.04
CA VAL C 162 62.41 -0.70 75.91
C VAL C 162 63.53 0.19 75.41
N VAL C 163 64.65 -0.41 75.02
CA VAL C 163 65.71 0.27 74.27
C VAL C 163 65.81 -0.36 72.90
N VAL C 164 65.72 0.40 71.83
CA VAL C 164 65.93 -0.09 70.48
C VAL C 164 67.26 0.42 69.98
N VAL C 165 68.16 -0.50 69.64
CA VAL C 165 69.54 -0.26 69.20
C VAL C 165 69.71 -0.55 67.71
N ASN C 166 70.50 0.24 66.99
CA ASN C 166 70.90 -0.10 65.62
C ASN C 166 71.96 -1.21 65.63
N ALA C 167 72.24 -1.84 64.50
CA ALA C 167 73.16 -2.98 64.46
C ALA C 167 74.57 -2.63 64.95
N GLU C 168 75.08 -1.44 64.66
CA GLU C 168 76.36 -0.96 65.18
C GLU C 168 76.41 -0.92 66.72
N MET C 169 75.33 -0.54 67.39
CA MET C 169 75.22 -0.57 68.84
C MET C 169 75.00 -1.99 69.38
N ALA C 170 74.20 -2.82 68.71
CA ALA C 170 73.91 -4.19 69.11
C ALA C 170 75.15 -5.09 69.17
N PHE C 171 76.13 -4.87 68.30
CA PHE C 171 77.43 -5.53 68.31
C PHE C 171 78.09 -5.52 69.69
N TRP C 172 78.17 -4.35 70.32
CA TRP C 172 78.79 -4.21 71.63
C TRP C 172 78.07 -5.02 72.71
N LEU C 173 76.73 -5.07 72.68
CA LEU C 173 75.97 -5.84 73.66
C LEU C 173 76.09 -7.35 73.44
N ARG C 174 76.19 -7.81 72.18
CA ARG C 174 76.47 -9.22 71.83
C ARG C 174 77.88 -9.64 72.21
N SER C 175 78.84 -8.71 72.18
CA SER C 175 80.24 -8.97 72.51
C SER C 175 80.48 -9.39 73.96
N SER C 176 79.55 -9.12 74.88
CA SER C 176 79.65 -9.46 76.30
C SER C 176 78.84 -10.68 76.74
N GLY C 177 78.17 -11.38 75.82
CA GLY C 177 77.45 -12.62 76.10
C GLY C 177 76.47 -12.51 77.26
N SER C 178 76.68 -13.28 78.32
CA SER C 178 75.83 -13.36 79.50
C SER C 178 75.67 -12.08 80.31
N LYS C 179 76.47 -11.02 80.08
CA LYS C 179 76.31 -9.73 80.77
C LYS C 179 74.91 -9.15 80.57
N LEU C 180 74.26 -9.51 79.48
CA LEU C 180 72.86 -9.23 79.20
C LEU C 180 72.01 -10.51 79.35
N THR C 181 70.94 -10.45 80.14
CA THR C 181 70.08 -11.62 80.44
C THR C 181 69.23 -12.01 79.23
N SER C 182 69.21 -13.28 78.81
CA SER C 182 68.28 -13.75 77.77
C SER C 182 66.83 -13.71 78.26
N ALA C 183 65.97 -12.95 77.58
CA ALA C 183 64.61 -12.65 78.04
C ALA C 183 63.63 -13.81 77.82
N ASP C 184 62.70 -14.07 78.75
CA ASP C 184 61.54 -14.92 78.45
C ASP C 184 60.55 -14.16 77.57
N THR C 185 60.77 -14.21 76.25
CA THR C 185 59.96 -13.56 75.23
C THR C 185 58.78 -14.42 74.75
N SER C 186 58.55 -15.61 75.32
CA SER C 186 57.55 -16.59 74.84
C SER C 186 56.09 -16.10 74.87
N GLY C 187 55.80 -14.99 75.56
CA GLY C 187 54.49 -14.31 75.51
C GLY C 187 54.32 -13.27 74.39
N ASP C 188 55.40 -12.79 73.77
CA ASP C 188 55.39 -11.66 72.83
C ASP C 188 54.96 -12.05 71.41
N ALA C 189 54.28 -11.13 70.72
CA ALA C 189 54.03 -11.19 69.28
C ALA C 189 55.30 -11.48 68.49
N ALA C 190 55.21 -12.29 67.44
CA ALA C 190 56.37 -12.91 66.79
C ALA C 190 57.43 -11.91 66.30
N GLY C 191 57.01 -10.75 65.80
CA GLY C 191 57.92 -9.71 65.33
C GLY C 191 58.77 -9.05 66.43
N LEU C 192 58.22 -8.92 67.65
CA LEU C 192 58.92 -8.48 68.85
C LEU C 192 59.64 -9.63 69.57
N ARG C 193 59.26 -10.88 69.30
CA ARG C 193 59.97 -12.06 69.74
C ARG C 193 61.28 -12.23 68.98
N ALA C 194 61.26 -11.99 67.68
CA ALA C 194 62.45 -11.56 66.94
C ALA C 194 62.85 -10.13 67.35
N GLY C 195 64.08 -9.71 67.04
CA GLY C 195 64.59 -8.41 67.45
C GLY C 195 64.93 -8.30 68.94
N THR C 196 64.23 -8.94 69.87
CA THR C 196 64.60 -8.96 71.29
C THR C 196 65.96 -9.62 71.49
N ILE C 197 66.96 -8.83 71.88
CA ILE C 197 68.34 -9.26 72.13
C ILE C 197 68.49 -9.83 73.54
N GLY C 198 67.79 -9.26 74.51
CA GLY C 198 67.87 -9.65 75.90
C GLY C 198 67.18 -8.65 76.79
N ASN C 199 67.50 -8.68 78.07
CA ASN C 199 66.91 -7.89 79.10
C ASN C 199 68.02 -7.34 80.00
N LEU C 200 68.00 -6.04 80.26
CA LEU C 200 68.90 -5.38 81.20
C LEU C 200 68.11 -4.92 82.43
N LEU C 201 68.01 -5.79 83.43
CA LEU C 201 67.38 -5.47 84.72
C LEU C 201 65.93 -4.93 84.58
N GLY C 202 65.14 -5.59 83.74
CA GLY C 202 63.76 -5.27 83.41
C GLY C 202 63.57 -4.51 82.10
N ALA C 203 64.60 -3.85 81.56
CA ALA C 203 64.52 -3.17 80.29
C ALA C 203 64.76 -4.13 79.13
N ARG C 204 63.79 -4.32 78.24
CA ARG C 204 63.97 -5.10 77.02
C ARG C 204 64.93 -4.37 76.08
N ILE C 205 65.92 -5.06 75.53
CA ILE C 205 66.76 -4.55 74.46
C ILE C 205 66.31 -5.16 73.13
N VAL C 206 66.12 -4.34 72.11
CA VAL C 206 65.65 -4.74 70.79
C VAL C 206 66.59 -4.22 69.72
N GLU C 207 66.88 -5.01 68.70
CA GLU C 207 67.74 -4.65 67.58
C GLU C 207 66.87 -4.32 66.36
N SER C 208 67.09 -3.16 65.75
CA SER C 208 66.41 -2.79 64.51
C SER C 208 67.37 -2.17 63.49
N ASN C 209 67.32 -2.69 62.27
CA ASN C 209 68.02 -2.16 61.11
C ASN C 209 67.27 -0.98 60.45
N ASN C 210 66.08 -0.59 60.93
CA ASN C 210 65.28 0.54 60.42
C ASN C 210 65.56 1.88 61.12
N LEU C 211 66.36 1.93 62.18
CA LEU C 211 66.86 3.21 62.71
C LEU C 211 67.66 3.96 61.64
N ARG C 212 67.67 5.29 61.69
CA ARG C 212 68.20 6.13 60.62
C ARG C 212 69.69 5.95 60.40
N ASP C 213 70.47 5.81 61.46
CA ASP C 213 71.91 5.64 61.33
C ASP C 213 72.30 4.17 61.16
N THR C 214 73.26 3.87 60.28
CA THR C 214 73.64 2.49 59.94
C THR C 214 75.14 2.24 59.98
N ASP C 215 76.00 3.24 60.20
CA ASP C 215 77.46 3.05 60.25
C ASP C 215 78.13 3.74 61.45
N ASP C 216 77.34 4.36 62.32
CA ASP C 216 77.70 4.74 63.69
C ASP C 216 76.58 4.29 64.64
N GLU C 217 76.91 4.10 65.91
CA GLU C 217 75.98 3.65 66.94
C GLU C 217 74.84 4.65 67.16
N GLN C 218 73.61 4.15 67.24
CA GLN C 218 72.41 4.93 67.51
C GLN C 218 71.42 4.06 68.28
N PHE C 219 70.67 4.66 69.20
CA PHE C 219 69.59 3.96 69.89
C PHE C 219 68.57 4.92 70.49
N VAL C 220 67.38 4.39 70.77
CA VAL C 220 66.30 5.09 71.47
C VAL C 220 65.88 4.29 72.69
N ALA C 221 65.88 4.88 73.88
CA ALA C 221 65.26 4.32 75.08
C ALA C 221 63.93 5.01 75.32
N PHE C 222 62.84 4.26 75.54
CA PHE C 222 61.52 4.85 75.74
C PHE C 222 60.57 3.94 76.52
N HIS C 223 59.44 4.50 76.94
CA HIS C 223 58.30 3.73 77.41
C HIS C 223 57.18 3.76 76.38
N PRO C 224 56.50 2.66 76.06
CA PRO C 224 55.37 2.61 75.13
C PRO C 224 54.36 3.74 75.24
N SER C 225 54.02 4.18 76.45
CA SER C 225 53.05 5.25 76.72
C SER C 225 53.53 6.67 76.38
N ALA C 226 54.80 6.84 76.00
CA ALA C 226 55.39 8.12 75.63
C ALA C 226 55.14 8.54 74.17
N ALA C 227 54.72 7.61 73.31
CA ALA C 227 54.47 7.85 71.90
C ALA C 227 53.27 7.05 71.43
N ALA C 228 52.50 7.59 70.48
CA ALA C 228 51.29 6.98 69.98
C ALA C 228 51.31 6.88 68.46
N TYR C 229 50.70 5.83 67.93
CA TYR C 229 50.55 5.58 66.50
C TYR C 229 49.14 5.11 66.18
N VAL C 230 48.57 5.63 65.10
CA VAL C 230 47.26 5.26 64.56
C VAL C 230 47.43 4.78 63.14
N SER C 231 47.01 3.55 62.84
CA SER C 231 46.71 3.13 61.48
C SER C 231 45.20 3.23 61.28
N GLN C 232 44.77 4.10 60.37
CA GLN C 232 43.36 4.38 60.12
C GLN C 232 42.76 3.59 58.95
N ILE C 233 43.47 3.53 57.82
CA ILE C 233 43.08 2.77 56.63
C ILE C 233 44.20 1.79 56.34
N ASP C 234 43.90 0.53 56.13
CA ASP C 234 44.86 -0.46 55.67
C ASP C 234 44.13 -1.47 54.79
N THR C 235 44.00 -1.17 53.49
CA THR C 235 43.16 -1.93 52.55
C THR C 235 43.91 -2.32 51.30
N VAL C 236 43.57 -3.48 50.73
CA VAL C 236 44.03 -3.97 49.44
C VAL C 236 42.84 -4.27 48.54
N GLU C 237 42.95 -3.94 47.25
CA GLU C 237 41.97 -4.31 46.23
C GLU C 237 42.63 -4.87 44.97
N ALA C 238 41.93 -5.78 44.31
CA ALA C 238 42.18 -6.19 42.94
C ALA C 238 41.27 -5.41 41.97
N LEU C 239 41.80 -5.11 40.79
CA LEU C 239 41.15 -4.52 39.62
C LEU C 239 41.62 -5.26 38.37
N ARG C 240 41.08 -4.93 37.21
CA ARG C 240 41.61 -5.33 35.90
C ARG C 240 42.32 -4.15 35.26
N ASP C 241 43.51 -4.36 34.72
CA ASP C 241 44.21 -3.32 33.96
C ASP C 241 43.45 -2.93 32.69
N GLN C 242 43.32 -1.64 32.41
CA GLN C 242 42.66 -1.16 31.20
C GLN C 242 43.53 -1.33 29.95
N ASP C 243 44.84 -1.39 30.08
CA ASP C 243 45.77 -1.41 28.93
C ASP C 243 46.32 -2.80 28.57
N SER C 244 46.03 -3.85 29.33
CA SER C 244 46.57 -5.20 29.12
C SER C 244 45.69 -6.23 29.80
N PHE C 245 45.81 -7.51 29.46
CA PHE C 245 45.15 -8.57 30.21
C PHE C 245 45.93 -8.85 31.50
N SER C 246 45.65 -8.06 32.53
CA SER C 246 46.28 -8.20 33.83
C SER C 246 45.29 -7.95 34.93
N ASP C 247 45.46 -8.61 36.06
CA ASP C 247 44.99 -8.03 37.30
C ASP C 247 45.88 -6.84 37.67
N ARG C 248 45.32 -5.89 38.40
CA ARG C 248 46.03 -4.81 39.05
C ARG C 248 45.78 -4.94 40.54
N ILE C 249 46.82 -5.04 41.34
CA ILE C 249 46.69 -5.18 42.79
C ILE C 249 47.21 -3.90 43.41
N ARG C 250 46.38 -3.20 44.18
CA ARG C 250 46.80 -1.97 44.85
C ARG C 250 46.38 -1.95 46.30
N ALA C 251 47.19 -1.37 47.16
CA ALA C 251 46.94 -1.29 48.59
C ALA C 251 47.28 0.10 49.09
N LEU C 252 46.48 0.58 50.04
CA LEU C 252 46.56 1.91 50.63
C LEU C 252 46.70 1.77 52.13
N HIS C 253 47.66 2.50 52.70
CA HIS C 253 47.84 2.64 54.13
C HIS C 253 47.78 4.12 54.51
N VAL C 254 46.84 4.51 55.38
CA VAL C 254 46.72 5.88 55.93
C VAL C 254 46.91 5.85 57.43
N TYR C 255 47.87 6.63 57.93
CA TYR C 255 48.36 6.50 59.30
C TYR C 255 48.97 7.80 59.83
N GLY C 256 49.22 7.85 61.13
CA GLY C 256 49.91 8.96 61.78
C GLY C 256 50.46 8.59 63.15
N GLY C 257 51.31 9.43 63.72
CA GLY C 257 51.90 9.19 65.03
C GLY C 257 52.48 10.44 65.67
N LYS C 258 52.62 10.43 67.00
CA LYS C 258 53.08 11.56 67.81
C LYS C 258 53.86 11.10 69.03
N VAL C 259 54.97 11.74 69.37
CA VAL C 259 55.60 11.61 70.69
C VAL C 259 54.82 12.49 71.67
N VAL C 260 53.91 11.88 72.45
CA VAL C 260 53.01 12.60 73.35
C VAL C 260 53.70 13.12 74.62
N ARG C 261 54.84 12.53 75.00
CA ARG C 261 55.68 12.94 76.14
C ARG C 261 57.17 12.91 75.78
N PRO C 262 57.77 14.02 75.29
CA PRO C 262 59.14 14.04 74.78
C PRO C 262 60.21 13.64 75.78
N THR C 263 60.00 13.88 77.07
CA THR C 263 60.92 13.45 78.14
C THR C 263 60.95 11.93 78.33
N GLY C 264 59.89 11.22 77.94
CA GLY C 264 59.80 9.77 77.99
C GLY C 264 60.46 9.04 76.82
N VAL C 265 61.12 9.76 75.91
CA VAL C 265 61.92 9.23 74.80
C VAL C 265 63.32 9.82 74.85
N VAL C 266 64.35 9.00 74.99
CA VAL C 266 65.75 9.41 75.13
C VAL C 266 66.56 8.84 73.97
N VAL C 267 67.25 9.68 73.21
CA VAL C 267 67.88 9.30 71.94
C VAL C 267 69.36 9.53 71.98
N PHE C 268 70.16 8.49 71.77
CA PHE C 268 71.59 8.63 71.55
C PHE C 268 71.89 8.85 70.08
N ASN C 269 72.73 9.84 69.75
CA ASN C 269 73.10 10.17 68.38
C ASN C 269 71.88 10.50 67.49
N LYS C 270 71.03 11.44 67.88
CA LYS C 270 69.81 11.78 67.11
C LYS C 270 70.10 12.45 65.75
N THR C 271 71.24 13.11 65.62
CA THR C 271 71.76 13.66 64.36
C THR C 271 72.45 12.61 63.47
N GLY C 272 72.41 11.33 63.84
CA GLY C 272 73.08 10.25 63.12
C GLY C 272 72.54 10.02 61.71
N SER C 273 73.41 9.91 60.72
CA SER C 273 73.09 9.90 59.29
C SER C 273 72.19 11.05 58.86
N ALA D 2 40.03 27.04 82.08
CA ALA D 2 40.38 25.78 82.77
C ALA D 2 40.83 24.72 81.76
N PHE D 3 39.92 23.95 81.17
CA PHE D 3 40.22 22.98 80.13
C PHE D 3 40.40 23.66 78.75
N ASN D 4 41.61 23.69 78.23
CA ASN D 4 41.91 24.24 76.91
C ASN D 4 41.88 23.16 75.81
N ASN D 5 42.05 21.90 76.19
CA ASN D 5 42.38 20.81 75.29
C ASN D 5 41.40 19.63 75.38
N PHE D 6 40.70 19.47 76.51
CA PHE D 6 39.79 18.34 76.72
C PHE D 6 38.34 18.58 76.26
N ILE D 7 37.92 19.81 75.96
CA ILE D 7 36.55 20.11 75.49
C ILE D 7 36.48 19.93 73.97
N PRO D 8 35.66 19.03 73.41
CA PRO D 8 35.59 18.78 71.98
C PRO D 8 34.77 19.82 71.19
N GLU D 9 34.96 19.79 69.90
CA GLU D 9 34.05 20.30 68.87
C GLU D 9 33.47 19.09 68.15
N LEU D 10 32.17 19.05 67.90
CA LEU D 10 31.50 17.87 67.35
C LEU D 10 31.01 18.13 65.93
N TRP D 11 31.07 17.13 65.06
CA TRP D 11 30.55 17.20 63.70
C TRP D 11 29.30 16.36 63.59
N SER D 12 28.22 16.93 63.04
CA SER D 12 27.00 16.20 62.74
C SER D 12 27.24 15.10 61.70
N ASP D 13 26.72 13.90 61.91
CA ASP D 13 26.85 12.78 60.96
C ASP D 13 25.88 12.89 59.77
N MET D 14 25.00 13.89 59.74
CA MET D 14 24.05 14.15 58.67
C MET D 14 24.45 15.38 57.85
N LEU D 15 24.57 15.22 56.53
CA LEU D 15 24.71 16.33 55.61
C LEU D 15 23.37 17.03 55.40
N LEU D 16 23.40 18.35 55.29
CA LEU D 16 22.30 19.14 54.77
C LEU D 16 22.25 18.93 53.26
N GLU D 17 21.18 18.27 52.81
CA GLU D 17 20.83 18.23 51.39
C GLU D 17 20.37 19.61 50.92
N GLU D 18 20.71 19.98 49.70
CA GLU D 18 20.31 21.27 49.15
C GLU D 18 18.78 21.33 48.96
N TRP D 19 18.18 22.45 49.31
CA TRP D 19 16.84 22.78 48.89
C TRP D 19 16.87 23.14 47.41
N THR D 20 16.13 22.40 46.59
CA THR D 20 16.10 22.54 45.12
C THR D 20 14.67 22.63 44.63
N ALA D 21 14.45 23.26 43.47
CA ALA D 21 13.12 23.46 42.91
C ALA D 21 12.43 22.15 42.58
N GLN D 22 11.14 22.04 42.87
CA GLN D 22 10.31 20.91 42.44
C GLN D 22 10.23 20.90 40.90
N THR D 23 10.45 19.75 40.28
CA THR D 23 10.45 19.59 38.82
C THR D 23 9.06 19.20 38.36
N VAL D 24 8.49 19.94 37.42
CA VAL D 24 7.06 19.79 37.03
C VAL D 24 6.84 19.53 35.55
N PHE D 25 7.68 20.03 34.65
CA PHE D 25 7.39 20.05 33.23
C PHE D 25 7.39 18.68 32.56
N ALA D 26 8.18 17.72 33.02
CA ALA D 26 8.24 16.38 32.44
C ALA D 26 6.89 15.64 32.48
N ASN D 27 6.02 15.95 33.44
CA ASN D 27 4.69 15.35 33.54
C ASN D 27 3.58 16.16 32.84
N LEU D 28 3.85 17.40 32.44
CA LEU D 28 2.85 18.28 31.82
C LEU D 28 2.79 18.18 30.30
N VAL D 29 3.93 17.96 29.64
CA VAL D 29 4.04 17.77 28.19
C VAL D 29 3.59 16.39 27.73
N ASN D 30 3.33 16.23 26.44
CA ASN D 30 2.97 14.98 25.81
C ASN D 30 4.15 13.98 25.79
N ARG D 31 3.92 12.76 26.29
CA ARG D 31 4.95 11.70 26.38
C ARG D 31 4.71 10.52 25.45
N GLU D 32 3.67 10.56 24.61
CA GLU D 32 3.19 9.36 23.90
C GLU D 32 4.22 8.74 22.96
N TYR D 33 5.20 9.50 22.47
CA TYR D 33 6.26 8.99 21.61
C TYR D 33 7.31 8.17 22.35
N GLU D 34 7.33 8.09 23.67
CA GLU D 34 8.25 7.20 24.39
C GLU D 34 8.02 5.72 24.06
N GLY D 35 6.85 5.35 23.55
CA GLY D 35 6.58 4.01 23.08
C GLY D 35 7.31 3.62 21.80
N ILE D 36 7.51 4.58 20.89
CA ILE D 36 8.20 4.37 19.62
C ILE D 36 9.67 4.75 19.72
N ALA D 37 10.00 5.82 20.42
CA ALA D 37 11.33 6.43 20.53
C ALA D 37 12.33 5.64 21.39
N SER D 38 12.08 4.39 21.72
CA SER D 38 13.00 3.56 22.50
C SER D 38 14.23 3.09 21.70
N LYS D 39 14.25 3.29 20.38
CA LYS D 39 15.17 2.60 19.45
C LYS D 39 16.07 3.50 18.59
N GLY D 40 15.53 4.54 17.95
CA GLY D 40 16.24 5.34 16.95
C GLY D 40 16.73 6.68 17.45
N ASN D 41 17.34 7.50 16.60
CA ASN D 41 17.75 8.86 16.97
C ASN D 41 16.79 9.98 16.48
N VAL D 42 15.76 9.68 15.70
CA VAL D 42 14.77 10.67 15.22
C VAL D 42 13.37 10.08 15.17
N VAL D 43 12.36 10.85 15.56
CA VAL D 43 10.95 10.60 15.23
C VAL D 43 10.45 11.67 14.27
N HIS D 44 9.90 11.25 13.13
CA HIS D 44 9.19 12.10 12.18
C HIS D 44 7.71 12.11 12.51
N ILE D 45 7.18 13.31 12.68
CA ILE D 45 5.77 13.56 12.95
C ILE D 45 5.20 14.29 11.72
N ALA D 46 4.16 13.74 11.11
CA ALA D 46 3.57 14.27 9.88
C ALA D 46 2.17 14.84 10.15
N GLY D 47 1.82 15.96 9.53
CA GLY D 47 0.52 16.58 9.64
C GLY D 47 -0.20 16.70 8.30
N VAL D 48 -1.51 16.52 8.34
CA VAL D 48 -2.42 16.76 7.20
C VAL D 48 -2.27 18.19 6.69
N VAL D 49 -2.32 18.37 5.36
CA VAL D 49 -2.73 19.65 4.75
C VAL D 49 -4.14 19.48 4.23
N ALA D 50 -5.09 20.30 4.67
CA ALA D 50 -6.48 20.17 4.21
C ALA D 50 -6.61 20.37 2.69
N PRO D 51 -7.44 19.58 1.98
CA PRO D 51 -7.85 19.88 0.63
C PRO D 51 -8.57 21.24 0.55
N THR D 52 -8.29 22.03 -0.47
CA THR D 52 -8.82 23.41 -0.60
C THR D 52 -10.24 23.45 -1.17
N VAL D 53 -11.13 24.28 -0.63
CA VAL D 53 -12.49 24.49 -1.15
C VAL D 53 -12.45 25.38 -2.39
N LYS D 54 -13.05 24.91 -3.48
CA LYS D 54 -13.11 25.61 -4.77
C LYS D 54 -14.49 26.19 -5.03
N ASP D 55 -14.54 27.40 -5.59
CA ASP D 55 -15.75 27.99 -6.13
C ASP D 55 -16.18 27.26 -7.40
N TYR D 56 -17.14 26.36 -7.25
CA TYR D 56 -17.60 25.50 -8.33
C TYR D 56 -18.31 26.29 -9.43
N LYS D 57 -18.94 27.40 -9.06
CA LYS D 57 -19.68 28.28 -9.96
C LYS D 57 -18.74 29.18 -10.77
N ALA D 58 -17.67 29.71 -10.19
CA ALA D 58 -16.69 30.49 -10.95
C ALA D 58 -15.93 29.63 -11.96
N ALA D 59 -15.75 28.34 -11.67
CA ALA D 59 -15.09 27.36 -12.52
C ALA D 59 -15.94 26.90 -13.72
N GLY D 60 -16.90 27.69 -14.22
CA GLY D 60 -17.99 27.18 -15.05
C GLY D 60 -18.87 26.30 -14.18
N ARG D 61 -18.81 24.99 -14.36
CA ARG D 61 -19.14 24.00 -13.33
C ARG D 61 -18.13 22.84 -13.39
N GLN D 62 -16.86 23.16 -13.56
CA GLN D 62 -15.77 22.20 -13.70
C GLN D 62 -15.16 21.85 -12.34
N THR D 63 -14.72 20.61 -12.20
CA THR D 63 -13.90 20.16 -11.08
C THR D 63 -12.83 19.19 -11.53
N SER D 64 -11.61 19.38 -11.04
CA SER D 64 -10.48 18.50 -11.24
C SER D 64 -9.79 18.24 -9.91
N ALA D 65 -9.24 17.04 -9.75
CA ALA D 65 -8.75 16.56 -8.47
C ALA D 65 -7.34 17.08 -8.16
N ASP D 66 -7.15 17.72 -7.01
CA ASP D 66 -5.83 18.08 -6.54
C ASP D 66 -5.06 16.89 -5.94
N ALA D 67 -3.74 16.96 -5.99
CA ALA D 67 -2.87 16.09 -5.20
C ALA D 67 -2.86 16.51 -3.73
N ILE D 68 -3.03 15.57 -2.79
CA ILE D 68 -2.80 15.83 -1.36
C ILE D 68 -1.31 15.94 -1.03
N SER D 69 -1.00 16.53 0.11
CA SER D 69 0.37 16.67 0.64
C SER D 69 0.36 16.77 2.16
N ASP D 70 1.53 16.63 2.78
CA ASP D 70 1.72 16.68 4.22
C ASP D 70 2.71 17.76 4.63
N THR D 71 2.67 18.12 5.90
CA THR D 71 3.69 18.87 6.62
C THR D 71 4.39 17.94 7.59
N GLY D 72 5.52 18.34 8.18
CA GLY D 72 6.10 17.56 9.25
C GLY D 72 7.19 18.25 10.04
N VAL D 73 7.43 17.74 11.24
CA VAL D 73 8.45 18.20 12.17
C VAL D 73 9.21 17.00 12.75
N ASP D 74 10.47 17.19 13.09
CA ASP D 74 11.35 16.13 13.60
C ASP D 74 11.58 16.31 15.10
N LEU D 75 11.32 15.27 15.89
CA LEU D 75 11.72 15.16 17.27
C LEU D 75 13.07 14.45 17.34
N LEU D 76 14.14 15.19 17.66
CA LEU D 76 15.52 14.84 17.31
C LEU D 76 16.34 14.05 18.34
N ILE D 77 15.87 13.84 19.57
CA ILE D 77 16.52 13.01 20.61
C ILE D 77 18.04 13.30 20.70
N ASP D 78 18.42 14.56 20.64
CA ASP D 78 19.78 15.04 20.44
C ASP D 78 20.44 15.51 21.74
N GLN D 79 19.77 15.38 22.88
CA GLN D 79 20.29 15.76 24.18
C GLN D 79 20.84 14.54 24.88
N GLU D 80 22.09 14.61 25.29
CA GLU D 80 22.75 13.55 26.04
C GLU D 80 23.66 14.21 27.06
N LYS D 81 23.36 13.99 28.32
CA LYS D 81 23.81 14.76 29.46
C LYS D 81 24.30 13.81 30.54
N SER D 82 25.31 14.19 31.29
CA SER D 82 25.96 13.28 32.23
C SER D 82 26.35 13.92 33.54
N ILE D 83 26.49 13.07 34.55
CA ILE D 83 27.08 13.35 35.85
C ILE D 83 28.26 12.39 35.99
N ASP D 84 29.37 12.83 36.55
CA ASP D 84 30.56 11.98 36.71
C ASP D 84 31.43 12.55 37.83
N PHE D 85 31.56 11.86 38.96
CA PHE D 85 32.32 12.37 40.12
C PHE D 85 33.01 11.28 40.92
N LEU D 86 34.10 11.65 41.60
CA LEU D 86 34.86 10.77 42.48
C LEU D 86 34.42 10.90 43.92
N VAL D 87 34.31 9.78 44.62
CA VAL D 87 34.26 9.72 46.09
C VAL D 87 35.55 9.05 46.56
N ASP D 88 36.53 9.83 46.96
CA ASP D 88 37.82 9.39 47.46
C ASP D 88 37.66 8.51 48.69
N ASP D 89 38.31 7.35 48.73
CA ASP D 89 38.25 6.45 49.88
C ASP D 89 38.79 7.07 51.16
N ILE D 90 39.83 7.91 51.10
CA ILE D 90 40.32 8.57 52.29
C ILE D 90 39.25 9.50 52.83
N ASP D 91 38.63 10.30 51.96
CA ASP D 91 37.51 11.14 52.34
C ASP D 91 36.34 10.33 52.87
N ARG D 92 35.92 9.24 52.20
CA ARG D 92 34.81 8.39 52.68
C ARG D 92 35.05 7.88 54.10
N VAL D 93 36.29 7.59 54.45
CA VAL D 93 36.65 7.13 55.80
C VAL D 93 36.73 8.30 56.78
N GLN D 94 37.32 9.42 56.41
CA GLN D 94 37.57 10.52 57.34
C GLN D 94 36.36 11.44 57.61
N VAL D 95 35.37 11.55 56.74
CA VAL D 95 34.18 12.39 56.99
C VAL D 95 33.28 11.87 58.11
N ALA D 96 32.41 12.73 58.64
CA ALA D 96 31.58 12.41 59.81
C ALA D 96 30.46 11.38 59.56
N GLY D 97 30.00 11.19 58.32
CA GLY D 97 28.90 10.28 57.99
C GLY D 97 28.73 10.00 56.49
N SER D 98 27.60 9.43 56.09
CA SER D 98 27.37 8.91 54.74
C SER D 98 27.45 9.97 53.64
N LEU D 99 28.16 9.67 52.56
CA LEU D 99 28.26 10.52 51.38
C LEU D 99 27.21 10.22 50.30
N GLU D 100 26.28 9.30 50.52
CA GLU D 100 25.26 8.93 49.53
C GLU D 100 24.31 10.08 49.15
N ALA D 101 24.23 11.15 49.95
CA ALA D 101 23.63 12.42 49.57
C ALA D 101 24.22 13.02 48.27
N TYR D 102 25.48 12.76 47.92
CA TYR D 102 26.03 13.19 46.63
C TYR D 102 25.50 12.40 45.44
N THR D 103 25.13 11.13 45.59
CA THR D 103 24.45 10.38 44.51
C THR D 103 23.04 10.91 44.27
N ARG D 104 22.33 11.28 45.34
CA ARG D 104 21.01 11.92 45.26
C ARG D 104 21.08 13.34 44.69
N ALA D 105 22.11 14.09 45.00
CA ALA D 105 22.39 15.37 44.38
C ALA D 105 22.68 15.25 42.87
N GLY D 106 23.44 14.25 42.44
CA GLY D 106 23.67 13.99 41.01
C GLY D 106 22.40 13.65 40.26
N ALA D 107 21.55 12.78 40.82
CA ALA D 107 20.26 12.44 40.24
C ALA D 107 19.35 13.68 40.15
N THR D 108 19.29 14.48 41.22
CA THR D 108 18.51 15.74 41.23
C THR D 108 19.01 16.75 40.21
N ALA D 109 20.31 16.80 39.94
CA ALA D 109 20.85 17.69 38.92
C ALA D 109 20.44 17.27 37.49
N LEU D 110 20.45 15.99 37.13
CA LEU D 110 19.94 15.54 35.84
C LEU D 110 18.43 15.76 35.69
N ALA D 111 17.65 15.55 36.75
CA ALA D 111 16.23 15.88 36.79
C ALA D 111 15.99 17.39 36.59
N THR D 112 16.83 18.25 37.14
CA THR D 112 16.74 19.71 36.99
C THR D 112 17.18 20.18 35.62
N ASP D 113 18.22 19.59 35.04
CA ASP D 113 18.62 19.84 33.67
C ASP D 113 17.48 19.50 32.68
N THR D 114 16.78 18.40 32.92
CA THR D 114 15.61 17.98 32.16
C THR D 114 14.46 18.97 32.29
N ASP D 115 14.09 19.37 33.51
CA ASP D 115 13.02 20.32 33.74
C ASP D 115 13.33 21.69 33.12
N LYS D 116 14.53 22.21 33.31
CA LYS D 116 14.98 23.45 32.67
C LYS D 116 14.97 23.34 31.16
N PHE D 117 15.31 22.19 30.57
CA PHE D 117 15.25 22.02 29.13
C PHE D 117 13.82 22.16 28.60
N ILE D 118 12.83 21.49 29.20
CA ILE D 118 11.45 21.59 28.74
C ILE D 118 10.93 23.01 28.94
N ALA D 119 11.24 23.65 30.09
CA ALA D 119 10.88 25.04 30.33
C ALA D 119 11.50 26.00 29.33
N ASP D 120 12.78 25.88 29.01
CA ASP D 120 13.44 26.68 27.98
C ASP D 120 12.83 26.48 26.60
N MET D 121 12.52 25.24 26.24
CA MET D 121 11.88 24.88 24.97
C MET D 121 10.50 25.51 24.81
N LEU D 122 9.65 25.47 25.84
CA LEU D 122 8.38 26.18 25.83
C LEU D 122 8.55 27.70 25.74
N VAL D 123 9.42 28.31 26.53
CA VAL D 123 9.67 29.76 26.50
C VAL D 123 10.23 30.23 25.16
N ASP D 124 11.18 29.51 24.61
CA ASP D 124 11.87 29.91 23.39
C ASP D 124 11.05 29.70 22.12
N ASN D 125 10.25 28.63 22.05
CA ASN D 125 9.52 28.27 20.82
C ASN D 125 8.01 28.50 20.87
N GLY D 126 7.40 28.82 22.02
CA GLY D 126 6.01 29.30 22.07
C GLY D 126 5.85 30.71 21.51
N THR D 127 4.62 31.16 21.27
CA THR D 127 4.30 32.51 20.77
C THR D 127 4.34 33.55 21.89
N ALA D 128 4.80 34.79 21.65
CA ALA D 128 4.81 35.84 22.66
C ALA D 128 3.42 36.43 22.95
N LEU D 129 3.12 36.69 24.22
CA LEU D 129 1.95 37.46 24.67
C LEU D 129 2.33 38.94 24.81
N THR D 130 1.56 39.83 24.18
CA THR D 130 1.89 41.26 23.99
C THR D 130 1.65 42.17 25.21
N GLY D 131 1.23 41.65 26.35
CA GLY D 131 0.95 42.45 27.56
C GLY D 131 2.20 43.05 28.23
N SER D 132 2.00 43.72 29.36
CA SER D 132 3.07 44.39 30.15
C SER D 132 3.01 43.98 31.62
N ALA D 133 4.13 44.09 32.34
CA ALA D 133 4.27 43.52 33.68
C ALA D 133 3.18 44.02 34.66
N PRO D 134 2.52 43.13 35.41
CA PRO D 134 1.33 43.46 36.18
C PRO D 134 1.63 44.41 37.33
N SER D 135 0.70 45.33 37.59
CA SER D 135 0.81 46.31 38.67
C SER D 135 -0.09 46.00 39.87
N ASP D 136 -1.01 45.05 39.74
CA ASP D 136 -1.95 44.61 40.76
C ASP D 136 -2.47 43.20 40.42
N ALA D 137 -3.25 42.60 41.31
CA ALA D 137 -3.81 41.28 41.11
C ALA D 137 -4.80 41.18 39.94
N ASP D 138 -5.39 42.27 39.49
CA ASP D 138 -6.29 42.29 38.34
C ASP D 138 -5.54 42.29 37.02
N ASP D 139 -4.39 42.98 36.93
CA ASP D 139 -3.47 42.81 35.83
C ASP D 139 -2.99 41.37 35.75
N ALA D 140 -2.57 40.75 36.86
CA ALA D 140 -2.08 39.37 36.82
C ALA D 140 -3.16 38.39 36.35
N PHE D 141 -4.37 38.50 36.88
CA PHE D 141 -5.49 37.69 36.44
C PHE D 141 -5.83 37.96 34.97
N ASP D 142 -5.81 39.21 34.53
CA ASP D 142 -6.05 39.56 33.13
C ASP D 142 -4.96 39.04 32.19
N LEU D 143 -3.69 39.00 32.59
CA LEU D 143 -2.65 38.34 31.81
C LEU D 143 -2.95 36.85 31.64
N ILE D 144 -3.35 36.14 32.68
CA ILE D 144 -3.73 34.72 32.57
C ILE D 144 -4.94 34.55 31.66
N ALA D 145 -6.00 35.34 31.84
CA ALA D 145 -7.16 35.31 30.97
C ALA D 145 -6.80 35.65 29.51
N SER D 146 -5.88 36.60 29.31
CA SER D 146 -5.42 37.01 27.99
C SER D 146 -4.65 35.92 27.26
N ALA D 147 -3.83 35.13 27.96
CA ALA D 147 -3.16 33.99 27.37
C ALA D 147 -4.14 32.93 26.88
N LEU D 148 -5.15 32.59 27.69
CA LEU D 148 -6.17 31.63 27.31
C LEU D 148 -7.04 32.10 26.15
N LYS D 149 -7.21 33.42 25.97
CA LYS D 149 -7.75 33.98 24.72
C LYS D 149 -6.88 33.60 23.53
N GLU D 150 -5.58 33.83 23.59
CA GLU D 150 -4.67 33.51 22.48
C GLU D 150 -4.59 32.01 22.16
N LEU D 151 -4.78 31.12 23.13
CA LEU D 151 -4.97 29.70 22.84
C LEU D 151 -6.29 29.45 22.13
N THR D 152 -7.41 30.00 22.58
CA THR D 152 -8.71 29.81 21.92
C THR D 152 -8.73 30.40 20.52
N LYS D 153 -8.13 31.57 20.33
CA LYS D 153 -7.98 32.22 19.02
C LYS D 153 -7.15 31.39 18.02
N ALA D 154 -6.23 30.58 18.52
CA ALA D 154 -5.46 29.60 17.75
C ALA D 154 -6.14 28.23 17.63
N ASN D 155 -7.42 28.10 17.98
CA ASN D 155 -8.21 26.86 17.94
C ASN D 155 -7.66 25.73 18.83
N VAL D 156 -6.84 26.04 19.83
CA VAL D 156 -6.31 25.06 20.77
C VAL D 156 -7.44 24.43 21.57
N PRO D 157 -7.46 23.11 21.83
CA PRO D 157 -8.53 22.45 22.56
C PRO D 157 -8.79 23.05 23.93
N ASN D 158 -10.06 23.08 24.35
CA ASN D 158 -10.51 23.77 25.56
C ASN D 158 -10.27 23.00 26.86
N VAL D 159 -10.01 21.69 26.80
CA VAL D 159 -9.90 20.81 27.97
C VAL D 159 -8.46 20.36 28.19
N GLY D 160 -7.98 20.45 29.42
CA GLY D 160 -6.65 20.00 29.80
C GLY D 160 -5.54 21.04 29.58
N ARG D 161 -5.87 22.31 29.31
CA ARG D 161 -4.88 23.39 29.26
C ARG D 161 -4.20 23.59 30.62
N VAL D 162 -2.92 23.95 30.60
CA VAL D 162 -2.08 24.20 31.77
C VAL D 162 -1.46 25.58 31.65
N VAL D 163 -1.40 26.31 32.75
CA VAL D 163 -0.53 27.49 32.88
C VAL D 163 0.55 27.17 33.89
N VAL D 164 1.83 27.33 33.54
CA VAL D 164 2.93 27.26 34.51
C VAL D 164 3.43 28.67 34.78
N VAL D 165 3.51 29.08 36.05
CA VAL D 165 3.87 30.44 36.48
C VAL D 165 5.14 30.45 37.33
N ASN D 166 5.93 31.52 37.29
CA ASN D 166 7.03 31.69 38.25
C ASN D 166 6.57 32.27 39.59
N ALA D 167 7.43 32.30 40.60
CA ALA D 167 7.08 32.77 41.94
C ALA D 167 6.64 34.24 41.98
N GLU D 168 7.30 35.12 41.22
CA GLU D 168 6.90 36.53 41.08
C GLU D 168 5.47 36.68 40.57
N MET D 169 5.05 35.84 39.63
CA MET D 169 3.69 35.81 39.12
C MET D 169 2.69 35.19 40.12
N ALA D 170 3.06 34.09 40.78
CA ALA D 170 2.19 33.39 41.73
C ALA D 170 1.87 34.23 42.97
N PHE D 171 2.76 35.13 43.38
CA PHE D 171 2.47 36.10 44.43
C PHE D 171 1.24 36.94 44.13
N TRP D 172 1.01 37.37 42.89
CA TRP D 172 -0.16 38.18 42.59
C TRP D 172 -1.45 37.41 42.83
N LEU D 173 -1.49 36.12 42.50
CA LEU D 173 -2.65 35.28 42.75
C LEU D 173 -2.89 35.01 44.24
N ARG D 174 -1.93 35.29 45.12
CA ARG D 174 -2.04 35.17 46.59
C ARG D 174 -1.90 36.49 47.35
N SER D 175 -1.82 37.61 46.66
CA SER D 175 -1.74 38.96 47.26
C SER D 175 -3.06 39.43 47.85
N SER D 176 -3.09 40.56 48.55
CA SER D 176 -4.33 41.07 49.16
C SER D 176 -5.42 41.38 48.14
N GLY D 177 -5.07 41.89 46.96
CA GLY D 177 -6.03 42.21 45.90
C GLY D 177 -6.60 41.01 45.16
N SER D 178 -6.09 39.81 45.39
CA SER D 178 -6.45 38.61 44.63
C SER D 178 -7.92 38.22 44.78
N LYS D 179 -8.52 37.69 43.70
CA LYS D 179 -9.84 37.06 43.76
C LYS D 179 -9.87 35.85 44.68
N LEU D 180 -8.73 35.21 44.92
CA LEU D 180 -8.60 33.92 45.61
C LEU D 180 -8.40 34.05 47.12
N THR D 181 -7.87 35.18 47.57
CA THR D 181 -7.64 35.47 49.00
C THR D 181 -8.85 36.19 49.61
N SER D 182 -10.05 35.72 49.29
CA SER D 182 -11.32 36.20 49.83
C SER D 182 -12.38 35.13 49.63
N ALA D 183 -13.04 34.73 50.72
CA ALA D 183 -14.11 33.74 50.68
C ALA D 183 -15.39 34.27 50.02
N ASP D 184 -15.43 35.56 49.68
CA ASP D 184 -16.56 36.20 49.02
C ASP D 184 -16.44 36.04 47.51
N THR D 185 -15.33 36.49 46.93
CA THR D 185 -15.13 36.50 45.48
C THR D 185 -14.75 35.14 44.91
N SER D 186 -14.04 34.31 45.66
CA SER D 186 -13.92 32.88 45.36
C SER D 186 -15.00 32.12 46.11
N GLY D 187 -15.14 30.82 45.91
CA GLY D 187 -16.22 30.10 46.59
C GLY D 187 -16.05 29.95 48.12
N ASP D 188 -14.84 29.97 48.65
CA ASP D 188 -14.55 29.49 50.00
C ASP D 188 -13.21 30.00 50.56
N ALA D 189 -12.96 29.78 51.85
CA ALA D 189 -11.78 30.29 52.56
C ALA D 189 -10.47 29.54 52.27
N ALA D 190 -10.46 28.46 51.51
CA ALA D 190 -9.28 27.63 51.23
C ALA D 190 -8.12 28.42 50.61
N GLY D 191 -8.39 29.39 49.74
CA GLY D 191 -7.36 30.24 49.13
C GLY D 191 -6.73 31.26 50.08
N LEU D 192 -7.42 31.60 51.17
CA LEU D 192 -6.92 32.43 52.26
C LEU D 192 -6.16 31.60 53.30
N ARG D 193 -6.73 30.49 53.76
CA ARG D 193 -6.14 29.66 54.82
C ARG D 193 -5.00 28.80 54.34
N ALA D 194 -5.26 27.90 53.40
CA ALA D 194 -4.27 26.94 52.91
C ALA D 194 -3.34 27.50 51.84
N GLY D 195 -3.71 28.63 51.23
CA GLY D 195 -2.98 29.25 50.11
C GLY D 195 -3.28 28.63 48.74
N THR D 196 -4.30 27.81 48.62
CA THR D 196 -4.56 27.07 47.37
C THR D 196 -4.96 28.02 46.25
N ILE D 197 -4.22 28.00 45.13
CA ILE D 197 -4.61 28.73 43.92
C ILE D 197 -5.74 27.98 43.19
N GLY D 198 -5.56 26.70 42.88
CA GLY D 198 -6.56 25.90 42.16
C GLY D 198 -6.63 26.18 40.66
N ASN D 199 -7.64 25.64 39.97
CA ASN D 199 -7.89 25.91 38.56
C ASN D 199 -8.45 27.32 38.34
N LEU D 200 -8.08 27.99 37.25
CA LEU D 200 -8.63 29.28 36.85
C LEU D 200 -9.09 29.20 35.41
N LEU D 201 -10.31 29.63 35.12
CA LEU D 201 -10.84 29.70 33.75
C LEU D 201 -10.71 28.36 32.98
N GLY D 202 -10.87 27.25 33.68
CA GLY D 202 -10.76 25.88 33.17
C GLY D 202 -9.33 25.33 33.05
N ALA D 203 -8.33 26.19 33.16
CA ALA D 203 -6.92 25.83 33.08
C ALA D 203 -6.39 25.41 34.45
N ARG D 204 -5.59 24.33 34.51
CA ARG D 204 -4.85 23.97 35.72
C ARG D 204 -3.61 24.84 35.88
N ILE D 205 -3.54 25.61 36.96
CA ILE D 205 -2.39 26.45 37.29
C ILE D 205 -1.32 25.62 38.02
N VAL D 206 -0.06 25.78 37.64
CA VAL D 206 1.10 25.10 38.24
C VAL D 206 2.17 26.16 38.48
N GLU D 207 2.98 26.04 39.53
CA GLU D 207 4.02 27.03 39.84
C GLU D 207 5.41 26.40 39.90
N SER D 208 6.42 27.10 39.39
CA SER D 208 7.77 26.57 39.23
C SER D 208 8.85 27.62 39.34
N ASN D 209 9.97 27.29 39.98
CA ASN D 209 11.19 28.09 39.94
C ASN D 209 12.11 27.76 38.74
N ASN D 210 11.77 26.79 37.89
CA ASN D 210 12.60 26.40 36.74
C ASN D 210 12.32 27.18 35.45
N LEU D 211 11.35 28.09 35.42
CA LEU D 211 11.27 29.09 34.35
C LEU D 211 12.51 30.00 34.37
N ARG D 212 12.86 30.63 33.24
CA ARG D 212 14.13 31.33 33.10
C ARG D 212 14.20 32.62 33.90
N ASP D 213 13.12 33.38 33.96
CA ASP D 213 13.03 34.61 34.73
C ASP D 213 12.65 34.31 36.18
N THR D 214 13.43 34.84 37.12
CA THR D 214 13.20 34.69 38.56
C THR D 214 12.87 36.01 39.26
N ASP D 215 12.97 37.17 38.63
CA ASP D 215 12.72 38.46 39.31
C ASP D 215 11.78 39.43 38.58
N ASP D 216 11.35 39.12 37.36
CA ASP D 216 10.11 39.64 36.80
C ASP D 216 9.10 38.50 36.63
N GLU D 217 7.82 38.82 36.47
CA GLU D 217 6.77 37.84 36.22
C GLU D 217 6.98 37.14 34.88
N GLN D 218 6.82 35.82 34.84
CA GLN D 218 6.89 35.04 33.63
C GLN D 218 5.97 33.83 33.78
N PHE D 219 5.31 33.43 32.72
CA PHE D 219 4.51 32.21 32.69
C PHE D 219 4.41 31.70 31.27
N VAL D 220 4.04 30.44 31.13
CA VAL D 220 3.68 29.81 29.87
C VAL D 220 2.30 29.20 30.00
N ALA D 221 1.44 29.38 29.00
CA ALA D 221 0.14 28.73 28.90
C ALA D 221 0.13 27.83 27.67
N PHE D 222 -0.30 26.59 27.80
CA PHE D 222 -0.23 25.64 26.70
C PHE D 222 -1.23 24.51 26.85
N HIS D 223 -1.49 23.81 25.75
CA HIS D 223 -2.13 22.50 25.78
C HIS D 223 -1.05 21.41 25.78
N PRO D 224 -1.15 20.36 26.60
CA PRO D 224 -0.16 19.28 26.66
C PRO D 224 0.22 18.71 25.29
N SER D 225 -0.73 18.49 24.39
CA SER D 225 -0.47 17.96 23.06
C SER D 225 0.34 18.89 22.16
N ALA D 226 0.53 20.16 22.51
CA ALA D 226 1.34 21.10 21.74
C ALA D 226 2.83 20.79 21.77
N ALA D 227 3.33 20.10 22.78
CA ALA D 227 4.75 19.87 22.98
C ALA D 227 5.03 18.44 23.41
N ALA D 228 6.04 17.81 22.84
CA ALA D 228 6.42 16.45 23.14
C ALA D 228 7.80 16.38 23.78
N TYR D 229 8.01 15.37 24.62
CA TYR D 229 9.32 15.04 25.17
C TYR D 229 9.44 13.53 25.35
N VAL D 230 10.64 12.98 25.12
CA VAL D 230 10.95 11.57 25.33
C VAL D 230 12.25 11.41 26.10
N SER D 231 12.24 10.56 27.11
CA SER D 231 13.48 10.05 27.72
C SER D 231 13.78 8.66 27.18
N GLN D 232 14.95 8.51 26.56
CA GLN D 232 15.35 7.31 25.85
C GLN D 232 16.26 6.39 26.69
N ILE D 233 17.27 6.96 27.34
CA ILE D 233 18.17 6.27 28.25
C ILE D 233 18.26 7.07 29.52
N ASP D 234 18.17 6.44 30.67
CA ASP D 234 18.41 7.06 31.97
C ASP D 234 19.11 6.04 32.88
N THR D 235 20.41 6.16 33.11
CA THR D 235 21.20 5.15 33.84
C THR D 235 22.25 5.75 34.75
N VAL D 236 22.56 5.05 35.83
CA VAL D 236 23.57 5.36 36.84
C VAL D 236 24.46 4.15 37.09
N GLU D 237 25.74 4.38 37.33
CA GLU D 237 26.79 3.37 37.37
C GLU D 237 27.85 3.71 38.41
N ALA D 238 28.32 2.69 39.14
CA ALA D 238 29.42 2.79 40.07
C ALA D 238 30.66 2.06 39.55
N LEU D 239 31.82 2.67 39.68
CA LEU D 239 33.13 2.19 39.28
C LEU D 239 34.17 2.49 40.36
N ARG D 240 35.37 1.96 40.18
CA ARG D 240 36.57 2.33 40.90
C ARG D 240 37.46 3.16 39.97
N ASP D 241 37.98 4.27 40.44
CA ASP D 241 38.88 5.13 39.67
C ASP D 241 40.20 4.40 39.35
N GLN D 242 40.71 4.56 38.13
CA GLN D 242 42.03 4.08 37.73
C GLN D 242 43.19 4.90 38.29
N ASP D 243 43.03 6.20 38.52
CA ASP D 243 44.12 7.07 38.94
C ASP D 243 44.29 7.15 40.46
N SER D 244 43.31 6.71 41.24
CA SER D 244 43.27 6.85 42.69
C SER D 244 42.40 5.79 43.36
N PHE D 245 42.58 5.59 44.66
CA PHE D 245 41.66 4.82 45.49
C PHE D 245 40.39 5.63 45.74
N SER D 246 39.51 5.71 44.76
CA SER D 246 38.23 6.39 44.82
C SER D 246 37.16 5.53 44.21
N ASP D 247 35.95 5.59 44.74
CA ASP D 247 34.80 5.25 43.91
C ASP D 247 34.58 6.34 42.87
N ARG D 248 33.95 5.99 41.77
CA ARG D 248 33.50 6.89 40.72
C ARG D 248 32.02 6.60 40.47
N ILE D 249 31.19 7.62 40.56
CA ILE D 249 29.77 7.53 40.28
C ILE D 249 29.53 8.32 39.01
N ARG D 250 28.91 7.71 38.02
CA ARG D 250 28.52 8.40 36.81
C ARG D 250 27.12 8.03 36.36
N ALA D 251 26.46 8.93 35.66
CA ALA D 251 25.13 8.74 35.15
C ALA D 251 24.95 9.44 33.82
N LEU D 252 24.08 8.89 32.98
CA LEU D 252 23.79 9.38 31.64
C LEU D 252 22.29 9.49 31.45
N HIS D 253 21.81 10.65 30.99
CA HIS D 253 20.46 10.85 30.52
C HIS D 253 20.48 11.22 29.04
N VAL D 254 19.74 10.49 28.21
CA VAL D 254 19.58 10.73 26.77
C VAL D 254 18.10 10.99 26.49
N TYR D 255 17.78 12.11 25.89
CA TYR D 255 16.42 12.61 25.76
C TYR D 255 16.26 13.57 24.59
N GLY D 256 15.04 13.93 24.27
CA GLY D 256 14.76 15.06 23.39
C GLY D 256 13.35 15.56 23.54
N GLY D 257 13.07 16.74 23.03
CA GLY D 257 11.76 17.37 23.06
C GLY D 257 11.57 18.37 21.94
N LYS D 258 10.31 18.61 21.58
CA LYS D 258 9.95 19.51 20.48
C LYS D 258 8.62 20.19 20.82
N VAL D 259 8.48 21.48 20.59
CA VAL D 259 7.14 22.08 20.45
C VAL D 259 6.64 21.68 19.07
N VAL D 260 5.80 20.64 19.01
CA VAL D 260 5.30 20.08 17.72
C VAL D 260 4.42 21.16 17.10
N ARG D 261 3.55 21.80 17.89
CA ARG D 261 2.67 22.90 17.45
C ARG D 261 3.14 24.16 18.20
N PRO D 262 3.75 25.20 17.56
CA PRO D 262 4.13 26.44 18.26
C PRO D 262 2.98 27.37 18.68
N THR D 263 1.84 27.39 17.97
CA THR D 263 0.69 28.22 18.36
C THR D 263 -0.11 27.65 19.53
N GLY D 264 0.14 26.42 19.94
CA GLY D 264 -0.40 25.81 21.14
C GLY D 264 0.31 26.19 22.43
N VAL D 265 1.33 27.03 22.36
CA VAL D 265 2.10 27.54 23.49
C VAL D 265 2.11 29.06 23.42
N VAL D 266 1.74 29.72 24.52
CA VAL D 266 1.69 31.17 24.70
C VAL D 266 2.60 31.57 25.85
N VAL D 267 3.50 32.51 25.64
CA VAL D 267 4.55 32.87 26.60
C VAL D 267 4.43 34.34 26.98
N PHE D 268 4.18 34.63 28.25
CA PHE D 268 4.30 35.99 28.78
C PHE D 268 5.72 36.27 29.27
N ASN D 269 6.27 37.44 28.95
CA ASN D 269 7.66 37.80 29.24
C ASN D 269 8.66 36.82 28.60
N LYS D 270 8.51 36.53 27.30
CA LYS D 270 9.37 35.59 26.54
C LYS D 270 10.87 35.88 26.66
N THR D 271 11.25 37.13 26.55
CA THR D 271 12.67 37.55 26.61
C THR D 271 13.20 37.67 28.05
N GLY D 272 12.38 37.38 29.06
CA GLY D 272 12.75 37.50 30.48
C GLY D 272 13.89 36.59 30.89
N SER D 273 14.89 37.13 31.59
CA SER D 273 16.08 36.41 32.06
C SER D 273 16.80 37.15 33.19
N ALA E 2 30.28 5.56 13.96
CA ALA E 2 30.40 4.11 14.24
C ALA E 2 29.33 3.32 13.50
N PHE E 3 28.10 3.26 14.00
CA PHE E 3 26.97 2.72 13.26
C PHE E 3 26.39 3.79 12.32
N ASN E 4 26.58 3.62 11.02
CA ASN E 4 26.09 4.53 10.00
C ASN E 4 24.85 3.99 9.28
N ASN E 5 24.59 2.69 9.39
CA ASN E 5 23.57 1.98 8.64
C ASN E 5 22.51 1.32 9.52
N PHE E 6 22.81 1.01 10.78
CA PHE E 6 21.93 0.19 11.62
C PHE E 6 21.09 0.98 12.63
N ILE E 7 21.23 2.30 12.75
CA ILE E 7 20.38 3.13 13.61
C ILE E 7 19.16 3.63 12.82
N PRO E 8 17.91 3.25 13.15
CA PRO E 8 16.75 3.67 12.40
C PRO E 8 16.33 5.12 12.68
N GLU E 9 15.65 5.72 11.71
CA GLU E 9 14.74 6.84 11.93
C GLU E 9 13.31 6.29 12.00
N LEU E 10 12.43 6.91 12.77
CA LEU E 10 11.11 6.37 13.09
C LEU E 10 9.99 7.31 12.66
N TRP E 11 8.84 6.78 12.28
CA TRP E 11 7.69 7.57 11.85
C TRP E 11 6.51 7.33 12.77
N SER E 12 5.87 8.41 13.22
CA SER E 12 4.55 8.33 13.85
C SER E 12 3.53 7.84 12.82
N ASP E 13 2.77 6.80 13.13
CA ASP E 13 1.77 6.22 12.24
C ASP E 13 0.50 7.08 12.11
N MET E 14 0.08 7.75 13.17
CA MET E 14 -0.98 8.76 13.13
C MET E 14 -0.50 10.06 12.48
N LEU E 15 -1.29 10.62 11.56
CA LEU E 15 -1.16 12.00 11.11
C LEU E 15 -1.71 12.98 12.16
N LEU E 16 -1.12 14.16 12.27
CA LEU E 16 -1.70 15.28 13.00
C LEU E 16 -2.88 15.86 12.23
N GLU E 17 -4.05 15.85 12.84
CA GLU E 17 -5.20 16.63 12.38
C GLU E 17 -4.94 18.13 12.58
N GLU E 18 -5.46 18.97 11.70
CA GLU E 18 -5.46 20.42 11.89
C GLU E 18 -6.34 20.86 13.06
N TRP E 19 -5.93 21.92 13.75
CA TRP E 19 -6.78 22.62 14.71
C TRP E 19 -7.64 23.66 14.00
N THR E 20 -8.95 23.46 14.05
CA THR E 20 -9.98 24.16 13.29
C THR E 20 -11.04 24.77 14.20
N ALA E 21 -11.56 25.95 13.86
CA ALA E 21 -12.63 26.60 14.59
C ALA E 21 -13.90 25.75 14.62
N GLN E 22 -14.52 25.60 15.80
CA GLN E 22 -15.85 25.00 15.93
C GLN E 22 -16.90 25.85 15.20
N THR E 23 -17.80 25.23 14.46
CA THR E 23 -18.84 25.91 13.68
C THR E 23 -20.16 25.99 14.45
N VAL E 24 -20.75 27.18 14.55
CA VAL E 24 -21.98 27.40 15.33
C VAL E 24 -23.16 27.89 14.49
N PHE E 25 -22.93 28.69 13.47
CA PHE E 25 -23.95 29.53 12.86
C PHE E 25 -25.06 28.79 12.14
N ALA E 26 -24.80 27.67 11.50
CA ALA E 26 -25.83 26.91 10.80
C ALA E 26 -26.91 26.33 11.73
N ASN E 27 -26.67 26.23 13.04
CA ASN E 27 -27.68 25.88 14.05
C ASN E 27 -28.36 27.07 14.74
N LEU E 28 -27.88 28.29 14.53
CA LEU E 28 -28.43 29.49 15.17
C LEU E 28 -29.49 30.19 14.32
N VAL E 29 -29.32 30.25 13.00
CA VAL E 29 -30.23 30.94 12.06
C VAL E 29 -31.44 30.07 11.67
N ASN E 30 -32.45 30.67 11.06
CA ASN E 30 -33.67 30.02 10.59
C ASN E 30 -33.43 29.04 9.44
N ARG E 31 -34.06 27.85 9.51
CA ARG E 31 -33.94 26.78 8.52
C ARG E 31 -35.25 26.46 7.81
N GLU E 32 -36.32 27.21 8.05
CA GLU E 32 -37.67 26.85 7.58
C GLU E 32 -37.81 26.75 6.06
N TYR E 33 -37.05 27.55 5.30
CA TYR E 33 -37.16 27.57 3.84
C TYR E 33 -36.54 26.35 3.15
N GLU E 34 -35.90 25.42 3.85
CA GLU E 34 -35.36 24.22 3.22
C GLU E 34 -36.43 23.28 2.65
N GLY E 35 -37.71 23.43 3.02
CA GLY E 35 -38.83 22.70 2.40
C GLY E 35 -39.15 23.22 1.00
N ILE E 36 -39.49 24.51 0.91
CA ILE E 36 -39.81 25.19 -0.34
C ILE E 36 -38.61 25.26 -1.29
N ALA E 37 -37.40 25.42 -0.78
CA ALA E 37 -36.18 25.49 -1.58
C ALA E 37 -35.62 24.13 -2.02
N SER E 38 -36.36 23.04 -1.83
CA SER E 38 -35.95 21.71 -2.30
C SER E 38 -35.86 21.61 -3.83
N LYS E 39 -36.37 22.60 -4.58
CA LYS E 39 -36.16 22.86 -6.02
C LYS E 39 -36.03 24.37 -6.29
N GLY E 40 -35.69 24.77 -7.50
CA GLY E 40 -35.49 26.18 -7.87
C GLY E 40 -34.23 26.80 -7.27
N ASN E 41 -33.91 28.03 -7.63
CA ASN E 41 -32.68 28.72 -7.17
C ASN E 41 -32.92 30.06 -6.47
N VAL E 42 -34.16 30.49 -6.29
CA VAL E 42 -34.55 31.69 -5.53
C VAL E 42 -35.78 31.38 -4.68
N VAL E 43 -35.81 31.83 -3.43
CA VAL E 43 -37.03 31.92 -2.64
C VAL E 43 -37.37 33.40 -2.48
N HIS E 44 -38.59 33.78 -2.84
CA HIS E 44 -39.12 35.13 -2.65
C HIS E 44 -39.93 35.15 -1.36
N ILE E 45 -39.59 36.05 -0.45
CA ILE E 45 -40.20 36.17 0.87
C ILE E 45 -40.80 37.56 0.99
N ALA E 46 -42.08 37.67 1.29
CA ALA E 46 -42.79 38.94 1.36
C ALA E 46 -43.36 39.21 2.75
N GLY E 47 -43.36 40.48 3.16
CA GLY E 47 -43.86 40.95 4.44
C GLY E 47 -44.89 42.06 4.29
N VAL E 48 -45.85 42.10 5.21
CA VAL E 48 -46.90 43.12 5.29
C VAL E 48 -46.33 44.52 5.46
N VAL E 49 -46.86 45.49 4.74
CA VAL E 49 -46.81 46.90 5.10
C VAL E 49 -48.13 47.29 5.76
N ALA E 50 -48.10 47.67 7.03
CA ALA E 50 -49.29 47.91 7.82
C ALA E 50 -50.09 49.17 7.36
N PRO E 51 -51.43 49.12 7.31
CA PRO E 51 -52.26 50.29 7.06
C PRO E 51 -52.04 51.40 8.10
N THR E 52 -52.01 52.66 7.68
CA THR E 52 -51.70 53.81 8.54
C THR E 52 -52.97 54.44 9.10
N VAL E 53 -53.03 54.63 10.42
CA VAL E 53 -54.13 55.28 11.14
C VAL E 53 -54.25 56.75 10.76
N LYS E 54 -55.47 57.23 10.57
CA LYS E 54 -55.79 58.61 10.25
C LYS E 54 -56.49 59.29 11.40
N ASP E 55 -56.24 60.58 11.58
CA ASP E 55 -57.06 61.44 12.43
C ASP E 55 -58.38 61.76 11.73
N TYR E 56 -59.37 60.87 11.89
CA TYR E 56 -60.69 60.99 11.30
C TYR E 56 -61.41 62.28 11.69
N LYS E 57 -61.13 62.81 12.89
CA LYS E 57 -61.77 64.03 13.40
C LYS E 57 -61.16 65.31 12.83
N ALA E 58 -59.88 65.32 12.50
CA ALA E 58 -59.25 66.45 11.82
C ALA E 58 -59.57 66.50 10.32
N ALA E 59 -59.86 65.35 9.71
CA ALA E 59 -60.24 65.22 8.31
C ALA E 59 -61.70 65.62 8.02
N GLY E 60 -62.26 66.58 8.76
CA GLY E 60 -63.71 66.73 8.89
C GLY E 60 -64.26 65.55 9.68
N ARG E 61 -65.05 64.70 9.05
CA ARG E 61 -65.23 63.29 9.46
C ARG E 61 -65.11 62.39 8.23
N GLN E 62 -64.25 62.77 7.27
CA GLN E 62 -64.07 62.03 6.03
C GLN E 62 -63.09 60.87 6.19
N THR E 63 -63.26 59.83 5.38
CA THR E 63 -62.28 58.74 5.23
C THR E 63 -62.18 58.33 3.76
N SER E 64 -60.97 58.00 3.32
CA SER E 64 -60.66 57.50 1.99
C SER E 64 -59.83 56.22 2.12
N ALA E 65 -60.14 55.18 1.36
CA ALA E 65 -59.40 53.92 1.38
C ALA E 65 -58.05 54.05 0.66
N ASP E 66 -56.97 53.62 1.28
CA ASP E 66 -55.65 53.50 0.66
C ASP E 66 -55.42 52.11 0.04
N ALA E 67 -54.53 52.03 -0.94
CA ALA E 67 -53.96 50.77 -1.39
C ALA E 67 -52.98 50.19 -0.35
N ILE E 68 -53.12 48.90 -0.05
CA ILE E 68 -52.12 48.12 0.68
C ILE E 68 -50.90 47.82 -0.20
N SER E 69 -49.80 47.38 0.39
CA SER E 69 -48.58 46.99 -0.30
C SER E 69 -47.77 45.98 0.49
N ASP E 70 -46.69 45.49 -0.10
CA ASP E 70 -45.76 44.52 0.48
C ASP E 70 -44.33 45.05 0.48
N THR E 71 -43.53 44.48 1.37
CA THR E 71 -42.07 44.42 1.26
C THR E 71 -41.69 43.02 0.81
N GLY E 72 -40.48 42.82 0.31
CA GLY E 72 -39.94 41.48 0.15
C GLY E 72 -38.44 41.43 -0.10
N VAL E 73 -37.90 40.24 0.05
CA VAL E 73 -36.47 39.92 -0.08
C VAL E 73 -36.31 38.61 -0.82
N ASP E 74 -35.19 38.50 -1.54
CA ASP E 74 -34.85 37.32 -2.31
C ASP E 74 -33.75 36.53 -1.61
N LEU E 75 -34.03 35.29 -1.27
CA LEU E 75 -33.05 34.33 -0.78
C LEU E 75 -32.51 33.57 -2.00
N LEU E 76 -31.35 33.96 -2.53
CA LEU E 76 -30.71 33.31 -3.66
C LEU E 76 -29.93 32.06 -3.22
N ILE E 77 -30.16 30.90 -3.84
CA ILE E 77 -29.38 29.67 -3.66
C ILE E 77 -28.20 29.66 -4.63
N ASP E 78 -27.28 30.61 -4.47
CA ASP E 78 -26.29 30.94 -5.47
C ASP E 78 -24.85 30.60 -5.08
N GLN E 79 -24.62 29.93 -3.94
CA GLN E 79 -23.31 29.47 -3.53
C GLN E 79 -23.16 27.99 -3.88
N GLU E 80 -22.12 27.66 -4.65
CA GLU E 80 -21.80 26.30 -5.10
C GLU E 80 -20.31 26.06 -4.82
N LYS E 81 -19.96 25.23 -3.85
CA LYS E 81 -18.58 25.01 -3.37
C LYS E 81 -18.22 23.55 -3.44
N SER E 82 -16.97 23.23 -3.72
CA SER E 82 -16.54 21.84 -3.90
C SER E 82 -15.17 21.54 -3.33
N ILE E 83 -14.93 20.25 -3.10
CA ILE E 83 -13.69 19.61 -2.69
C ILE E 83 -13.44 18.50 -3.70
N ASP E 84 -12.21 18.34 -4.17
CA ASP E 84 -11.88 17.32 -5.17
C ASP E 84 -10.40 16.96 -5.10
N PHE E 85 -10.05 15.74 -4.70
CA PHE E 85 -8.66 15.34 -4.50
C PHE E 85 -8.38 13.85 -4.79
N LEU E 86 -7.14 13.54 -5.12
CA LEU E 86 -6.63 12.20 -5.40
C LEU E 86 -5.88 11.60 -4.21
N VAL E 87 -6.07 10.31 -3.99
CA VAL E 87 -5.21 9.47 -3.13
C VAL E 87 -4.56 8.38 -4.00
N ASP E 88 -3.27 8.47 -4.26
CA ASP E 88 -2.51 7.52 -5.07
C ASP E 88 -2.41 6.13 -4.43
N ASP E 89 -2.77 5.07 -5.14
CA ASP E 89 -2.74 3.69 -4.65
C ASP E 89 -1.36 3.24 -4.16
N ILE E 90 -0.28 3.75 -4.76
CA ILE E 90 1.07 3.43 -4.30
C ILE E 90 1.30 4.10 -2.96
N ASP E 91 0.99 5.39 -2.83
CA ASP E 91 1.19 6.13 -1.60
C ASP E 91 0.32 5.59 -0.47
N ARG E 92 -0.95 5.24 -0.70
CA ARG E 92 -1.80 4.61 0.33
C ARG E 92 -1.17 3.37 0.95
N VAL E 93 -0.49 2.55 0.17
CA VAL E 93 0.23 1.38 0.68
C VAL E 93 1.53 1.79 1.38
N GLN E 94 2.32 2.69 0.81
CA GLN E 94 3.64 3.01 1.32
C GLN E 94 3.68 3.93 2.53
N VAL E 95 2.67 4.77 2.81
CA VAL E 95 2.69 5.65 3.99
C VAL E 95 2.54 4.89 5.33
N ALA E 96 2.92 5.54 6.44
CA ALA E 96 3.03 4.95 7.77
C ALA E 96 1.71 4.55 8.46
N GLY E 97 0.56 5.05 8.01
CA GLY E 97 -0.76 4.77 8.57
C GLY E 97 -1.88 5.38 7.71
N SER E 98 -3.14 5.28 8.13
CA SER E 98 -4.32 5.65 7.32
C SER E 98 -4.33 7.10 6.82
N LEU E 99 -4.79 7.30 5.57
CA LEU E 99 -5.04 8.59 4.93
C LEU E 99 -6.49 9.07 5.06
N GLU E 100 -7.36 8.40 5.84
CA GLU E 100 -8.77 8.81 6.00
C GLU E 100 -8.92 10.23 6.56
N ALA E 101 -7.92 10.73 7.27
CA ALA E 101 -7.85 12.10 7.78
C ALA E 101 -8.04 13.16 6.69
N TYR E 102 -7.62 12.91 5.45
CA TYR E 102 -7.82 13.86 4.35
C TYR E 102 -9.29 14.00 3.95
N THR E 103 -10.10 12.95 4.09
CA THR E 103 -11.55 13.05 3.85
C THR E 103 -12.23 13.88 4.95
N ARG E 104 -11.84 13.70 6.21
CA ARG E 104 -12.33 14.49 7.34
C ARG E 104 -11.90 15.95 7.22
N ALA E 105 -10.67 16.23 6.83
CA ALA E 105 -10.20 17.58 6.57
C ALA E 105 -11.00 18.25 5.45
N GLY E 106 -11.30 17.55 4.36
CA GLY E 106 -12.12 18.09 3.27
C GLY E 106 -13.56 18.36 3.67
N ALA E 107 -14.19 17.45 4.39
CA ALA E 107 -15.53 17.66 4.94
C ALA E 107 -15.58 18.86 5.89
N THR E 108 -14.56 19.02 6.74
CA THR E 108 -14.39 20.14 7.67
C THR E 108 -14.11 21.46 6.95
N ALA E 109 -13.39 21.46 5.84
CA ALA E 109 -13.14 22.69 5.09
C ALA E 109 -14.44 23.23 4.49
N LEU E 110 -15.32 22.36 3.99
CA LEU E 110 -16.67 22.77 3.58
C LEU E 110 -17.51 23.27 4.75
N ALA E 111 -17.54 22.57 5.88
CA ALA E 111 -18.28 23.05 7.06
C ALA E 111 -17.78 24.42 7.54
N THR E 112 -16.47 24.66 7.51
CA THR E 112 -15.89 25.96 7.81
C THR E 112 -16.35 27.03 6.82
N ASP E 113 -16.41 26.73 5.52
CA ASP E 113 -16.78 27.73 4.53
C ASP E 113 -18.26 28.15 4.64
N THR E 114 -19.15 27.22 5.01
CA THR E 114 -20.54 27.52 5.35
C THR E 114 -20.64 28.45 6.55
N ASP E 115 -19.93 28.14 7.63
CA ASP E 115 -19.98 28.89 8.87
C ASP E 115 -19.47 30.31 8.66
N LYS E 116 -18.36 30.48 7.94
CA LYS E 116 -17.87 31.80 7.53
C LYS E 116 -18.83 32.53 6.61
N PHE E 117 -19.52 31.84 5.71
CA PHE E 117 -20.53 32.48 4.88
C PHE E 117 -21.67 33.05 5.74
N ILE E 118 -22.25 32.28 6.65
CA ILE E 118 -23.32 32.77 7.53
C ILE E 118 -22.81 33.91 8.44
N ALA E 119 -21.63 33.77 9.05
CA ALA E 119 -21.04 34.80 9.90
C ALA E 119 -20.87 36.14 9.16
N ASP E 120 -20.29 36.13 7.95
CA ASP E 120 -20.12 37.34 7.17
C ASP E 120 -21.45 37.95 6.73
N MET E 121 -22.44 37.12 6.41
CA MET E 121 -23.75 37.57 5.99
C MET E 121 -24.50 38.26 7.13
N LEU E 122 -24.44 37.74 8.37
CA LEU E 122 -24.97 38.45 9.54
C LEU E 122 -24.22 39.76 9.80
N VAL E 123 -22.90 39.75 9.76
CA VAL E 123 -22.09 40.95 10.00
C VAL E 123 -22.34 42.02 8.95
N ASP E 124 -22.31 41.68 7.66
CA ASP E 124 -22.39 42.67 6.59
C ASP E 124 -23.79 43.25 6.41
N ASN E 125 -24.85 42.54 6.79
CA ASN E 125 -26.23 42.95 6.54
C ASN E 125 -27.04 43.29 7.80
N GLY E 126 -26.55 43.02 9.01
CA GLY E 126 -27.15 43.56 10.24
C GLY E 126 -26.90 45.06 10.44
N THR E 127 -27.66 45.68 11.33
CA THR E 127 -27.55 47.10 11.71
C THR E 127 -26.39 47.33 12.68
N ALA E 128 -25.67 48.44 12.56
CA ALA E 128 -24.51 48.73 13.41
C ALA E 128 -24.89 49.26 14.80
N LEU E 129 -24.24 48.77 15.85
CA LEU E 129 -24.29 49.31 17.22
C LEU E 129 -23.25 50.42 17.35
N THR E 130 -23.61 51.55 17.95
CA THR E 130 -22.81 52.80 17.88
C THR E 130 -21.60 52.88 18.84
N GLY E 131 -21.50 52.03 19.86
CA GLY E 131 -20.51 52.15 20.94
C GLY E 131 -19.03 52.11 20.52
N SER E 132 -18.15 52.48 21.45
CA SER E 132 -16.69 52.37 21.30
C SER E 132 -16.16 51.08 21.94
N ALA E 133 -14.92 50.68 21.61
CA ALA E 133 -14.35 49.45 22.14
C ALA E 133 -14.27 49.47 23.68
N PRO E 134 -14.55 48.35 24.37
CA PRO E 134 -14.59 48.32 25.82
C PRO E 134 -13.21 48.60 26.43
N SER E 135 -13.14 49.52 27.38
CA SER E 135 -11.93 49.81 28.15
C SER E 135 -11.81 48.88 29.37
N ASP E 136 -12.93 48.35 29.84
CA ASP E 136 -13.02 47.48 31.01
C ASP E 136 -14.15 46.45 30.91
N ALA E 137 -14.23 45.55 31.89
CA ALA E 137 -15.19 44.46 31.86
C ALA E 137 -16.66 44.89 31.95
N ASP E 138 -16.95 46.03 32.57
CA ASP E 138 -18.29 46.58 32.63
C ASP E 138 -18.66 47.26 31.31
N ASP E 139 -17.72 47.86 30.60
CA ASP E 139 -17.99 48.32 29.25
C ASP E 139 -18.44 47.18 28.34
N ALA E 140 -17.80 46.01 28.43
CA ALA E 140 -18.21 44.86 27.65
C ALA E 140 -19.61 44.38 28.04
N PHE E 141 -19.94 44.35 29.33
CA PHE E 141 -21.29 43.99 29.75
C PHE E 141 -22.32 45.04 29.30
N ASP E 142 -21.99 46.32 29.38
CA ASP E 142 -22.84 47.41 28.90
C ASP E 142 -23.03 47.38 27.39
N LEU E 143 -22.03 47.02 26.60
CA LEU E 143 -22.18 46.82 25.17
C LEU E 143 -23.17 45.71 24.87
N ILE E 144 -23.09 44.57 25.55
CA ILE E 144 -24.04 43.48 25.35
C ILE E 144 -25.45 43.90 25.78
N ALA E 145 -25.58 44.53 26.94
CA ALA E 145 -26.86 45.03 27.45
C ALA E 145 -27.48 46.09 26.53
N SER E 146 -26.66 46.99 25.97
CA SER E 146 -27.13 47.99 25.02
C SER E 146 -27.44 47.42 23.64
N ALA E 147 -26.74 46.38 23.18
CA ALA E 147 -27.12 45.66 21.97
C ALA E 147 -28.48 44.98 22.11
N LEU E 148 -28.74 44.33 23.25
CA LEU E 148 -30.04 43.75 23.55
C LEU E 148 -31.14 44.81 23.66
N LYS E 149 -30.83 45.98 24.21
CA LYS E 149 -31.72 47.15 24.16
C LYS E 149 -32.03 47.57 22.73
N GLU E 150 -31.06 47.61 21.85
CA GLU E 150 -31.27 48.03 20.47
C GLU E 150 -32.16 47.06 19.68
N LEU E 151 -32.09 45.76 19.95
CA LEU E 151 -33.09 44.79 19.50
C LEU E 151 -34.49 45.10 20.07
N THR E 152 -34.61 45.31 21.37
CA THR E 152 -35.92 45.61 22.01
C THR E 152 -36.54 46.91 21.51
N LYS E 153 -35.73 47.95 21.29
CA LYS E 153 -36.19 49.22 20.74
C LYS E 153 -36.75 49.03 19.33
N ALA E 154 -36.17 48.11 18.56
CA ALA E 154 -36.66 47.67 17.25
C ALA E 154 -37.81 46.66 17.30
N ASN E 155 -38.43 46.42 18.47
CA ASN E 155 -39.56 45.52 18.67
C ASN E 155 -39.31 44.05 18.31
N VAL E 156 -38.04 43.62 18.31
CA VAL E 156 -37.63 42.23 18.07
C VAL E 156 -38.15 41.32 19.20
N PRO E 157 -38.62 40.09 18.95
CA PRO E 157 -39.18 39.23 19.99
C PRO E 157 -38.23 39.01 21.18
N ASN E 158 -38.76 38.88 22.39
CA ASN E 158 -37.93 38.86 23.61
C ASN E 158 -37.32 37.50 23.93
N VAL E 159 -38.01 36.41 23.61
CA VAL E 159 -37.58 35.03 23.93
C VAL E 159 -36.72 34.47 22.82
N GLY E 160 -35.65 33.74 23.17
CA GLY E 160 -34.84 32.99 22.22
C GLY E 160 -33.73 33.77 21.53
N ARG E 161 -33.40 34.99 21.96
CA ARG E 161 -32.28 35.77 21.42
C ARG E 161 -30.92 35.12 21.67
N VAL E 162 -29.98 35.41 20.78
CA VAL E 162 -28.61 34.88 20.78
C VAL E 162 -27.64 36.03 20.58
N VAL E 163 -26.50 36.00 21.26
CA VAL E 163 -25.34 36.86 21.00
C VAL E 163 -24.16 35.96 20.65
N VAL E 164 -23.50 36.20 19.52
CA VAL E 164 -22.28 35.48 19.13
C VAL E 164 -21.11 36.44 19.23
N VAL E 165 -20.09 36.09 19.99
CA VAL E 165 -18.93 36.93 20.30
C VAL E 165 -17.65 36.31 19.76
N ASN E 166 -16.69 37.13 19.35
CA ASN E 166 -15.34 36.65 19.05
C ASN E 166 -14.50 36.45 20.33
N ALA E 167 -13.33 35.84 20.24
CA ALA E 167 -12.47 35.62 21.40
C ALA E 167 -12.04 36.92 22.11
N GLU E 168 -11.85 38.01 21.37
CA GLU E 168 -11.53 39.32 21.95
C GLU E 168 -12.65 39.86 22.85
N MET E 169 -13.90 39.76 22.42
CA MET E 169 -15.04 40.13 23.26
C MET E 169 -15.25 39.13 24.41
N ALA E 170 -15.12 37.83 24.17
CA ALA E 170 -15.28 36.82 25.21
C ALA E 170 -14.26 36.96 26.35
N PHE E 171 -13.06 37.43 26.05
CA PHE E 171 -12.06 37.74 27.07
C PHE E 171 -12.61 38.68 28.16
N TRP E 172 -13.35 39.72 27.81
CA TRP E 172 -13.91 40.61 28.83
C TRP E 172 -14.91 39.92 29.74
N LEU E 173 -15.72 39.02 29.22
CA LEU E 173 -16.63 38.23 30.04
C LEU E 173 -15.90 37.28 30.99
N ARG E 174 -14.63 36.95 30.74
CA ARG E 174 -13.77 36.17 31.64
C ARG E 174 -12.62 36.98 32.26
N SER E 175 -12.63 38.30 32.14
CA SER E 175 -11.58 39.16 32.70
C SER E 175 -11.72 39.26 34.22
N SER E 176 -10.76 39.90 34.87
CA SER E 176 -10.74 40.12 36.32
C SER E 176 -11.92 40.97 36.79
N GLY E 177 -12.35 41.96 36.02
CA GLY E 177 -13.47 42.83 36.38
C GLY E 177 -14.86 42.26 36.09
N SER E 178 -14.96 41.07 35.49
CA SER E 178 -16.23 40.49 35.08
C SER E 178 -17.12 40.07 36.25
N LYS E 179 -18.43 40.29 36.13
CA LYS E 179 -19.44 39.74 37.06
C LYS E 179 -19.37 38.22 37.18
N LEU E 180 -18.99 37.54 36.11
CA LEU E 180 -18.96 36.09 36.04
C LEU E 180 -17.75 35.50 36.75
N THR E 181 -16.61 36.18 36.78
CA THR E 181 -15.42 35.68 37.48
C THR E 181 -15.41 36.02 38.96
N SER E 182 -16.56 36.21 39.58
CA SER E 182 -16.68 36.33 41.02
C SER E 182 -17.90 35.57 41.54
N ALA E 183 -17.68 34.76 42.57
CA ALA E 183 -18.65 33.84 43.12
C ALA E 183 -19.71 34.50 44.00
N ASP E 184 -19.62 35.79 44.27
CA ASP E 184 -20.63 36.60 44.93
C ASP E 184 -21.54 37.33 43.93
N THR E 185 -20.96 37.79 42.83
CA THR E 185 -21.57 38.67 41.84
C THR E 185 -22.36 37.88 40.82
N SER E 186 -21.85 36.71 40.42
CA SER E 186 -22.64 35.59 39.93
C SER E 186 -22.98 34.66 41.09
N GLY E 187 -23.82 33.65 40.88
CA GLY E 187 -24.33 32.82 41.97
C GLY E 187 -23.37 31.77 42.52
N ASP E 188 -22.24 31.50 41.86
CA ASP E 188 -21.38 30.34 42.13
C ASP E 188 -19.95 30.53 41.60
N ALA E 189 -19.05 29.63 41.97
CA ALA E 189 -17.65 29.67 41.59
C ALA E 189 -17.35 29.25 40.14
N ALA E 190 -18.30 28.68 39.39
CA ALA E 190 -18.04 28.07 38.10
C ALA E 190 -17.51 29.04 37.03
N GLY E 191 -17.90 30.30 37.03
CA GLY E 191 -17.32 31.30 36.13
C GLY E 191 -15.87 31.67 36.44
N LEU E 192 -15.41 31.47 37.68
CA LEU E 192 -14.01 31.64 38.06
C LEU E 192 -13.18 30.36 37.85
N ARG E 193 -13.74 29.20 38.21
CA ARG E 193 -13.09 27.90 38.18
C ARG E 193 -13.11 27.24 36.81
N ALA E 194 -14.30 26.92 36.28
CA ALA E 194 -14.47 26.32 34.97
C ALA E 194 -14.40 27.34 33.81
N GLY E 195 -14.59 28.63 34.09
CA GLY E 195 -14.66 29.66 33.05
C GLY E 195 -15.97 29.70 32.27
N THR E 196 -17.06 29.11 32.77
CA THR E 196 -18.37 29.12 32.12
C THR E 196 -18.93 30.54 31.96
N ILE E 197 -19.34 30.93 30.74
CA ILE E 197 -20.01 32.22 30.52
C ILE E 197 -21.52 32.13 30.79
N GLY E 198 -22.22 31.16 30.23
CA GLY E 198 -23.67 30.97 30.43
C GLY E 198 -24.55 31.97 29.68
N ASN E 199 -25.84 32.01 29.99
CA ASN E 199 -26.76 33.03 29.46
C ASN E 199 -26.57 34.37 30.19
N LEU E 200 -26.66 35.48 29.47
CA LEU E 200 -26.65 36.83 30.04
C LEU E 200 -27.92 37.56 29.62
N LEU E 201 -28.59 38.20 30.57
CA LEU E 201 -29.78 39.01 30.33
C LEU E 201 -30.86 38.26 29.53
N GLY E 202 -30.94 36.94 29.70
CA GLY E 202 -31.89 36.08 29.00
C GLY E 202 -31.50 35.69 27.57
N ALA E 203 -30.48 36.29 26.97
CA ALA E 203 -29.88 35.85 25.71
C ALA E 203 -28.84 34.75 25.94
N ARG E 204 -28.73 33.78 25.03
CA ARG E 204 -27.61 32.84 24.98
C ARG E 204 -26.35 33.57 24.54
N ILE E 205 -25.21 33.31 25.17
CA ILE E 205 -23.91 33.79 24.68
C ILE E 205 -23.14 32.62 24.07
N VAL E 206 -22.69 32.79 22.83
CA VAL E 206 -21.99 31.78 22.03
C VAL E 206 -20.67 32.37 21.54
N GLU E 207 -19.61 31.58 21.47
CA GLU E 207 -18.29 32.02 20.99
C GLU E 207 -17.96 31.46 19.60
N SER E 208 -17.40 32.27 18.72
CA SER E 208 -16.94 31.83 17.39
C SER E 208 -15.67 32.53 16.93
N ASN E 209 -14.72 31.78 16.39
CA ASN E 209 -13.57 32.34 15.69
C ASN E 209 -13.84 32.67 14.22
N ASN E 210 -15.01 32.33 13.68
CA ASN E 210 -15.38 32.56 12.29
C ASN E 210 -15.96 33.97 12.01
N LEU E 211 -16.16 34.81 13.02
CA LEU E 211 -16.40 36.26 12.83
C LEU E 211 -15.18 36.94 12.21
N ARG E 212 -15.37 37.97 11.38
CA ARG E 212 -14.32 38.47 10.49
C ARG E 212 -13.14 39.07 11.24
N ASP E 213 -13.40 39.83 12.31
CA ASP E 213 -12.36 40.48 13.09
C ASP E 213 -11.86 39.55 14.19
N THR E 214 -10.56 39.27 14.20
CA THR E 214 -9.92 38.37 15.15
C THR E 214 -9.07 39.11 16.18
N ASP E 215 -8.85 40.43 16.08
CA ASP E 215 -7.96 41.13 17.01
C ASP E 215 -8.53 42.41 17.63
N ASP E 216 -9.70 42.86 17.19
CA ASP E 216 -10.57 43.74 17.96
C ASP E 216 -11.87 43.03 18.28
N GLU E 217 -12.57 43.49 19.31
CA GLU E 217 -13.83 42.94 19.76
C GLU E 217 -14.90 43.05 18.67
N GLN E 218 -15.69 42.00 18.46
CA GLN E 218 -16.77 41.98 17.49
C GLN E 218 -17.85 41.02 17.98
N PHE E 219 -19.11 41.35 17.80
CA PHE E 219 -20.20 40.45 18.11
C PHE E 219 -21.45 40.76 17.30
N VAL E 220 -22.33 39.78 17.16
CA VAL E 220 -23.66 39.96 16.59
C VAL E 220 -24.70 39.53 17.60
N ALA E 221 -25.66 40.38 17.93
CA ALA E 221 -26.85 40.02 18.70
C ALA E 221 -28.04 39.92 17.75
N PHE E 222 -28.81 38.84 17.81
CA PHE E 222 -29.93 38.65 16.90
C PHE E 222 -31.01 37.73 17.44
N HIS E 223 -32.18 37.82 16.83
CA HIS E 223 -33.20 36.79 16.96
C HIS E 223 -33.04 35.74 15.86
N PRO E 224 -33.14 34.43 16.14
CA PRO E 224 -33.01 33.36 15.17
C PRO E 224 -33.84 33.54 13.90
N SER E 225 -35.05 34.09 14.01
CA SER E 225 -35.96 34.31 12.87
C SER E 225 -35.49 35.37 11.89
N ALA E 226 -34.55 36.25 12.23
CA ALA E 226 -34.18 37.41 11.43
C ALA E 226 -33.30 37.10 10.21
N ALA E 227 -32.67 35.93 10.20
CA ALA E 227 -31.81 35.48 9.13
C ALA E 227 -32.08 34.03 8.79
N ALA E 228 -32.01 33.65 7.52
CA ALA E 228 -32.31 32.31 7.05
C ALA E 228 -31.19 31.74 6.20
N TYR E 229 -31.02 30.43 6.27
CA TYR E 229 -30.02 29.66 5.54
C TYR E 229 -30.66 28.40 4.96
N VAL E 230 -30.35 28.09 3.71
CA VAL E 230 -30.77 26.89 3.01
C VAL E 230 -29.56 26.12 2.57
N SER E 231 -29.41 24.88 3.03
CA SER E 231 -28.59 23.85 2.41
C SER E 231 -29.45 23.09 1.40
N GLN E 232 -29.15 23.20 0.11
CA GLN E 232 -29.92 22.55 -0.94
C GLN E 232 -29.31 21.23 -1.39
N ILE E 233 -27.99 21.17 -1.53
CA ILE E 233 -27.26 19.94 -1.86
C ILE E 233 -26.06 19.81 -0.95
N ASP E 234 -25.82 18.63 -0.39
CA ASP E 234 -24.59 18.29 0.29
C ASP E 234 -24.30 16.82 0.04
N THR E 235 -23.38 16.52 -0.85
CA THR E 235 -23.12 15.16 -1.35
C THR E 235 -21.64 14.86 -1.46
N VAL E 236 -21.22 13.64 -1.12
CA VAL E 236 -19.85 13.15 -1.30
C VAL E 236 -19.82 11.91 -2.19
N GLU E 237 -18.82 11.84 -3.05
CA GLU E 237 -18.67 10.85 -4.11
C GLU E 237 -17.24 10.31 -4.18
N ALA E 238 -17.10 9.00 -4.37
CA ALA E 238 -15.83 8.33 -4.62
C ALA E 238 -15.76 7.77 -6.06
N LEU E 239 -14.60 7.92 -6.69
CA LEU E 239 -14.31 7.50 -8.06
C LEU E 239 -12.90 6.90 -8.16
N ARG E 240 -12.61 6.19 -9.25
CA ARG E 240 -11.23 5.91 -9.69
C ARG E 240 -10.73 7.01 -10.60
N ASP E 241 -9.48 7.44 -10.44
CA ASP E 241 -8.81 8.30 -11.40
C ASP E 241 -8.66 7.60 -12.76
N GLN E 242 -8.90 8.31 -13.86
CA GLN E 242 -8.72 7.80 -15.21
C GLN E 242 -7.25 7.76 -15.63
N ASP E 243 -6.42 8.72 -15.23
CA ASP E 243 -5.02 8.82 -15.68
C ASP E 243 -4.03 8.05 -14.80
N SER E 244 -4.43 7.53 -13.65
CA SER E 244 -3.51 6.88 -12.72
C SER E 244 -4.22 5.87 -11.84
N PHE E 245 -3.46 5.02 -11.17
CA PHE E 245 -3.97 4.19 -10.09
C PHE E 245 -4.14 5.04 -8.82
N SER E 246 -5.22 5.81 -8.74
CA SER E 246 -5.57 6.65 -7.59
C SER E 246 -7.04 6.53 -7.30
N ASP E 247 -7.41 6.56 -6.04
CA ASP E 247 -8.77 6.93 -5.66
C ASP E 247 -8.96 8.43 -5.83
N ARG E 248 -10.18 8.86 -6.09
CA ARG E 248 -10.60 10.26 -6.10
C ARG E 248 -11.76 10.42 -5.14
N ILE E 249 -11.73 11.46 -4.33
CA ILE E 249 -12.84 11.87 -3.47
C ILE E 249 -13.28 13.25 -3.95
N ARG E 250 -14.57 13.44 -4.21
CA ARG E 250 -15.12 14.76 -4.48
C ARG E 250 -16.42 15.01 -3.75
N ALA E 251 -16.59 16.21 -3.22
CA ALA E 251 -17.79 16.64 -2.53
C ALA E 251 -18.28 17.98 -3.06
N LEU E 252 -19.58 18.17 -3.09
CA LEU E 252 -20.25 19.37 -3.56
C LEU E 252 -21.21 19.82 -2.48
N HIS E 253 -21.23 21.12 -2.24
CA HIS E 253 -22.20 21.74 -1.37
C HIS E 253 -22.83 22.95 -2.07
N VAL E 254 -24.16 22.99 -2.12
CA VAL E 254 -24.94 24.07 -2.72
C VAL E 254 -25.86 24.67 -1.68
N TYR E 255 -25.79 25.98 -1.50
CA TYR E 255 -26.48 26.68 -0.41
C TYR E 255 -26.71 28.16 -0.71
N GLY E 256 -27.48 28.82 0.14
CA GLY E 256 -27.61 30.27 0.21
C GLY E 256 -28.25 30.74 1.51
N GLY E 257 -28.26 32.04 1.74
CA GLY E 257 -28.92 32.63 2.89
C GLY E 257 -29.01 34.15 2.84
N LYS E 258 -29.92 34.73 3.62
CA LYS E 258 -30.26 36.16 3.63
C LYS E 258 -30.63 36.59 5.03
N VAL E 259 -30.31 37.81 5.45
CA VAL E 259 -31.01 38.42 6.58
C VAL E 259 -32.36 38.93 6.09
N VAL E 260 -33.42 38.17 6.40
CA VAL E 260 -34.78 38.48 5.96
C VAL E 260 -35.40 39.67 6.70
N ARG E 261 -34.85 40.05 7.85
CA ARG E 261 -35.27 41.20 8.69
C ARG E 261 -34.04 41.96 9.23
N PRO E 262 -33.51 42.98 8.53
CA PRO E 262 -32.26 43.63 8.91
C PRO E 262 -32.18 44.19 10.34
N THR E 263 -33.26 44.75 10.86
CA THR E 263 -33.35 45.29 12.23
C THR E 263 -33.33 44.22 13.31
N GLY E 264 -33.55 42.96 12.97
CA GLY E 264 -33.43 41.83 13.89
C GLY E 264 -32.01 41.36 14.14
N VAL E 265 -31.01 41.94 13.48
CA VAL E 265 -29.59 41.67 13.68
C VAL E 265 -28.87 42.98 14.03
N VAL E 266 -28.14 42.99 15.14
CA VAL E 266 -27.37 44.12 15.66
C VAL E 266 -25.90 43.72 15.71
N VAL E 267 -25.02 44.56 15.17
CA VAL E 267 -23.62 44.24 14.88
C VAL E 267 -22.69 45.24 15.54
N PHE E 268 -21.81 44.78 16.42
CA PHE E 268 -20.80 45.61 17.05
C PHE E 268 -19.45 45.41 16.34
N ASN E 269 -18.78 46.52 16.02
CA ASN E 269 -17.58 46.56 15.17
C ASN E 269 -17.84 46.00 13.76
N LYS E 270 -18.90 46.47 13.12
CA LYS E 270 -19.36 46.00 11.79
C LYS E 270 -18.29 46.12 10.71
N THR E 271 -17.50 47.19 10.72
CA THR E 271 -16.41 47.40 9.75
C THR E 271 -15.10 46.68 10.08
N GLY E 272 -15.03 45.93 11.18
CA GLY E 272 -13.81 45.27 11.64
C GLY E 272 -13.31 44.20 10.67
N SER E 273 -12.00 44.15 10.44
CA SER E 273 -11.34 43.30 9.44
C SER E 273 -9.97 42.81 9.90
N ALA F 2 -15.31 -19.56 -62.36
CA ALA F 2 -15.78 -20.41 -61.24
C ALA F 2 -16.61 -19.59 -60.24
N PHE F 3 -16.99 -20.15 -59.10
CA PHE F 3 -17.68 -19.43 -58.03
C PHE F 3 -16.76 -18.41 -57.34
N ASN F 4 -16.87 -17.13 -57.67
CA ASN F 4 -16.05 -16.06 -57.10
C ASN F 4 -16.63 -15.45 -55.83
N ASN F 5 -17.89 -15.74 -55.49
CA ASN F 5 -18.63 -15.10 -54.42
C ASN F 5 -19.27 -16.09 -53.44
N PHE F 6 -19.61 -17.32 -53.86
CA PHE F 6 -20.31 -18.28 -53.00
C PHE F 6 -19.41 -19.22 -52.18
N ILE F 7 -18.10 -19.26 -52.44
CA ILE F 7 -17.14 -20.07 -51.67
C ILE F 7 -16.71 -19.30 -50.41
N PRO F 8 -16.99 -19.78 -49.19
CA PRO F 8 -16.66 -19.07 -47.97
C PRO F 8 -15.19 -19.18 -47.60
N GLU F 9 -14.79 -18.38 -46.62
CA GLU F 9 -13.56 -18.55 -45.86
C GLU F 9 -13.93 -18.78 -44.40
N LEU F 10 -13.17 -19.61 -43.70
CA LEU F 10 -13.48 -19.99 -42.32
C LEU F 10 -12.55 -19.24 -41.38
N TRP F 11 -13.04 -18.78 -40.23
CA TRP F 11 -12.22 -18.28 -39.12
C TRP F 11 -12.28 -19.23 -37.95
N SER F 12 -11.13 -19.58 -37.39
CA SER F 12 -11.05 -20.32 -36.13
C SER F 12 -11.54 -19.45 -34.98
N ASP F 13 -12.43 -19.97 -34.14
CA ASP F 13 -13.00 -19.24 -32.99
C ASP F 13 -12.04 -19.16 -31.78
N MET F 14 -10.88 -19.80 -31.85
CA MET F 14 -9.82 -19.70 -30.84
C MET F 14 -8.67 -18.82 -31.33
N LEU F 15 -8.22 -17.88 -30.51
CA LEU F 15 -6.91 -17.25 -30.71
C LEU F 15 -5.78 -18.23 -30.33
N LEU F 16 -4.69 -18.24 -31.09
CA LEU F 16 -3.44 -18.84 -30.66
C LEU F 16 -2.83 -18.00 -29.53
N GLU F 17 -2.47 -18.66 -28.43
CA GLU F 17 -1.69 -18.07 -27.36
C GLU F 17 -0.22 -17.90 -27.76
N GLU F 18 0.44 -16.88 -27.24
CA GLU F 18 1.89 -16.76 -27.28
C GLU F 18 2.55 -17.98 -26.59
N TRP F 19 3.65 -18.49 -27.15
CA TRP F 19 4.55 -19.37 -26.41
C TRP F 19 5.57 -18.51 -25.66
N THR F 20 5.55 -18.60 -24.33
CA THR F 20 6.27 -17.71 -23.40
C THR F 20 7.17 -18.50 -22.47
N ALA F 21 8.33 -17.94 -22.15
CA ALA F 21 9.30 -18.56 -21.26
C ALA F 21 8.70 -18.82 -19.87
N GLN F 22 8.98 -19.98 -19.28
CA GLN F 22 8.55 -20.27 -17.92
C GLN F 22 9.34 -19.39 -16.93
N THR F 23 8.64 -18.63 -16.10
CA THR F 23 9.27 -17.77 -15.09
C THR F 23 9.64 -18.56 -13.84
N VAL F 24 10.89 -18.46 -13.39
CA VAL F 24 11.42 -19.25 -12.25
C VAL F 24 12.07 -18.42 -11.16
N PHE F 25 12.67 -17.27 -11.46
CA PHE F 25 13.56 -16.60 -10.53
C PHE F 25 12.90 -16.10 -9.26
N ALA F 26 11.64 -15.67 -9.29
CA ALA F 26 10.95 -15.13 -8.12
C ALA F 26 10.75 -16.15 -6.98
N ASN F 27 10.92 -17.44 -7.24
CA ASN F 27 10.87 -18.51 -6.24
C ASN F 27 12.25 -18.97 -5.76
N LEU F 28 13.33 -18.58 -6.45
CA LEU F 28 14.70 -18.98 -6.11
C LEU F 28 15.40 -18.00 -5.17
N VAL F 29 15.11 -16.70 -5.28
CA VAL F 29 15.70 -15.64 -4.46
C VAL F 29 15.00 -15.48 -3.10
N ASN F 30 15.65 -14.83 -2.15
CA ASN F 30 15.13 -14.58 -0.81
C ASN F 30 13.91 -13.64 -0.81
N ARG F 31 12.82 -14.04 -0.13
CA ARG F 31 11.57 -13.29 0.00
C ARG F 31 11.33 -12.74 1.41
N GLU F 32 12.25 -12.93 2.36
CA GLU F 32 11.97 -12.68 3.78
C GLU F 32 11.61 -11.22 4.10
N TYR F 33 12.15 -10.26 3.35
CA TYR F 33 11.92 -8.85 3.57
C TYR F 33 10.50 -8.38 3.17
N GLU F 34 9.64 -9.23 2.61
CA GLU F 34 8.29 -8.81 2.25
C GLU F 34 7.39 -8.45 3.44
N GLY F 35 7.66 -8.98 4.63
CA GLY F 35 6.92 -8.62 5.84
C GLY F 35 7.21 -7.18 6.27
N ILE F 36 8.49 -6.84 6.40
CA ILE F 36 8.92 -5.48 6.73
C ILE F 36 8.58 -4.50 5.61
N ALA F 37 8.71 -4.89 4.34
CA ALA F 37 8.45 -4.02 3.18
C ALA F 37 6.97 -3.89 2.79
N SER F 38 6.04 -4.24 3.68
CA SER F 38 4.62 -3.93 3.57
C SER F 38 4.30 -2.43 3.57
N LYS F 39 5.24 -1.57 3.95
CA LYS F 39 5.20 -0.10 3.99
C LYS F 39 6.53 0.48 3.48
N GLY F 40 6.58 1.78 3.18
CA GLY F 40 7.79 2.47 2.77
C GLY F 40 8.30 2.07 1.39
N ASN F 41 9.35 2.73 0.92
CA ASN F 41 9.97 2.50 -0.38
C ASN F 41 11.44 2.09 -0.32
N VAL F 42 11.97 1.84 0.88
CA VAL F 42 13.33 1.40 1.15
C VAL F 42 13.37 0.43 2.32
N VAL F 43 14.24 -0.57 2.24
CA VAL F 43 14.68 -1.36 3.40
C VAL F 43 16.17 -1.15 3.55
N HIS F 44 16.63 -0.76 4.73
CA HIS F 44 18.06 -0.70 5.06
C HIS F 44 18.49 -2.02 5.67
N ILE F 45 19.46 -2.67 5.07
CA ILE F 45 20.00 -3.95 5.52
C ILE F 45 21.44 -3.71 5.95
N ALA F 46 21.83 -4.10 7.16
CA ALA F 46 23.16 -3.87 7.70
C ALA F 46 23.87 -5.16 8.10
N GLY F 47 25.18 -5.20 7.96
CA GLY F 47 26.03 -6.33 8.32
C GLY F 47 27.15 -5.95 9.28
N VAL F 48 27.58 -6.91 10.10
CA VAL F 48 28.71 -6.72 11.02
C VAL F 48 30.01 -6.50 10.25
N VAL F 49 30.89 -5.68 10.80
CA VAL F 49 32.31 -5.68 10.44
C VAL F 49 33.04 -6.30 11.61
N ALA F 50 33.69 -7.45 11.41
CA ALA F 50 34.30 -8.18 12.51
C ALA F 50 35.50 -7.42 13.10
N PRO F 51 35.70 -7.45 14.43
CA PRO F 51 36.89 -6.88 15.05
C PRO F 51 38.17 -7.60 14.60
N THR F 52 39.24 -6.85 14.38
CA THR F 52 40.53 -7.38 13.95
C THR F 52 41.24 -8.14 15.06
N VAL F 53 41.74 -9.34 14.79
CA VAL F 53 42.65 -10.07 15.69
C VAL F 53 44.01 -9.37 15.72
N LYS F 54 44.46 -9.00 16.91
CA LYS F 54 45.73 -8.32 17.15
C LYS F 54 46.79 -9.29 17.64
N ASP F 55 48.01 -9.13 17.16
CA ASP F 55 49.18 -9.83 17.70
C ASP F 55 49.58 -9.23 19.05
N TYR F 56 48.99 -9.77 20.12
CA TYR F 56 49.12 -9.24 21.47
C TYR F 56 50.57 -9.24 21.95
N LYS F 57 51.32 -10.28 21.59
CA LYS F 57 52.74 -10.48 21.90
C LYS F 57 53.66 -9.49 21.18
N ALA F 58 53.35 -9.05 19.97
CA ALA F 58 54.15 -8.07 19.24
C ALA F 58 53.87 -6.64 19.71
N ALA F 59 52.64 -6.37 20.13
CA ALA F 59 52.21 -5.11 20.74
C ALA F 59 52.71 -4.92 22.18
N GLY F 60 53.93 -5.35 22.50
CA GLY F 60 54.36 -5.58 23.88
C GLY F 60 53.51 -6.67 24.50
N ARG F 61 52.65 -6.30 25.44
CA ARG F 61 51.43 -7.03 25.81
C ARG F 61 50.28 -6.06 26.05
N GLN F 62 50.19 -5.03 25.20
CA GLN F 62 49.20 -3.97 25.29
C GLN F 62 47.96 -4.26 24.44
N THR F 63 46.82 -3.72 24.84
CA THR F 63 45.56 -3.79 24.10
C THR F 63 44.74 -2.52 24.30
N SER F 64 43.96 -2.12 23.31
CA SER F 64 42.96 -1.06 23.43
C SER F 64 41.75 -1.37 22.56
N ALA F 65 40.58 -0.90 22.97
CA ALA F 65 39.35 -1.19 22.27
C ALA F 65 39.22 -0.33 21.01
N ASP F 66 39.07 -0.98 19.86
CA ASP F 66 38.65 -0.33 18.63
C ASP F 66 37.14 -0.09 18.65
N ALA F 67 36.67 0.96 17.97
CA ALA F 67 35.25 1.15 17.71
C ALA F 67 34.73 0.09 16.73
N ILE F 68 33.59 -0.52 17.01
CA ILE F 68 32.87 -1.38 16.05
C ILE F 68 32.16 -0.55 14.97
N SER F 69 31.74 -1.18 13.87
CA SER F 69 31.08 -0.54 12.74
C SER F 69 30.17 -1.49 11.96
N ASP F 70 29.35 -0.92 11.10
CA ASP F 70 28.45 -1.62 10.19
C ASP F 70 28.83 -1.34 8.73
N THR F 71 28.43 -2.26 7.86
CA THR F 71 28.23 -2.02 6.42
C THR F 71 26.75 -2.08 6.11
N GLY F 72 26.33 -1.54 4.98
CA GLY F 72 24.91 -1.55 4.62
C GLY F 72 24.63 -1.50 3.14
N VAL F 73 23.52 -2.11 2.75
CA VAL F 73 22.93 -2.06 1.41
C VAL F 73 21.46 -1.69 1.52
N ASP F 74 20.96 -0.97 0.53
CA ASP F 74 19.57 -0.50 0.50
C ASP F 74 18.80 -1.29 -0.56
N LEU F 75 17.75 -1.97 -0.15
CA LEU F 75 16.77 -2.54 -1.07
C LEU F 75 15.72 -1.46 -1.37
N LEU F 76 15.82 -0.84 -2.54
CA LEU F 76 14.88 0.16 -3.01
C LEU F 76 13.67 -0.52 -3.63
N ILE F 77 12.47 -0.21 -3.16
CA ILE F 77 11.22 -0.67 -3.77
C ILE F 77 10.81 0.32 -4.88
N ASP F 78 11.61 0.41 -5.93
CA ASP F 78 11.60 1.51 -6.89
C ASP F 78 11.18 1.11 -8.32
N GLN F 79 10.69 -0.11 -8.54
CA GLN F 79 10.22 -0.56 -9.84
C GLN F 79 8.70 -0.47 -9.86
N GLU F 80 8.14 0.37 -10.72
CA GLU F 80 6.70 0.54 -10.86
C GLU F 80 6.33 0.27 -12.32
N LYS F 81 5.64 -0.84 -12.57
CA LYS F 81 5.38 -1.36 -13.92
C LYS F 81 3.89 -1.56 -14.11
N SER F 82 3.40 -1.25 -15.30
CA SER F 82 1.96 -1.29 -15.56
C SER F 82 1.61 -1.86 -16.93
N ILE F 83 0.38 -2.31 -17.05
CA ILE F 83 -0.29 -2.79 -18.26
C ILE F 83 -1.61 -2.04 -18.35
N ASP F 84 -1.98 -1.53 -19.51
CA ASP F 84 -3.20 -0.72 -19.67
C ASP F 84 -3.70 -0.77 -21.11
N PHE F 85 -4.88 -1.33 -21.35
CA PHE F 85 -5.41 -1.54 -22.70
C PHE F 85 -6.93 -1.54 -22.78
N LEU F 86 -7.46 -1.28 -23.97
CA LEU F 86 -8.87 -1.27 -24.29
C LEU F 86 -9.31 -2.53 -25.01
N VAL F 87 -10.44 -3.10 -24.60
CA VAL F 87 -11.24 -3.98 -25.45
C VAL F 87 -12.47 -3.21 -25.93
N ASP F 88 -12.52 -2.89 -27.22
CA ASP F 88 -13.61 -2.15 -27.84
C ASP F 88 -14.92 -2.95 -27.85
N ASP F 89 -16.03 -2.35 -27.42
CA ASP F 89 -17.34 -3.01 -27.41
C ASP F 89 -17.78 -3.48 -28.79
N ILE F 90 -17.42 -2.79 -29.87
CA ILE F 90 -17.76 -3.23 -31.23
C ILE F 90 -16.93 -4.44 -31.59
N ASP F 91 -15.62 -4.40 -31.38
CA ASP F 91 -14.74 -5.52 -31.66
C ASP F 91 -15.13 -6.75 -30.85
N ARG F 92 -15.46 -6.63 -29.57
CA ARG F 92 -15.94 -7.77 -28.76
C ARG F 92 -17.17 -8.45 -29.38
N VAL F 93 -18.02 -7.74 -30.11
CA VAL F 93 -19.13 -8.35 -30.86
C VAL F 93 -18.66 -8.91 -32.21
N GLN F 94 -17.85 -8.16 -32.96
CA GLN F 94 -17.51 -8.48 -34.34
C GLN F 94 -16.43 -9.55 -34.52
N VAL F 95 -15.54 -9.82 -33.55
CA VAL F 95 -14.55 -10.91 -33.70
C VAL F 95 -15.18 -12.31 -33.65
N ALA F 96 -14.42 -13.32 -34.07
CA ALA F 96 -14.88 -14.70 -34.19
C ALA F 96 -15.02 -15.46 -32.87
N GLY F 97 -14.50 -14.96 -31.76
CA GLY F 97 -14.45 -15.70 -30.50
C GLY F 97 -14.14 -14.84 -29.28
N SER F 98 -13.74 -15.45 -28.17
CA SER F 98 -13.38 -14.73 -26.94
C SER F 98 -12.15 -13.83 -27.10
N LEU F 99 -12.12 -12.73 -26.34
CA LEU F 99 -10.97 -11.84 -26.16
C LEU F 99 -10.38 -11.89 -24.74
N GLU F 100 -10.79 -12.83 -23.89
CA GLU F 100 -10.26 -13.00 -22.52
C GLU F 100 -8.74 -13.22 -22.50
N ALA F 101 -8.21 -13.80 -23.58
CA ALA F 101 -6.80 -14.10 -23.75
C ALA F 101 -5.90 -12.86 -23.62
N TYR F 102 -6.38 -11.67 -23.93
CA TYR F 102 -5.60 -10.44 -23.72
C TYR F 102 -5.38 -10.13 -22.24
N THR F 103 -6.29 -10.49 -21.35
CA THR F 103 -6.06 -10.33 -19.90
C THR F 103 -5.01 -11.31 -19.40
N ARG F 104 -5.04 -12.57 -19.84
CA ARG F 104 -4.01 -13.57 -19.54
C ARG F 104 -2.66 -13.17 -20.11
N ALA F 105 -2.62 -12.64 -21.32
CA ALA F 105 -1.38 -12.15 -21.93
C ALA F 105 -0.79 -10.94 -21.20
N GLY F 106 -1.61 -10.00 -20.74
CA GLY F 106 -1.18 -8.88 -19.90
C GLY F 106 -0.58 -9.30 -18.56
N ALA F 107 -1.23 -10.24 -17.86
CA ALA F 107 -0.70 -10.82 -16.64
C ALA F 107 0.63 -11.56 -16.89
N THR F 108 0.75 -12.26 -18.02
CA THR F 108 1.98 -12.97 -18.39
C THR F 108 3.11 -12.01 -18.71
N ALA F 109 2.83 -10.86 -19.30
CA ALA F 109 3.83 -9.84 -19.56
C ALA F 109 4.40 -9.26 -18.26
N LEU F 110 3.58 -8.94 -17.25
CA LEU F 110 4.08 -8.49 -15.96
C LEU F 110 4.92 -9.56 -15.26
N ALA F 111 4.49 -10.82 -15.25
CA ALA F 111 5.31 -11.89 -14.70
C ALA F 111 6.66 -12.04 -15.43
N THR F 112 6.68 -11.92 -16.75
CA THR F 112 7.91 -12.00 -17.55
C THR F 112 8.86 -10.86 -17.23
N ASP F 113 8.35 -9.64 -17.12
CA ASP F 113 9.16 -8.47 -16.83
C ASP F 113 9.77 -8.54 -15.42
N THR F 114 9.04 -9.13 -14.50
CA THR F 114 9.50 -9.45 -13.15
C THR F 114 10.64 -10.47 -13.17
N ASP F 115 10.45 -11.61 -13.85
CA ASP F 115 11.48 -12.65 -13.96
C ASP F 115 12.74 -12.14 -14.64
N LYS F 116 12.60 -11.38 -15.71
CA LYS F 116 13.73 -10.71 -16.37
C LYS F 116 14.43 -9.72 -15.45
N PHE F 117 13.71 -8.97 -14.63
CA PHE F 117 14.36 -8.04 -13.71
C PHE F 117 15.27 -8.77 -12.72
N ILE F 118 14.77 -9.83 -12.08
CA ILE F 118 15.57 -10.61 -11.13
C ILE F 118 16.75 -11.30 -11.85
N ALA F 119 16.55 -11.82 -13.06
CA ALA F 119 17.63 -12.43 -13.83
C ALA F 119 18.72 -11.42 -14.22
N ASP F 120 18.34 -10.24 -14.71
CA ASP F 120 19.30 -9.18 -15.04
C ASP F 120 20.07 -8.69 -13.82
N MET F 121 19.41 -8.63 -12.67
CA MET F 121 20.00 -8.27 -11.39
C MET F 121 21.06 -9.29 -10.95
N LEU F 122 20.77 -10.60 -10.95
CA LEU F 122 21.78 -11.63 -10.63
C LEU F 122 22.97 -11.59 -11.58
N VAL F 123 22.73 -11.44 -12.87
CA VAL F 123 23.80 -11.41 -13.88
C VAL F 123 24.65 -10.14 -13.79
N ASP F 124 24.06 -8.96 -13.64
CA ASP F 124 24.84 -7.72 -13.62
C ASP F 124 25.60 -7.48 -12.31
N ASN F 125 25.04 -7.88 -11.17
CA ASN F 125 25.63 -7.58 -9.86
C ASN F 125 26.42 -8.74 -9.25
N GLY F 126 26.25 -9.96 -9.75
CA GLY F 126 27.04 -11.12 -9.35
C GLY F 126 28.51 -11.07 -9.80
N THR F 127 29.33 -11.92 -9.20
CA THR F 127 30.78 -12.04 -9.42
C THR F 127 31.06 -12.85 -10.68
N ALA F 128 31.94 -12.40 -11.58
CA ALA F 128 32.22 -13.15 -12.80
C ALA F 128 33.06 -14.42 -12.56
N LEU F 129 32.75 -15.51 -13.26
CA LEU F 129 33.53 -16.75 -13.29
C LEU F 129 34.45 -16.76 -14.51
N THR F 130 35.75 -16.98 -14.31
CA THR F 130 36.80 -16.76 -15.31
C THR F 130 37.03 -17.89 -16.34
N GLY F 131 36.09 -18.79 -16.56
CA GLY F 131 36.20 -19.85 -17.58
C GLY F 131 36.13 -19.38 -19.04
N SER F 132 36.02 -20.32 -19.96
CA SER F 132 35.73 -20.10 -21.38
C SER F 132 34.75 -21.15 -21.92
N ALA F 133 34.08 -20.87 -23.04
CA ALA F 133 32.92 -21.62 -23.51
C ALA F 133 33.22 -23.12 -23.70
N PRO F 134 32.39 -24.02 -23.16
CA PRO F 134 32.73 -25.43 -23.11
C PRO F 134 32.78 -26.06 -24.50
N SER F 135 33.82 -26.83 -24.78
CA SER F 135 33.98 -27.49 -26.08
C SER F 135 33.32 -28.87 -26.14
N ASP F 136 33.04 -29.46 -24.98
CA ASP F 136 32.45 -30.80 -24.84
C ASP F 136 31.66 -30.91 -23.52
N ALA F 137 30.99 -32.03 -23.31
CA ALA F 137 30.14 -32.23 -22.15
C ALA F 137 30.89 -32.27 -20.81
N ASP F 138 32.17 -32.63 -20.80
CA ASP F 138 32.99 -32.55 -19.60
C ASP F 138 33.37 -31.11 -19.29
N ASP F 139 33.75 -30.30 -20.27
CA ASP F 139 33.96 -28.87 -20.06
C ASP F 139 32.74 -28.19 -19.42
N ALA F 140 31.53 -28.58 -19.80
CA ALA F 140 30.32 -28.08 -19.16
C ALA F 140 30.20 -28.54 -17.71
N PHE F 141 30.41 -29.82 -17.42
CA PHE F 141 30.36 -30.31 -16.03
C PHE F 141 31.45 -29.66 -15.16
N ASP F 142 32.64 -29.44 -15.71
CA ASP F 142 33.73 -28.71 -15.06
C ASP F 142 33.43 -27.23 -14.85
N LEU F 143 32.70 -26.55 -15.73
CA LEU F 143 32.25 -25.18 -15.45
C LEU F 143 31.32 -25.15 -14.25
N ILE F 144 30.34 -26.05 -14.17
CA ILE F 144 29.42 -26.08 -13.02
C ILE F 144 30.17 -26.46 -11.74
N ALA F 145 31.06 -27.45 -11.79
CA ALA F 145 31.89 -27.82 -10.64
C ALA F 145 32.78 -26.67 -10.18
N SER F 146 33.44 -25.98 -11.11
CA SER F 146 34.29 -24.85 -10.78
C SER F 146 33.50 -23.61 -10.32
N ALA F 147 32.26 -23.41 -10.75
CA ALA F 147 31.38 -22.38 -10.18
C ALA F 147 31.03 -22.69 -8.72
N LEU F 148 30.72 -23.93 -8.40
CA LEU F 148 30.44 -24.32 -7.02
C LEU F 148 31.67 -24.21 -6.11
N LYS F 149 32.86 -24.46 -6.65
CA LYS F 149 34.14 -24.16 -5.99
C LYS F 149 34.30 -22.66 -5.75
N GLU F 150 33.93 -21.81 -6.70
CA GLU F 150 34.04 -20.37 -6.55
C GLU F 150 33.15 -19.85 -5.41
N LEU F 151 31.95 -20.41 -5.23
CA LEU F 151 31.12 -20.17 -4.06
C LEU F 151 31.78 -20.67 -2.78
N THR F 152 32.33 -21.89 -2.75
CA THR F 152 32.96 -22.44 -1.54
C THR F 152 34.18 -21.65 -1.10
N LYS F 153 35.01 -21.23 -2.05
CA LYS F 153 36.17 -20.38 -1.81
C LYS F 153 35.77 -18.97 -1.33
N ALA F 154 34.55 -18.53 -1.58
CA ALA F 154 33.93 -17.32 -1.02
C ALA F 154 33.16 -17.55 0.29
N ASN F 155 33.31 -18.74 0.90
CA ASN F 155 32.72 -19.15 2.18
C ASN F 155 31.19 -19.15 2.24
N VAL F 156 30.55 -19.25 1.08
CA VAL F 156 29.09 -19.32 0.92
C VAL F 156 28.56 -20.64 1.50
N PRO F 157 27.42 -20.68 2.20
CA PRO F 157 26.84 -21.90 2.76
C PRO F 157 26.75 -23.05 1.75
N ASN F 158 26.94 -24.29 2.19
CA ASN F 158 26.99 -25.45 1.29
C ASN F 158 25.61 -25.96 0.89
N VAL F 159 24.67 -25.98 1.81
CA VAL F 159 23.32 -26.50 1.59
C VAL F 159 22.47 -25.46 0.86
N GLY F 160 21.65 -25.90 -0.11
CA GLY F 160 20.61 -25.09 -0.74
C GLY F 160 21.07 -24.18 -1.88
N ARG F 161 22.26 -24.39 -2.45
CA ARG F 161 22.72 -23.69 -3.65
C ARG F 161 21.89 -24.06 -4.86
N VAL F 162 21.69 -23.10 -5.76
CA VAL F 162 20.97 -23.28 -7.02
C VAL F 162 21.87 -22.85 -8.16
N VAL F 163 21.87 -23.59 -9.26
CA VAL F 163 22.41 -23.15 -10.54
C VAL F 163 21.26 -22.97 -11.53
N VAL F 164 21.16 -21.79 -12.15
CA VAL F 164 20.21 -21.54 -13.24
C VAL F 164 20.97 -21.43 -14.54
N VAL F 165 20.58 -22.21 -15.54
CA VAL F 165 21.26 -22.35 -16.84
C VAL F 165 20.35 -21.91 -17.98
N ASN F 166 20.93 -21.29 -19.02
CA ASN F 166 20.21 -21.07 -20.27
C ASN F 166 20.19 -22.33 -21.14
N ALA F 167 19.41 -22.33 -22.23
CA ALA F 167 19.26 -23.47 -23.11
C ALA F 167 20.57 -23.97 -23.74
N GLU F 168 21.50 -23.09 -24.06
CA GLU F 168 22.82 -23.49 -24.56
C GLU F 168 23.62 -24.27 -23.53
N MET F 169 23.65 -23.85 -22.28
CA MET F 169 24.31 -24.61 -21.21
C MET F 169 23.54 -25.90 -20.89
N ALA F 170 22.21 -25.88 -20.88
CA ALA F 170 21.39 -27.06 -20.64
C ALA F 170 21.59 -28.16 -21.70
N PHE F 171 21.85 -27.81 -22.96
CA PHE F 171 22.18 -28.78 -24.01
C PHE F 171 23.33 -29.71 -23.60
N TRP F 172 24.43 -29.20 -23.06
CA TRP F 172 25.56 -30.04 -22.71
C TRP F 172 25.24 -31.07 -21.64
N LEU F 173 24.35 -30.76 -20.70
CA LEU F 173 23.91 -31.69 -19.69
C LEU F 173 23.02 -32.80 -20.25
N ARG F 174 22.43 -32.62 -21.44
CA ARG F 174 21.70 -33.65 -22.19
C ARG F 174 22.42 -34.12 -23.46
N SER F 175 23.65 -33.70 -23.70
CA SER F 175 24.43 -34.11 -24.87
C SER F 175 24.97 -35.54 -24.74
N SER F 176 25.58 -36.05 -25.80
CA SER F 176 26.09 -37.41 -25.90
C SER F 176 27.16 -37.74 -24.85
N GLY F 177 28.07 -36.81 -24.58
CA GLY F 177 29.13 -36.99 -23.57
C GLY F 177 28.68 -36.77 -22.12
N SER F 178 27.44 -36.35 -21.88
CA SER F 178 26.94 -36.07 -20.53
C SER F 178 26.96 -37.30 -19.63
N LYS F 179 27.26 -37.11 -18.34
CA LYS F 179 27.09 -38.13 -17.30
C LYS F 179 25.64 -38.55 -17.12
N LEU F 180 24.69 -37.67 -17.42
CA LEU F 180 23.27 -37.92 -17.18
C LEU F 180 22.65 -38.81 -18.26
N THR F 181 23.13 -38.73 -19.50
CA THR F 181 22.56 -39.44 -20.65
C THR F 181 23.12 -40.85 -20.79
N SER F 182 23.25 -41.55 -19.68
CA SER F 182 23.91 -42.85 -19.56
C SER F 182 23.51 -43.54 -18.25
N ALA F 183 22.91 -44.71 -18.36
CA ALA F 183 22.54 -45.52 -17.20
C ALA F 183 23.75 -46.17 -16.49
N ASP F 184 24.92 -46.08 -17.09
CA ASP F 184 26.19 -46.51 -16.51
C ASP F 184 26.69 -45.44 -15.52
N THR F 185 26.86 -44.22 -16.02
CA THR F 185 27.53 -43.11 -15.34
C THR F 185 26.65 -42.40 -14.31
N SER F 186 25.34 -42.58 -14.41
CA SER F 186 24.33 -42.14 -13.46
C SER F 186 23.45 -43.32 -13.11
N GLY F 187 22.72 -43.29 -12.01
CA GLY F 187 22.08 -44.50 -11.48
C GLY F 187 21.01 -45.18 -12.34
N ASP F 188 20.49 -44.54 -13.39
CA ASP F 188 19.29 -44.97 -14.10
C ASP F 188 19.17 -44.42 -15.53
N ALA F 189 18.25 -44.98 -16.31
CA ALA F 189 18.00 -44.59 -17.69
C ALA F 189 17.21 -43.28 -17.85
N ALA F 190 16.59 -42.74 -16.80
CA ALA F 190 15.71 -41.58 -16.91
C ALA F 190 16.36 -40.35 -17.55
N GLY F 191 17.64 -40.07 -17.29
CA GLY F 191 18.34 -38.98 -17.96
C GLY F 191 18.56 -39.19 -19.46
N LEU F 192 18.59 -40.43 -19.95
CA LEU F 192 18.59 -40.75 -21.38
C LEU F 192 17.16 -40.67 -21.96
N ARG F 193 16.19 -41.27 -21.29
CA ARG F 193 14.83 -41.46 -21.79
C ARG F 193 13.92 -40.25 -21.63
N ALA F 194 13.78 -39.74 -20.42
CA ALA F 194 12.94 -38.60 -20.09
C ALA F 194 13.67 -37.25 -20.21
N GLY F 195 15.01 -37.25 -20.31
CA GLY F 195 15.83 -36.03 -20.33
C GLY F 195 16.01 -35.35 -18.97
N THR F 196 15.68 -35.99 -17.86
CA THR F 196 15.79 -35.43 -16.52
C THR F 196 17.25 -35.10 -16.17
N ILE F 197 17.53 -33.87 -15.75
CA ILE F 197 18.86 -33.48 -15.26
C ILE F 197 19.00 -33.77 -13.76
N GLY F 198 18.04 -33.36 -12.94
CA GLY F 198 18.09 -33.51 -11.48
C GLY F 198 19.15 -32.64 -10.81
N ASN F 199 19.48 -32.91 -9.55
CA ASN F 199 20.55 -32.19 -8.84
C ASN F 199 21.93 -32.63 -9.35
N LEU F 200 22.91 -31.73 -9.34
CA LEU F 200 24.33 -32.03 -9.57
C LEU F 200 25.17 -31.47 -8.46
N LEU F 201 26.08 -32.27 -7.90
CA LEU F 201 27.04 -31.85 -6.89
C LEU F 201 26.37 -31.14 -5.68
N GLY F 202 25.16 -31.58 -5.32
CA GLY F 202 24.36 -31.03 -4.23
C GLY F 202 23.58 -29.75 -4.56
N ALA F 203 23.78 -29.16 -5.74
CA ALA F 203 23.04 -28.00 -6.20
C ALA F 203 21.78 -28.39 -6.99
N ARG F 204 20.69 -27.65 -6.82
CA ARG F 204 19.51 -27.74 -7.71
C ARG F 204 19.88 -27.17 -9.07
N ILE F 205 19.56 -27.85 -10.17
CA ILE F 205 19.77 -27.32 -11.52
C ILE F 205 18.44 -26.91 -12.13
N VAL F 206 18.32 -25.67 -12.60
CA VAL F 206 17.08 -25.09 -13.12
C VAL F 206 17.35 -24.46 -14.47
N GLU F 207 16.41 -24.55 -15.41
CA GLU F 207 16.56 -23.98 -16.75
C GLU F 207 15.71 -22.73 -16.91
N SER F 208 16.24 -21.68 -17.55
CA SER F 208 15.46 -20.49 -17.90
C SER F 208 15.91 -19.86 -19.21
N ASN F 209 14.95 -19.49 -20.05
CA ASN F 209 15.19 -18.65 -21.22
C ASN F 209 15.27 -17.16 -20.87
N ASN F 210 14.98 -16.75 -19.62
CA ASN F 210 14.96 -15.35 -19.22
C ASN F 210 16.34 -14.79 -18.81
N LEU F 211 17.38 -15.61 -18.75
CA LEU F 211 18.76 -15.13 -18.74
C LEU F 211 19.05 -14.32 -20.02
N ARG F 212 19.95 -13.36 -19.94
CA ARG F 212 20.13 -12.36 -21.00
C ARG F 212 20.65 -12.95 -22.31
N ASP F 213 21.66 -13.80 -22.21
CA ASP F 213 22.28 -14.43 -23.38
C ASP F 213 21.47 -15.64 -23.82
N THR F 214 21.19 -15.76 -25.10
CA THR F 214 20.37 -16.82 -25.67
C THR F 214 21.12 -17.68 -26.66
N ASP F 215 22.30 -17.30 -27.14
CA ASP F 215 23.01 -18.02 -28.20
C ASP F 215 24.42 -18.47 -27.83
N ASP F 216 24.98 -17.99 -26.72
CA ASP F 216 26.12 -18.60 -26.02
C ASP F 216 25.71 -19.09 -24.63
N GLU F 217 26.46 -20.04 -24.09
CA GLU F 217 26.23 -20.58 -22.76
C GLU F 217 26.34 -19.49 -21.69
N GLN F 218 25.41 -19.48 -20.75
CA GLN F 218 25.38 -18.54 -19.63
C GLN F 218 24.67 -19.22 -18.47
N PHE F 219 25.14 -18.98 -17.26
CA PHE F 219 24.47 -19.48 -16.06
C PHE F 219 24.82 -18.66 -14.83
N VAL F 220 24.02 -18.80 -13.78
CA VAL F 220 24.29 -18.22 -12.47
C VAL F 220 24.28 -19.34 -11.44
N ALA F 221 25.29 -19.40 -10.58
CA ALA F 221 25.32 -20.24 -9.39
C ALA F 221 25.21 -19.34 -8.17
N PHE F 222 24.22 -19.54 -7.33
CA PHE F 222 23.98 -18.68 -6.19
C PHE F 222 23.40 -19.44 -5.01
N HIS F 223 23.56 -18.86 -3.82
CA HIS F 223 22.77 -19.24 -2.66
C HIS F 223 21.55 -18.32 -2.54
N PRO F 224 20.33 -18.82 -2.32
CA PRO F 224 19.13 -17.99 -2.23
C PRO F 224 19.25 -16.74 -1.36
N SER F 225 19.96 -16.82 -0.24
CA SER F 225 20.14 -15.72 0.70
C SER F 225 20.93 -14.54 0.13
N ALA F 226 21.67 -14.72 -0.96
CA ALA F 226 22.52 -13.69 -1.53
C ALA F 226 21.76 -12.57 -2.25
N ALA F 227 20.50 -12.80 -2.63
CA ALA F 227 19.69 -11.87 -3.40
C ALA F 227 18.26 -11.82 -2.87
N ALA F 228 17.69 -10.63 -2.74
CA ALA F 228 16.38 -10.40 -2.20
C ALA F 228 15.44 -9.81 -3.24
N TYR F 229 14.16 -10.15 -3.17
CA TYR F 229 13.10 -9.58 -3.99
C TYR F 229 11.84 -9.36 -3.13
N VAL F 230 11.20 -8.20 -3.29
CA VAL F 230 9.97 -7.82 -2.62
C VAL F 230 8.92 -7.47 -3.66
N SER F 231 7.83 -8.23 -3.70
CA SER F 231 6.60 -7.83 -4.39
C SER F 231 5.71 -7.04 -3.43
N GLN F 232 5.68 -5.71 -3.55
CA GLN F 232 4.94 -4.85 -2.63
C GLN F 232 3.47 -4.65 -3.02
N ILE F 233 3.19 -4.38 -4.30
CA ILE F 233 1.85 -4.21 -4.86
C ILE F 233 1.73 -5.05 -6.12
N ASP F 234 0.62 -5.76 -6.30
CA ASP F 234 0.29 -6.41 -7.56
C ASP F 234 -1.24 -6.48 -7.69
N THR F 235 -1.80 -5.49 -8.39
CA THR F 235 -3.25 -5.28 -8.50
C THR F 235 -3.72 -5.26 -9.94
N VAL F 236 -4.93 -5.76 -10.20
CA VAL F 236 -5.60 -5.74 -11.52
C VAL F 236 -7.02 -5.17 -11.40
N GLU F 237 -7.41 -4.37 -12.36
CA GLU F 237 -8.60 -3.52 -12.31
C GLU F 237 -9.31 -3.42 -13.66
N ALA F 238 -10.63 -3.27 -13.62
CA ALA F 238 -11.46 -3.04 -14.79
C ALA F 238 -12.32 -1.79 -14.59
N LEU F 239 -12.36 -0.87 -15.57
CA LEU F 239 -13.12 0.42 -15.44
C LEU F 239 -13.74 0.75 -16.80
N ARG F 240 -14.98 1.23 -16.84
CA ARG F 240 -15.60 1.62 -18.13
C ARG F 240 -14.74 2.75 -18.68
N ASP F 241 -14.38 2.72 -19.97
CA ASP F 241 -13.45 3.73 -20.55
C ASP F 241 -14.16 5.08 -20.60
N GLN F 242 -13.42 6.19 -20.72
CA GLN F 242 -14.01 7.52 -20.74
C GLN F 242 -14.29 7.98 -22.17
N ASP F 243 -13.39 7.77 -23.11
CA ASP F 243 -13.50 8.36 -24.44
C ASP F 243 -14.20 7.48 -25.47
N SER F 244 -14.50 6.22 -25.18
CA SER F 244 -15.09 5.31 -26.16
C SER F 244 -15.94 4.23 -25.50
N PHE F 245 -16.78 3.57 -26.28
CA PHE F 245 -17.48 2.36 -25.86
C PHE F 245 -16.47 1.21 -25.87
N SER F 246 -15.70 1.10 -24.80
CA SER F 246 -14.68 0.07 -24.59
C SER F 246 -14.62 -0.29 -23.13
N ASP F 247 -14.27 -1.54 -22.82
CA ASP F 247 -13.71 -1.89 -21.53
C ASP F 247 -12.24 -1.49 -21.46
N ARG F 248 -11.76 -1.11 -20.29
CA ARG F 248 -10.35 -0.90 -20.01
C ARG F 248 -9.89 -1.86 -18.92
N ILE F 249 -8.84 -2.61 -19.20
CA ILE F 249 -8.16 -3.47 -18.23
C ILE F 249 -6.84 -2.79 -17.91
N ARG F 250 -6.55 -2.59 -16.64
CA ARG F 250 -5.26 -2.07 -16.20
C ARG F 250 -4.72 -2.79 -14.98
N ALA F 251 -3.41 -2.94 -14.92
CA ALA F 251 -2.72 -3.62 -13.84
C ALA F 251 -1.43 -2.90 -13.46
N LEU F 252 -1.10 -2.92 -12.18
CA LEU F 252 0.05 -2.25 -11.60
C LEU F 252 0.83 -3.25 -10.75
N HIS F 253 2.13 -3.29 -10.94
CA HIS F 253 3.04 -4.08 -10.14
C HIS F 253 4.17 -3.20 -9.62
N VAL F 254 4.34 -3.16 -8.30
CA VAL F 254 5.38 -2.38 -7.62
C VAL F 254 6.27 -3.32 -6.82
N TYR F 255 7.56 -3.27 -7.07
CA TYR F 255 8.50 -4.26 -6.56
C TYR F 255 9.90 -3.69 -6.42
N GLY F 256 10.78 -4.45 -5.79
CA GLY F 256 12.20 -4.14 -5.73
C GLY F 256 13.03 -5.39 -5.52
N GLY F 257 14.30 -5.34 -5.90
CA GLY F 257 15.26 -6.41 -5.63
C GLY F 257 16.69 -5.90 -5.55
N LYS F 258 17.54 -6.61 -4.80
CA LYS F 258 18.96 -6.30 -4.62
C LYS F 258 19.76 -7.58 -4.43
N VAL F 259 21.00 -7.66 -4.91
CA VAL F 259 21.95 -8.65 -4.40
C VAL F 259 22.55 -8.11 -3.11
N VAL F 260 22.12 -8.64 -1.97
CA VAL F 260 22.53 -8.16 -0.64
C VAL F 260 23.91 -8.68 -0.24
N ARG F 261 24.42 -9.71 -0.95
CA ARG F 261 25.77 -10.29 -0.82
C ARG F 261 26.36 -10.60 -2.21
N PRO F 262 27.11 -9.69 -2.85
CA PRO F 262 27.57 -9.87 -4.23
C PRO F 262 28.48 -11.08 -4.47
N THR F 263 29.22 -11.53 -3.47
CA THR F 263 30.10 -12.71 -3.59
C THR F 263 29.34 -14.04 -3.51
N GLY F 264 28.09 -14.03 -3.06
CA GLY F 264 27.23 -15.20 -2.99
C GLY F 264 26.57 -15.60 -4.31
N VAL F 265 26.79 -14.83 -5.37
CA VAL F 265 26.29 -15.04 -6.72
C VAL F 265 27.49 -15.10 -7.68
N VAL F 266 27.67 -16.20 -8.38
CA VAL F 266 28.72 -16.42 -9.37
C VAL F 266 28.10 -16.54 -10.76
N VAL F 267 28.57 -15.75 -11.72
CA VAL F 267 28.01 -15.64 -13.07
C VAL F 267 29.01 -16.12 -14.11
N PHE F 268 28.64 -17.09 -14.94
CA PHE F 268 29.43 -17.47 -16.11
C PHE F 268 28.91 -16.79 -17.36
N ASN F 269 29.82 -16.24 -18.16
CA ASN F 269 29.54 -15.40 -19.33
C ASN F 269 28.76 -14.14 -18.94
N LYS F 270 29.26 -13.39 -17.94
CA LYS F 270 28.59 -12.21 -17.37
C LYS F 270 28.31 -11.12 -18.41
N THR F 271 29.23 -10.90 -19.33
CA THR F 271 29.14 -9.87 -20.37
C THR F 271 28.33 -10.31 -21.60
N GLY F 272 27.75 -11.52 -21.59
CA GLY F 272 27.10 -12.10 -22.75
C GLY F 272 25.72 -11.55 -23.03
N SER F 273 25.37 -11.40 -24.30
CA SER F 273 24.10 -10.84 -24.78
C SER F 273 23.73 -11.42 -26.14
N ALA G 2 13.77 -84.99 -77.50
CA ALA G 2 13.36 -84.15 -76.37
C ALA G 2 11.95 -83.61 -76.56
N PHE G 3 11.20 -83.36 -75.49
CA PHE G 3 9.92 -82.68 -75.53
C PHE G 3 10.08 -81.15 -75.65
N ASN G 4 10.31 -80.65 -76.87
CA ASN G 4 10.38 -79.23 -77.18
C ASN G 4 9.03 -78.48 -77.16
N ASN G 5 7.90 -79.18 -77.14
CA ASN G 5 6.56 -78.59 -77.35
C ASN G 5 5.51 -78.92 -76.27
N PHE G 6 5.76 -79.89 -75.41
CA PHE G 6 4.74 -80.47 -74.52
C PHE G 6 4.99 -80.24 -73.03
N ILE G 7 6.06 -79.56 -72.63
CA ILE G 7 6.31 -79.24 -71.21
C ILE G 7 5.80 -77.82 -70.94
N PRO G 8 4.86 -77.61 -70.01
CA PRO G 8 4.31 -76.29 -69.73
C PRO G 8 5.30 -75.28 -69.17
N GLU G 9 4.93 -74.02 -69.28
CA GLU G 9 5.35 -72.95 -68.40
C GLU G 9 4.12 -72.50 -67.61
N LEU G 10 4.28 -72.19 -66.33
CA LEU G 10 3.17 -71.92 -65.43
C LEU G 10 3.14 -70.47 -65.00
N TRP G 11 1.96 -69.88 -64.83
CA TRP G 11 1.80 -68.55 -64.26
C TRP G 11 1.17 -68.66 -62.88
N SER G 12 1.77 -68.01 -61.89
CA SER G 12 1.18 -67.85 -60.57
C SER G 12 -0.10 -67.00 -60.66
N ASP G 13 -1.20 -67.43 -60.08
CA ASP G 13 -2.50 -66.75 -60.18
C ASP G 13 -2.63 -65.54 -59.24
N MET G 14 -1.52 -65.06 -58.68
CA MET G 14 -1.48 -64.05 -57.63
C MET G 14 -0.37 -63.04 -57.92
N LEU G 15 -0.71 -61.76 -58.00
CA LEU G 15 0.27 -60.68 -58.16
C LEU G 15 1.04 -60.44 -56.86
N LEU G 16 2.34 -60.19 -56.97
CA LEU G 16 3.12 -59.58 -55.91
C LEU G 16 2.69 -58.12 -55.70
N GLU G 17 2.34 -57.79 -54.47
CA GLU G 17 2.12 -56.40 -54.04
C GLU G 17 3.44 -55.64 -53.98
N GLU G 18 3.40 -54.35 -54.29
CA GLU G 18 4.53 -53.44 -54.10
C GLU G 18 4.94 -53.41 -52.62
N TRP G 19 6.24 -53.32 -52.35
CA TRP G 19 6.75 -52.96 -51.02
C TRP G 19 6.85 -51.44 -50.91
N THR G 20 6.17 -50.86 -49.94
CA THR G 20 5.94 -49.43 -49.83
C THR G 20 6.25 -48.92 -48.42
N ALA G 21 6.80 -47.72 -48.36
CA ALA G 21 7.08 -47.03 -47.12
C ALA G 21 5.83 -46.89 -46.25
N GLN G 22 5.98 -47.02 -44.94
CA GLN G 22 4.92 -46.75 -43.99
C GLN G 22 4.64 -45.25 -43.91
N THR G 23 3.38 -44.85 -44.02
CA THR G 23 2.96 -43.46 -43.84
C THR G 23 2.78 -43.16 -42.36
N VAL G 24 3.32 -42.05 -41.86
CA VAL G 24 3.29 -41.67 -40.44
C VAL G 24 2.83 -40.24 -40.21
N PHE G 25 3.13 -39.31 -41.10
CA PHE G 25 3.03 -37.90 -40.81
C PHE G 25 1.58 -37.42 -40.60
N ALA G 26 0.60 -37.99 -41.31
CA ALA G 26 -0.81 -37.64 -41.16
C ALA G 26 -1.39 -37.94 -39.76
N ASN G 27 -0.74 -38.78 -38.95
CA ASN G 27 -1.09 -38.98 -37.55
C ASN G 27 -0.33 -38.08 -36.57
N LEU G 28 0.84 -37.57 -36.95
CA LEU G 28 1.70 -36.78 -36.09
C LEU G 28 1.32 -35.30 -36.02
N VAL G 29 0.75 -34.72 -37.07
CA VAL G 29 0.34 -33.31 -37.11
C VAL G 29 -1.03 -33.03 -36.49
N ASN G 30 -1.35 -31.76 -36.23
CA ASN G 30 -2.65 -31.31 -35.76
C ASN G 30 -3.74 -31.47 -36.83
N ARG G 31 -4.92 -31.93 -36.43
CA ARG G 31 -6.08 -32.20 -37.31
C ARG G 31 -7.32 -31.38 -36.97
N GLU G 32 -7.27 -30.50 -35.98
CA GLU G 32 -8.47 -29.87 -35.40
C GLU G 32 -9.31 -29.07 -36.41
N TYR G 33 -8.69 -28.47 -37.43
CA TYR G 33 -9.39 -27.63 -38.38
C TYR G 33 -10.25 -28.39 -39.39
N GLU G 34 -10.18 -29.73 -39.48
CA GLU G 34 -11.13 -30.48 -40.29
C GLU G 34 -12.58 -30.31 -39.86
N GLY G 35 -12.85 -29.93 -38.61
CA GLY G 35 -14.20 -29.65 -38.14
C GLY G 35 -14.85 -28.46 -38.87
N ILE G 36 -14.13 -27.35 -39.02
CA ILE G 36 -14.66 -26.15 -39.67
C ILE G 36 -14.41 -26.17 -41.17
N ALA G 37 -13.34 -26.80 -41.64
CA ALA G 37 -12.95 -26.84 -43.05
C ALA G 37 -13.73 -27.86 -43.91
N SER G 38 -14.95 -28.23 -43.52
CA SER G 38 -15.89 -28.96 -44.38
C SER G 38 -16.43 -28.13 -45.55
N LYS G 39 -16.18 -26.82 -45.59
CA LYS G 39 -16.54 -25.87 -46.65
C LYS G 39 -15.38 -24.91 -46.90
N GLY G 40 -15.40 -24.21 -48.03
CA GLY G 40 -14.44 -23.16 -48.30
C GLY G 40 -13.03 -23.63 -48.61
N ASN G 41 -12.15 -22.72 -48.99
CA ASN G 41 -10.77 -23.03 -49.37
C ASN G 41 -9.70 -22.39 -48.48
N VAL G 42 -10.08 -21.68 -47.42
CA VAL G 42 -9.17 -21.05 -46.47
C VAL G 42 -9.69 -21.22 -45.06
N VAL G 43 -8.80 -21.52 -44.12
CA VAL G 43 -9.02 -21.25 -42.70
C VAL G 43 -8.08 -20.13 -42.29
N HIS G 44 -8.62 -19.05 -41.75
CA HIS G 44 -7.89 -17.99 -41.07
C HIS G 44 -7.70 -18.34 -39.60
N ILE G 45 -6.46 -18.31 -39.14
CA ILE G 45 -6.08 -18.63 -37.76
C ILE G 45 -5.43 -17.40 -37.16
N ALA G 46 -6.06 -16.81 -36.14
CA ALA G 46 -5.56 -15.60 -35.50
C ALA G 46 -4.80 -15.88 -34.19
N GLY G 47 -3.85 -15.04 -33.80
CA GLY G 47 -3.12 -15.14 -32.54
C GLY G 47 -3.00 -13.82 -31.79
N VAL G 48 -2.88 -13.90 -30.46
CA VAL G 48 -2.73 -12.73 -29.58
C VAL G 48 -1.44 -11.98 -29.90
N VAL G 49 -1.48 -10.64 -29.91
CA VAL G 49 -0.31 -9.80 -29.65
C VAL G 49 -0.42 -9.26 -28.23
N ALA G 50 0.59 -9.48 -27.39
CA ALA G 50 0.51 -9.19 -25.96
C ALA G 50 0.53 -7.68 -25.66
N PRO G 51 -0.26 -7.19 -24.69
CA PRO G 51 -0.11 -5.85 -24.14
C PRO G 51 1.33 -5.57 -23.64
N THR G 52 1.82 -4.34 -23.81
CA THR G 52 3.23 -3.98 -23.53
C THR G 52 3.38 -3.41 -22.13
N VAL G 53 4.34 -3.90 -21.35
CA VAL G 53 4.62 -3.34 -20.01
C VAL G 53 5.18 -1.93 -20.12
N LYS G 54 4.66 -0.99 -19.34
CA LYS G 54 5.08 0.42 -19.30
C LYS G 54 5.74 0.75 -17.98
N ASP G 55 6.79 1.57 -18.01
CA ASP G 55 7.42 2.13 -16.82
C ASP G 55 6.54 3.25 -16.28
N TYR G 56 5.86 2.96 -15.17
CA TYR G 56 4.87 3.85 -14.59
C TYR G 56 5.52 5.05 -13.91
N LYS G 57 6.66 4.84 -13.22
CA LYS G 57 7.43 5.87 -12.51
C LYS G 57 8.07 6.88 -13.46
N ALA G 58 8.50 6.44 -14.64
CA ALA G 58 9.06 7.34 -15.65
C ALA G 58 8.00 8.18 -16.36
N ALA G 59 6.79 7.64 -16.51
CA ALA G 59 5.62 8.32 -17.06
C ALA G 59 4.93 9.26 -16.05
N GLY G 60 5.67 9.98 -15.21
CA GLY G 60 5.12 10.63 -14.02
C GLY G 60 4.60 9.56 -13.05
N ARG G 61 3.29 9.48 -12.83
CA ARG G 61 2.60 8.24 -12.45
C ARG G 61 1.34 8.08 -13.28
N GLN G 62 1.46 8.32 -14.58
CA GLN G 62 0.35 8.32 -15.53
C GLN G 62 0.29 7.02 -16.32
N THR G 63 -0.91 6.53 -16.55
CA THR G 63 -1.19 5.41 -17.46
C THR G 63 -2.37 5.74 -18.38
N SER G 64 -2.21 5.47 -19.66
CA SER G 64 -3.25 5.60 -20.68
C SER G 64 -3.34 4.30 -21.45
N ALA G 65 -4.56 3.89 -21.79
CA ALA G 65 -4.81 2.58 -22.39
C ALA G 65 -4.36 2.51 -23.85
N ASP G 66 -3.74 1.40 -24.24
CA ASP G 66 -3.41 1.06 -25.62
C ASP G 66 -4.50 0.24 -26.33
N ALA G 67 -4.49 0.25 -27.65
CA ALA G 67 -5.32 -0.57 -28.50
C ALA G 67 -4.70 -1.97 -28.68
N ILE G 68 -5.45 -3.03 -28.41
CA ILE G 68 -5.04 -4.42 -28.67
C ILE G 68 -4.98 -4.73 -30.18
N SER G 69 -4.29 -5.80 -30.55
CA SER G 69 -3.96 -6.16 -31.92
C SER G 69 -3.73 -7.67 -32.02
N ASP G 70 -3.81 -8.24 -33.22
CA ASP G 70 -3.65 -9.65 -33.49
C ASP G 70 -2.69 -9.91 -34.66
N THR G 71 -2.09 -11.09 -34.65
CA THR G 71 -1.44 -11.71 -35.81
C THR G 71 -2.38 -12.71 -36.44
N GLY G 72 -2.06 -13.22 -37.62
CA GLY G 72 -2.79 -14.33 -38.22
C GLY G 72 -2.04 -15.03 -39.34
N VAL G 73 -2.41 -16.28 -39.60
CA VAL G 73 -1.90 -17.12 -40.69
C VAL G 73 -3.05 -17.85 -41.39
N ASP G 74 -2.88 -18.16 -42.67
CA ASP G 74 -3.90 -18.86 -43.47
C ASP G 74 -3.50 -20.32 -43.70
N LEU G 75 -4.41 -21.26 -43.46
CA LEU G 75 -4.30 -22.63 -43.97
C LEU G 75 -5.15 -22.71 -45.24
N LEU G 76 -4.51 -22.99 -46.37
CA LEU G 76 -5.15 -23.06 -47.68
C LEU G 76 -5.44 -24.51 -48.05
N ILE G 77 -6.68 -24.83 -48.41
CA ILE G 77 -7.08 -26.16 -48.92
C ILE G 77 -6.78 -26.23 -50.41
N ASP G 78 -5.52 -26.09 -50.79
CA ASP G 78 -5.10 -25.81 -52.17
C ASP G 78 -4.42 -26.99 -52.89
N GLN G 79 -4.40 -28.18 -52.30
CA GLN G 79 -3.83 -29.38 -52.94
C GLN G 79 -4.97 -30.26 -53.44
N GLU G 80 -4.96 -30.56 -54.73
CA GLU G 80 -5.99 -31.35 -55.39
C GLU G 80 -5.26 -32.38 -56.25
N LYS G 81 -5.28 -33.64 -55.83
CA LYS G 81 -4.45 -34.71 -56.42
C LYS G 81 -5.31 -35.90 -56.82
N SER G 82 -4.99 -36.57 -57.91
CA SER G 82 -5.84 -37.62 -58.45
C SER G 82 -5.09 -38.85 -58.97
N ILE G 83 -5.79 -39.96 -58.96
CA ILE G 83 -5.46 -41.26 -59.57
C ILE G 83 -6.49 -41.53 -60.65
N ASP G 84 -6.07 -42.00 -61.82
CA ASP G 84 -6.98 -42.26 -62.93
C ASP G 84 -6.37 -43.30 -63.87
N PHE G 85 -6.96 -44.50 -63.96
CA PHE G 85 -6.40 -45.59 -64.75
C PHE G 85 -7.46 -46.52 -65.35
N LEU G 86 -7.08 -47.23 -66.41
CA LEU G 86 -7.92 -48.18 -67.13
C LEU G 86 -7.58 -49.62 -66.76
N VAL G 87 -8.60 -50.41 -66.48
CA VAL G 87 -8.51 -51.88 -66.54
C VAL G 87 -9.17 -52.32 -67.83
N ASP G 88 -8.34 -52.55 -68.84
CA ASP G 88 -8.73 -53.05 -70.14
C ASP G 88 -9.44 -54.41 -70.01
N ASP G 89 -10.67 -54.52 -70.50
CA ASP G 89 -11.46 -55.71 -70.25
C ASP G 89 -11.09 -56.89 -71.17
N ILE G 90 -10.22 -56.71 -72.18
CA ILE G 90 -9.50 -57.83 -72.80
C ILE G 90 -8.45 -58.38 -71.84
N ASP G 91 -7.64 -57.50 -71.23
CA ASP G 91 -6.66 -57.91 -70.24
C ASP G 91 -7.33 -58.60 -69.04
N ARG G 92 -8.44 -58.09 -68.52
CA ARG G 92 -9.18 -58.71 -67.42
C ARG G 92 -9.56 -60.16 -67.71
N VAL G 93 -9.82 -60.53 -68.96
CA VAL G 93 -10.13 -61.91 -69.33
C VAL G 93 -8.85 -62.75 -69.42
N GLN G 94 -7.81 -62.21 -70.04
CA GLN G 94 -6.62 -62.95 -70.40
C GLN G 94 -5.61 -63.16 -69.25
N VAL G 95 -5.52 -62.27 -68.26
CA VAL G 95 -4.54 -62.40 -67.16
C VAL G 95 -4.77 -63.62 -66.27
N ALA G 96 -3.70 -64.10 -65.63
CA ALA G 96 -3.71 -65.33 -64.84
C ALA G 96 -4.59 -65.31 -63.57
N GLY G 97 -4.96 -64.13 -63.06
CA GLY G 97 -5.80 -63.99 -61.89
C GLY G 97 -6.31 -62.57 -61.68
N SER G 98 -6.88 -62.29 -60.51
CA SER G 98 -7.54 -61.02 -60.22
C SER G 98 -6.65 -59.78 -60.36
N LEU G 99 -7.21 -58.68 -60.89
CA LEU G 99 -6.58 -57.36 -61.02
C LEU G 99 -6.97 -56.37 -59.91
N GLU G 100 -7.69 -56.81 -58.87
CA GLU G 100 -8.14 -55.94 -57.76
C GLU G 100 -6.99 -55.17 -57.10
N ALA G 101 -5.78 -55.72 -57.09
CA ALA G 101 -4.60 -55.15 -56.48
C ALA G 101 -4.23 -53.75 -57.00
N TYR G 102 -4.49 -53.42 -58.27
CA TYR G 102 -4.23 -52.07 -58.80
C TYR G 102 -5.11 -51.01 -58.14
N THR G 103 -6.32 -51.35 -57.71
CA THR G 103 -7.17 -50.43 -56.94
C THR G 103 -6.56 -50.13 -55.57
N ARG G 104 -5.95 -51.13 -54.92
CA ARG G 104 -5.24 -51.00 -53.64
C ARG G 104 -3.93 -50.23 -53.80
N ALA G 105 -3.24 -50.40 -54.91
CA ALA G 105 -2.04 -49.63 -55.22
C ALA G 105 -2.34 -48.16 -55.48
N GLY G 106 -3.46 -47.83 -56.10
CA GLY G 106 -3.92 -46.46 -56.29
C GLY G 106 -4.24 -45.75 -54.98
N ALA G 107 -4.97 -46.41 -54.07
CA ALA G 107 -5.24 -45.87 -52.75
C ALA G 107 -3.94 -45.65 -51.95
N THR G 108 -3.01 -46.59 -52.00
CA THR G 108 -1.68 -46.47 -51.39
C THR G 108 -0.87 -45.32 -51.99
N ALA G 109 -0.96 -45.10 -53.30
CA ALA G 109 -0.29 -43.99 -53.97
C ALA G 109 -0.80 -42.62 -53.52
N LEU G 110 -2.11 -42.44 -53.33
CA LEU G 110 -2.65 -41.21 -52.75
C LEU G 110 -2.21 -41.04 -51.28
N ALA G 111 -2.26 -42.08 -50.46
CA ALA G 111 -1.82 -42.00 -49.07
C ALA G 111 -0.32 -41.66 -48.94
N THR G 112 0.50 -42.20 -49.82
CA THR G 112 1.94 -41.89 -49.90
C THR G 112 2.18 -40.45 -50.29
N ASP G 113 1.39 -39.92 -51.22
CA ASP G 113 1.50 -38.54 -51.65
C ASP G 113 1.11 -37.55 -50.54
N THR G 114 0.10 -37.88 -49.73
CA THR G 114 -0.22 -37.11 -48.53
C THR G 114 0.93 -37.14 -47.54
N ASP G 115 1.52 -38.30 -47.27
CA ASP G 115 2.64 -38.40 -46.34
C ASP G 115 3.84 -37.58 -46.82
N LYS G 116 4.20 -37.67 -48.11
CA LYS G 116 5.23 -36.83 -48.69
C LYS G 116 4.89 -35.36 -48.67
N PHE G 117 3.62 -34.96 -48.84
CA PHE G 117 3.25 -33.55 -48.72
C PHE G 117 3.50 -33.02 -47.31
N ILE G 118 3.08 -33.73 -46.27
CA ILE G 118 3.30 -33.27 -44.90
C ILE G 118 4.80 -33.23 -44.59
N ALA G 119 5.56 -34.27 -44.98
CA ALA G 119 7.00 -34.29 -44.80
C ALA G 119 7.68 -33.11 -45.50
N ASP G 120 7.23 -32.76 -46.70
CA ASP G 120 7.74 -31.63 -47.46
C ASP G 120 7.47 -30.29 -46.77
N MET G 121 6.24 -30.03 -46.31
CA MET G 121 5.97 -28.73 -45.69
C MET G 121 6.74 -28.58 -44.37
N LEU G 122 6.93 -29.65 -43.59
CA LEU G 122 7.74 -29.61 -42.38
C LEU G 122 9.19 -29.28 -42.72
N VAL G 123 9.78 -29.98 -43.68
CA VAL G 123 11.15 -29.69 -44.13
C VAL G 123 11.26 -28.28 -44.69
N ASP G 124 10.34 -27.85 -45.53
CA ASP G 124 10.44 -26.59 -46.26
C ASP G 124 10.18 -25.36 -45.38
N ASN G 125 9.18 -25.44 -44.50
CA ASN G 125 8.69 -24.30 -43.74
C ASN G 125 9.16 -24.30 -42.28
N GLY G 126 9.79 -25.38 -41.80
CA GLY G 126 10.47 -25.38 -40.50
C GLY G 126 11.80 -24.62 -40.51
N THR G 127 12.40 -24.46 -39.34
CA THR G 127 13.65 -23.70 -39.13
C THR G 127 14.89 -24.58 -39.24
N ALA G 128 15.95 -24.11 -39.89
CA ALA G 128 17.14 -24.95 -40.14
C ALA G 128 18.02 -25.11 -38.89
N LEU G 129 18.62 -26.29 -38.72
CA LEU G 129 19.57 -26.61 -37.66
C LEU G 129 21.02 -26.56 -38.21
N THR G 130 21.91 -25.88 -37.51
CA THR G 130 23.17 -25.36 -38.09
C THR G 130 24.30 -26.40 -38.26
N GLY G 131 24.20 -27.59 -37.67
CA GLY G 131 25.24 -28.61 -37.73
C GLY G 131 25.58 -29.13 -39.13
N SER G 132 26.73 -29.80 -39.25
CA SER G 132 27.15 -30.61 -40.41
C SER G 132 26.66 -32.06 -40.30
N ALA G 133 26.83 -32.90 -41.33
CA ALA G 133 26.45 -34.31 -41.27
C ALA G 133 27.22 -35.10 -40.19
N PRO G 134 26.58 -36.01 -39.43
CA PRO G 134 27.20 -36.66 -38.29
C PRO G 134 28.32 -37.61 -38.75
N SER G 135 29.49 -37.53 -38.12
CA SER G 135 30.63 -38.41 -38.43
C SER G 135 30.56 -39.73 -37.66
N ASP G 136 29.83 -39.79 -36.55
CA ASP G 136 29.70 -40.96 -35.69
C ASP G 136 28.42 -40.93 -34.85
N ALA G 137 28.17 -41.97 -34.08
CA ALA G 137 26.96 -42.09 -33.28
C ALA G 137 26.80 -41.03 -32.19
N ASP G 138 27.89 -40.48 -31.65
CA ASP G 138 27.81 -39.36 -30.69
C ASP G 138 27.41 -38.07 -31.41
N ASP G 139 27.90 -37.82 -32.61
CA ASP G 139 27.45 -36.69 -33.42
C ASP G 139 25.94 -36.80 -33.73
N ALA G 140 25.47 -37.98 -34.13
CA ALA G 140 24.07 -38.17 -34.44
C ALA G 140 23.16 -37.95 -33.23
N PHE G 141 23.59 -38.37 -32.04
CA PHE G 141 22.86 -38.07 -30.81
C PHE G 141 22.85 -36.58 -30.50
N ASP G 142 23.95 -35.88 -30.73
CA ASP G 142 24.04 -34.45 -30.48
C ASP G 142 23.23 -33.59 -31.44
N LEU G 143 23.02 -34.02 -32.68
CA LEU G 143 22.08 -33.33 -33.55
C LEU G 143 20.66 -33.42 -33.00
N ILE G 144 20.21 -34.56 -32.48
CA ILE G 144 18.87 -34.67 -31.90
C ILE G 144 18.76 -33.80 -30.66
N ALA G 145 19.73 -33.87 -29.75
CA ALA G 145 19.76 -33.06 -28.54
C ALA G 145 19.77 -31.57 -28.85
N SER G 146 20.53 -31.10 -29.84
CA SER G 146 20.54 -29.70 -30.26
C SER G 146 19.28 -29.28 -31.01
N ALA G 147 18.58 -30.17 -31.70
CA ALA G 147 17.27 -29.86 -32.26
C ALA G 147 16.25 -29.63 -31.15
N LEU G 148 16.24 -30.46 -30.13
CA LEU G 148 15.39 -30.28 -28.96
C LEU G 148 15.76 -29.04 -28.14
N LYS G 149 17.03 -28.62 -28.11
CA LYS G 149 17.45 -27.32 -27.58
C LYS G 149 16.71 -26.20 -28.31
N GLU G 150 16.73 -26.21 -29.63
CA GLU G 150 16.13 -25.15 -30.42
C GLU G 150 14.60 -25.10 -30.26
N LEU G 151 13.92 -26.22 -30.02
CA LEU G 151 12.52 -26.20 -29.58
C LEU G 151 12.35 -25.55 -28.20
N THR G 152 13.18 -25.89 -27.24
CA THR G 152 13.14 -25.29 -25.88
C THR G 152 13.47 -23.80 -25.89
N LYS G 153 14.42 -23.36 -26.69
CA LYS G 153 14.74 -21.94 -26.89
C LYS G 153 13.57 -21.16 -27.49
N ALA G 154 12.72 -21.80 -28.29
CA ALA G 154 11.49 -21.24 -28.84
C ALA G 154 10.25 -21.41 -27.93
N ASN G 155 10.42 -21.83 -26.69
CA ASN G 155 9.36 -21.99 -25.69
C ASN G 155 8.31 -23.07 -26.01
N VAL G 156 8.60 -23.97 -26.95
CA VAL G 156 7.73 -25.06 -27.38
C VAL G 156 7.44 -26.00 -26.21
N PRO G 157 6.20 -26.45 -25.97
CA PRO G 157 5.88 -27.34 -24.85
C PRO G 157 6.79 -28.57 -24.76
N ASN G 158 7.07 -29.04 -23.55
CA ASN G 158 8.03 -30.13 -23.33
C ASN G 158 7.44 -31.51 -23.59
N VAL G 159 6.20 -31.72 -23.19
CA VAL G 159 5.46 -32.96 -23.41
C VAL G 159 4.99 -33.08 -24.86
N GLY G 160 5.02 -34.28 -25.43
CA GLY G 160 4.40 -34.59 -26.72
C GLY G 160 5.23 -34.28 -27.97
N ARG G 161 6.49 -33.91 -27.83
CA ARG G 161 7.41 -33.70 -28.96
C ARG G 161 7.71 -35.01 -29.70
N VAL G 162 7.93 -34.90 -31.00
CA VAL G 162 8.30 -36.00 -31.89
C VAL G 162 9.48 -35.60 -32.75
N VAL G 163 10.41 -36.51 -32.97
CA VAL G 163 11.46 -36.42 -33.99
C VAL G 163 11.25 -37.50 -35.04
N VAL G 164 11.15 -37.13 -36.32
CA VAL G 164 11.05 -38.08 -37.42
C VAL G 164 12.36 -38.10 -38.16
N VAL G 165 12.98 -39.27 -38.26
CA VAL G 165 14.31 -39.49 -38.82
C VAL G 165 14.23 -40.31 -40.10
N ASN G 166 15.11 -40.06 -41.05
CA ASN G 166 15.30 -40.94 -42.20
C ASN G 166 16.20 -42.13 -41.87
N ALA G 167 16.28 -43.13 -42.74
CA ALA G 167 17.02 -44.37 -42.45
C ALA G 167 18.54 -44.19 -42.32
N GLU G 168 19.13 -43.21 -43.01
CA GLU G 168 20.53 -42.84 -42.78
C GLU G 168 20.75 -42.30 -41.35
N MET G 169 19.85 -41.49 -40.84
CA MET G 169 19.91 -40.98 -39.47
C MET G 169 19.61 -42.08 -38.43
N ALA G 170 18.61 -42.92 -38.67
CA ALA G 170 18.25 -44.02 -37.77
C ALA G 170 19.35 -45.08 -37.66
N PHE G 171 20.15 -45.28 -38.70
CA PHE G 171 21.31 -46.16 -38.63
C PHE G 171 22.27 -45.76 -37.52
N TRP G 172 22.58 -44.47 -37.34
CA TRP G 172 23.52 -44.08 -36.30
C TRP G 172 23.02 -44.43 -34.91
N LEU G 173 21.72 -44.34 -34.65
CA LEU G 173 21.10 -44.75 -33.40
C LEU G 173 21.14 -46.27 -33.18
N ARG G 174 21.45 -47.06 -34.19
CA ARG G 174 21.61 -48.52 -34.12
C ARG G 174 22.99 -49.04 -34.53
N SER G 175 23.94 -48.15 -34.76
CA SER G 175 25.34 -48.52 -35.02
C SER G 175 26.02 -49.08 -33.77
N SER G 176 27.24 -49.58 -33.91
CA SER G 176 28.08 -50.06 -32.82
C SER G 176 28.40 -48.97 -31.77
N GLY G 177 28.46 -47.70 -32.16
CA GLY G 177 28.75 -46.60 -31.24
C GLY G 177 27.55 -46.08 -30.45
N SER G 178 26.33 -46.51 -30.77
CA SER G 178 25.11 -46.01 -30.15
C SER G 178 25.01 -46.36 -28.66
N LYS G 179 24.44 -45.45 -27.87
CA LYS G 179 24.04 -45.73 -26.47
C LYS G 179 23.04 -46.87 -26.36
N LEU G 180 22.22 -47.06 -27.38
CA LEU G 180 21.09 -47.99 -27.40
C LEU G 180 21.53 -49.43 -27.70
N THR G 181 22.62 -49.61 -28.42
CA THR G 181 23.22 -50.93 -28.68
C THR G 181 24.19 -51.33 -27.58
N SER G 182 23.85 -51.04 -26.32
CA SER G 182 24.59 -51.46 -25.13
C SER G 182 23.68 -51.48 -23.93
N ALA G 183 23.59 -52.63 -23.26
CA ALA G 183 22.86 -52.80 -22.02
C ALA G 183 23.55 -52.13 -20.81
N ASP G 184 24.73 -51.58 -21.02
CA ASP G 184 25.45 -50.79 -20.02
C ASP G 184 24.98 -49.33 -20.08
N THR G 185 25.07 -48.72 -21.27
CA THR G 185 24.83 -47.30 -21.49
C THR G 185 23.35 -46.94 -21.48
N SER G 186 22.50 -47.81 -22.02
CA SER G 186 21.05 -47.76 -21.85
C SER G 186 20.61 -48.74 -20.77
N GLY G 187 19.33 -48.78 -20.42
CA GLY G 187 18.90 -49.64 -19.31
C GLY G 187 19.04 -51.15 -19.54
N ASP G 188 18.99 -51.64 -20.79
CA ASP G 188 18.70 -53.04 -21.09
C ASP G 188 19.17 -53.47 -22.50
N ALA G 189 19.03 -54.77 -22.79
CA ALA G 189 19.44 -55.40 -24.03
C ALA G 189 18.52 -55.16 -25.23
N ALA G 190 17.30 -54.60 -25.07
CA ALA G 190 16.33 -54.53 -26.16
C ALA G 190 16.82 -53.73 -27.38
N GLY G 191 17.60 -52.68 -27.21
CA GLY G 191 18.18 -51.94 -28.33
C GLY G 191 19.28 -52.68 -29.10
N LEU G 192 19.88 -53.70 -28.50
CA LEU G 192 20.80 -54.64 -29.15
C LEU G 192 20.07 -55.84 -29.77
N ARG G 193 19.12 -56.41 -29.05
CA ARG G 193 18.43 -57.65 -29.42
C ARG G 193 17.26 -57.43 -30.35
N ALA G 194 16.31 -56.59 -29.97
CA ALA G 194 15.13 -56.25 -30.76
C ALA G 194 15.37 -55.07 -31.72
N GLY G 195 16.40 -54.26 -31.50
CA GLY G 195 16.69 -53.05 -32.30
C GLY G 195 15.87 -51.81 -31.93
N THR G 196 15.12 -51.85 -30.84
CA THR G 196 14.23 -50.77 -30.38
C THR G 196 14.99 -49.45 -30.16
N ILE G 197 14.53 -48.35 -30.73
CA ILE G 197 15.10 -47.02 -30.43
C ILE G 197 14.47 -46.44 -29.16
N GLY G 198 13.16 -46.46 -29.02
CA GLY G 198 12.43 -45.89 -27.89
C GLY G 198 12.40 -44.36 -27.89
N ASN G 199 12.05 -43.76 -26.75
CA ASN G 199 12.14 -42.32 -26.54
C ASN G 199 13.60 -41.91 -26.29
N LEU G 200 13.99 -40.71 -26.72
CA LEU G 200 15.26 -40.09 -26.35
C LEU G 200 15.01 -38.67 -25.88
N LEU G 201 15.51 -38.30 -24.71
CA LEU G 201 15.44 -36.95 -24.15
C LEU G 201 14.01 -36.40 -24.02
N GLY G 202 13.05 -37.29 -23.80
CA GLY G 202 11.62 -37.02 -23.67
C GLY G 202 10.84 -37.04 -24.99
N ALA G 203 11.49 -36.98 -26.14
CA ALA G 203 10.82 -37.04 -27.42
C ALA G 203 10.60 -38.48 -27.89
N ARG G 204 9.50 -38.71 -28.59
CA ARG G 204 9.29 -39.91 -29.41
C ARG G 204 10.18 -39.85 -30.63
N ILE G 205 10.82 -40.95 -31.00
CA ILE G 205 11.60 -41.06 -32.22
C ILE G 205 10.84 -41.97 -33.20
N VAL G 206 10.61 -41.49 -34.42
CA VAL G 206 9.84 -42.20 -35.44
C VAL G 206 10.67 -42.29 -36.72
N GLU G 207 10.65 -43.42 -37.40
CA GLU G 207 11.38 -43.63 -38.64
C GLU G 207 10.46 -43.49 -39.86
N SER G 208 10.91 -42.83 -40.92
CA SER G 208 10.17 -42.73 -42.18
C SER G 208 11.10 -42.72 -43.38
N ASN G 209 10.68 -43.38 -44.45
CA ASN G 209 11.33 -43.27 -45.77
C ASN G 209 10.77 -42.11 -46.61
N ASN G 210 9.68 -41.46 -46.21
CA ASN G 210 9.04 -40.41 -47.01
C ASN G 210 9.62 -39.01 -46.81
N LEU G 211 10.64 -38.82 -45.96
CA LEU G 211 11.46 -37.61 -45.98
C LEU G 211 12.19 -37.47 -47.32
N ARG G 212 12.50 -36.24 -47.73
CA ARG G 212 12.98 -35.93 -49.08
C ARG G 212 14.36 -36.50 -49.39
N ASP G 213 15.26 -36.46 -48.42
CA ASP G 213 16.61 -36.97 -48.56
C ASP G 213 16.64 -38.45 -48.16
N THR G 214 17.14 -39.30 -49.05
CA THR G 214 17.18 -40.75 -48.88
C THR G 214 18.62 -41.29 -48.81
N ASP G 215 19.65 -40.46 -48.96
CA ASP G 215 21.03 -40.94 -49.00
C ASP G 215 22.03 -40.11 -48.16
N ASP G 216 21.63 -38.97 -47.62
CA ASP G 216 22.28 -38.35 -46.45
C ASP G 216 21.31 -38.30 -45.27
N GLU G 217 21.81 -38.13 -44.06
CA GLU G 217 21.00 -38.00 -42.86
C GLU G 217 20.08 -36.79 -42.96
N GLN G 218 18.82 -36.96 -42.58
CA GLN G 218 17.83 -35.90 -42.49
C GLN G 218 16.84 -36.26 -41.39
N PHE G 219 16.32 -35.27 -40.69
CA PHE G 219 15.28 -35.44 -39.69
C PHE G 219 14.54 -34.13 -39.43
N VAL G 220 13.37 -34.19 -38.85
CA VAL G 220 12.59 -33.04 -38.37
C VAL G 220 12.16 -33.27 -36.93
N ALA G 221 12.28 -32.26 -36.07
CA ALA G 221 11.83 -32.26 -34.70
C ALA G 221 10.74 -31.22 -34.52
N PHE G 222 9.59 -31.59 -33.96
CA PHE G 222 8.46 -30.68 -33.83
C PHE G 222 7.52 -31.07 -32.71
N HIS G 223 6.71 -30.11 -32.27
CA HIS G 223 5.53 -30.38 -31.47
C HIS G 223 4.32 -30.48 -32.40
N PRO G 224 3.44 -31.49 -32.25
CA PRO G 224 2.27 -31.66 -33.11
C PRO G 224 1.43 -30.41 -33.38
N SER G 225 1.29 -29.53 -32.39
CA SER G 225 0.51 -28.29 -32.51
C SER G 225 1.12 -27.25 -33.46
N ALA G 226 2.37 -27.39 -33.88
CA ALA G 226 3.05 -26.41 -34.71
C ALA G 226 2.67 -26.48 -36.20
N ALA G 227 2.12 -27.62 -36.64
CA ALA G 227 1.74 -27.86 -38.03
C ALA G 227 0.36 -28.49 -38.10
N ALA G 228 -0.44 -28.09 -39.07
CA ALA G 228 -1.82 -28.52 -39.22
C ALA G 228 -2.07 -29.09 -40.61
N TYR G 229 -2.96 -30.07 -40.71
CA TYR G 229 -3.36 -30.71 -41.96
C TYR G 229 -4.87 -30.97 -41.98
N VAL G 230 -5.49 -30.84 -43.14
CA VAL G 230 -6.93 -31.04 -43.35
C VAL G 230 -7.17 -31.87 -44.61
N SER G 231 -7.82 -33.02 -44.47
CA SER G 231 -8.49 -33.71 -45.57
C SER G 231 -9.91 -33.15 -45.75
N GLN G 232 -10.23 -32.57 -46.91
CA GLN G 232 -11.57 -32.05 -47.19
C GLN G 232 -12.41 -33.02 -48.02
N ILE G 233 -11.84 -33.56 -49.11
CA ILE G 233 -12.50 -34.54 -49.99
C ILE G 233 -11.56 -35.72 -50.19
N ASP G 234 -12.07 -36.94 -50.13
CA ASP G 234 -11.34 -38.16 -50.46
C ASP G 234 -12.34 -39.14 -51.06
N THR G 235 -12.39 -39.23 -52.38
CA THR G 235 -13.46 -39.89 -53.14
C THR G 235 -12.94 -40.78 -54.26
N VAL G 236 -13.67 -41.85 -54.54
CA VAL G 236 -13.33 -42.85 -55.56
C VAL G 236 -14.55 -43.22 -56.40
N GLU G 237 -14.34 -43.40 -57.69
CA GLU G 237 -15.37 -43.60 -58.70
C GLU G 237 -14.97 -44.67 -59.73
N ALA G 238 -15.94 -45.44 -60.20
CA ALA G 238 -15.80 -46.40 -61.28
C ALA G 238 -16.78 -46.11 -62.40
N LEU G 239 -16.30 -46.13 -63.63
CA LEU G 239 -17.05 -45.88 -64.85
C LEU G 239 -16.44 -46.67 -66.02
N ARG G 240 -17.03 -46.63 -67.22
CA ARG G 240 -16.44 -47.28 -68.42
C ARG G 240 -15.67 -46.24 -69.24
N ASP G 241 -14.56 -46.64 -69.84
CA ASP G 241 -13.84 -45.75 -70.76
C ASP G 241 -14.69 -45.42 -71.99
N GLN G 242 -14.55 -44.23 -72.55
CA GLN G 242 -15.25 -43.81 -73.77
C GLN G 242 -14.49 -44.23 -75.03
N ASP G 243 -13.15 -44.37 -74.95
CA ASP G 243 -12.29 -44.65 -76.10
C ASP G 243 -11.91 -46.12 -76.29
N SER G 244 -12.24 -46.99 -75.33
CA SER G 244 -11.83 -48.39 -75.34
C SER G 244 -12.75 -49.26 -74.50
N PHE G 245 -12.74 -50.57 -74.74
CA PHE G 245 -13.42 -51.54 -73.88
C PHE G 245 -12.60 -51.76 -72.60
N SER G 246 -12.74 -50.83 -71.65
CA SER G 246 -12.04 -50.82 -70.38
C SER G 246 -12.96 -50.33 -69.27
N ASP G 247 -12.77 -50.82 -68.07
CA ASP G 247 -13.19 -50.07 -66.89
C ASP G 247 -12.21 -48.94 -66.64
N ARG G 248 -12.67 -47.86 -66.04
CA ARG G 248 -11.86 -46.75 -65.55
C ARG G 248 -12.08 -46.61 -64.05
N ILE G 249 -11.01 -46.60 -63.28
CA ILE G 249 -11.03 -46.28 -61.87
C ILE G 249 -10.40 -44.92 -61.71
N ARG G 250 -11.10 -44.00 -61.05
CA ARG G 250 -10.52 -42.71 -60.71
C ARG G 250 -10.82 -42.31 -59.28
N ALA G 251 -9.89 -41.60 -58.67
CA ALA G 251 -10.00 -41.10 -57.31
C ALA G 251 -9.39 -39.71 -57.17
N LEU G 252 -9.96 -38.92 -56.27
CA LEU G 252 -9.60 -37.54 -56.01
C LEU G 252 -9.36 -37.34 -54.52
N HIS G 253 -8.32 -36.60 -54.18
CA HIS G 253 -8.07 -36.16 -52.82
C HIS G 253 -7.80 -34.66 -52.79
N VAL G 254 -8.60 -33.93 -52.01
CA VAL G 254 -8.48 -32.49 -51.82
C VAL G 254 -8.17 -32.21 -50.36
N TYR G 255 -7.08 -31.50 -50.11
CA TYR G 255 -6.51 -31.32 -48.79
C TYR G 255 -5.64 -30.06 -48.72
N GLY G 256 -5.21 -29.70 -47.52
CA GLY G 256 -4.24 -28.64 -47.30
C GLY G 256 -3.50 -28.80 -45.99
N GLY G 257 -2.40 -28.08 -45.82
CA GLY G 257 -1.68 -28.05 -44.56
C GLY G 257 -0.75 -26.84 -44.46
N LYS G 258 -0.46 -26.42 -43.23
CA LYS G 258 0.31 -25.23 -42.90
C LYS G 258 1.17 -25.48 -41.67
N VAL G 259 2.42 -25.02 -41.68
CA VAL G 259 3.18 -24.86 -40.43
C VAL G 259 2.73 -23.55 -39.78
N VAL G 260 1.77 -23.63 -38.85
CA VAL G 260 1.14 -22.45 -38.25
C VAL G 260 2.02 -21.74 -37.22
N ARG G 261 3.03 -22.45 -36.70
CA ARG G 261 4.05 -21.88 -35.78
C ARG G 261 5.40 -22.34 -36.37
N PRO G 262 6.13 -21.54 -37.19
CA PRO G 262 7.38 -21.99 -37.81
C PRO G 262 8.51 -22.37 -36.83
N THR G 263 8.64 -21.69 -35.68
CA THR G 263 9.65 -21.99 -34.66
C THR G 263 9.38 -23.28 -33.91
N GLY G 264 8.16 -23.83 -33.97
CA GLY G 264 7.80 -25.13 -33.44
C GLY G 264 8.28 -26.33 -34.26
N VAL G 265 8.99 -26.10 -35.36
CA VAL G 265 9.56 -27.13 -36.23
C VAL G 265 11.03 -26.83 -36.49
N VAL G 266 11.90 -27.81 -36.26
CA VAL G 266 13.34 -27.71 -36.48
C VAL G 266 13.78 -28.81 -37.43
N VAL G 267 14.51 -28.44 -38.48
CA VAL G 267 14.85 -29.31 -39.61
C VAL G 267 16.35 -29.44 -39.72
N PHE G 268 16.87 -30.66 -39.64
CA PHE G 268 18.27 -30.90 -39.95
C PHE G 268 18.44 -31.35 -41.39
N ASN G 269 19.46 -30.84 -42.07
CA ASN G 269 19.70 -31.05 -43.49
C ASN G 269 18.48 -30.62 -44.33
N LYS G 270 18.04 -29.37 -44.16
CA LYS G 270 16.86 -28.80 -44.81
C LYS G 270 16.99 -28.75 -46.34
N THR G 271 18.17 -28.42 -46.87
CA THR G 271 18.46 -28.44 -48.30
C THR G 271 18.67 -29.85 -48.88
N GLY G 272 18.49 -30.91 -48.09
CA GLY G 272 18.75 -32.28 -48.49
C GLY G 272 17.83 -32.78 -49.60
N SER G 273 18.39 -33.29 -50.69
CA SER G 273 17.69 -33.72 -51.91
C SER G 273 18.33 -34.95 -52.55
N ALA H 2 57.96 -116.70 -28.82
CA ALA H 2 56.95 -115.66 -29.06
C ALA H 2 55.81 -116.16 -29.93
N PHE H 3 54.59 -115.68 -29.70
CA PHE H 3 53.45 -115.95 -30.58
C PHE H 3 53.45 -115.04 -31.82
N ASN H 4 53.91 -115.55 -32.97
CA ASN H 4 53.78 -114.87 -34.26
C ASN H 4 52.39 -115.03 -34.89
N ASN H 5 51.67 -116.10 -34.55
CA ASN H 5 50.47 -116.54 -35.25
C ASN H 5 49.17 -116.40 -34.44
N PHE H 6 49.21 -116.48 -33.12
CA PHE H 6 48.02 -116.59 -32.30
C PHE H 6 47.50 -115.26 -31.70
N ILE H 7 48.10 -114.12 -32.06
CA ILE H 7 47.70 -112.79 -31.54
C ILE H 7 46.81 -112.07 -32.57
N PRO H 8 45.52 -111.80 -32.29
CA PRO H 8 44.62 -111.18 -33.24
C PRO H 8 44.93 -109.71 -33.55
N GLU H 9 44.50 -109.28 -34.73
CA GLU H 9 44.21 -107.88 -35.03
C GLU H 9 42.68 -107.73 -35.12
N LEU H 10 42.12 -106.68 -34.58
CA LEU H 10 40.67 -106.48 -34.50
C LEU H 10 40.19 -105.42 -35.49
N TRP H 11 38.96 -105.57 -35.95
CA TRP H 11 38.22 -104.54 -36.70
C TRP H 11 37.05 -104.04 -35.87
N SER H 12 36.89 -102.72 -35.81
CA SER H 12 35.66 -102.13 -35.32
C SER H 12 34.53 -102.43 -36.30
N ASP H 13 33.39 -102.90 -35.80
CA ASP H 13 32.26 -103.33 -36.63
C ASP H 13 31.39 -102.18 -37.14
N MET H 14 31.78 -100.93 -36.94
CA MET H 14 31.13 -99.75 -37.52
C MET H 14 32.10 -98.85 -38.25
N LEU H 15 31.65 -98.29 -39.37
CA LEU H 15 32.34 -97.22 -40.09
C LEU H 15 32.20 -95.90 -39.32
N LEU H 16 33.19 -95.02 -39.40
CA LEU H 16 33.06 -93.65 -38.94
C LEU H 16 32.32 -92.82 -39.99
N GLU H 17 31.12 -92.33 -39.66
CA GLU H 17 30.37 -91.39 -40.50
C GLU H 17 31.16 -90.10 -40.73
N GLU H 18 31.13 -89.54 -41.93
CA GLU H 18 31.82 -88.27 -42.21
C GLU H 18 31.16 -87.09 -41.50
N TRP H 19 31.95 -86.22 -40.89
CA TRP H 19 31.49 -84.94 -40.36
C TRP H 19 31.18 -83.99 -41.50
N THR H 20 29.91 -83.54 -41.59
CA THR H 20 29.38 -82.68 -42.66
C THR H 20 28.68 -81.46 -42.08
N ALA H 21 28.70 -80.34 -42.79
CA ALA H 21 28.04 -79.10 -42.37
C ALA H 21 26.52 -79.24 -42.20
N GLN H 22 25.94 -78.52 -41.25
CA GLN H 22 24.49 -78.39 -41.12
C GLN H 22 23.93 -77.64 -42.33
N THR H 23 22.86 -78.15 -42.93
CA THR H 23 22.16 -77.47 -44.01
C THR H 23 21.11 -76.54 -43.42
N VAL H 24 21.05 -75.28 -43.86
CA VAL H 24 20.15 -74.26 -43.29
C VAL H 24 19.27 -73.57 -44.32
N PHE H 25 19.74 -73.36 -45.54
CA PHE H 25 19.11 -72.42 -46.46
C PHE H 25 17.74 -72.88 -46.96
N ALA H 26 17.54 -74.18 -47.20
CA ALA H 26 16.27 -74.73 -47.66
C ALA H 26 15.10 -74.57 -46.67
N ASN H 27 15.37 -74.18 -45.42
CA ASN H 27 14.33 -73.83 -44.46
C ASN H 27 14.11 -72.31 -44.31
N LEU H 28 15.03 -71.48 -44.81
CA LEU H 28 14.96 -70.03 -44.68
C LEU H 28 14.27 -69.33 -45.86
N VAL H 29 14.25 -69.93 -47.05
CA VAL H 29 13.63 -69.36 -48.25
C VAL H 29 12.16 -69.75 -48.42
N ASN H 30 11.40 -69.00 -49.23
CA ASN H 30 10.00 -69.23 -49.56
C ASN H 30 9.81 -70.52 -50.39
N ARG H 31 8.86 -71.38 -50.01
CA ARG H 31 8.58 -72.67 -50.67
C ARG H 31 7.28 -72.70 -51.47
N GLU H 32 6.48 -71.61 -51.45
CA GLU H 32 5.07 -71.60 -51.98
C GLU H 32 4.90 -72.02 -53.44
N TYR H 33 5.93 -71.95 -54.27
CA TYR H 33 5.79 -72.21 -55.74
C TYR H 33 5.91 -73.71 -56.03
N GLU H 34 6.01 -74.60 -55.02
CA GLU H 34 6.01 -76.08 -55.21
C GLU H 34 4.60 -76.60 -55.55
N GLY H 35 3.55 -76.10 -54.88
CA GLY H 35 2.18 -76.54 -55.12
C GLY H 35 1.78 -76.50 -56.59
N ILE H 36 2.17 -75.45 -57.30
CA ILE H 36 1.91 -75.30 -58.73
C ILE H 36 2.96 -75.96 -59.60
N ALA H 37 4.23 -75.95 -59.21
CA ALA H 37 5.34 -76.49 -59.98
C ALA H 37 5.44 -78.02 -59.97
N SER H 38 4.36 -78.74 -59.72
CA SER H 38 4.28 -80.19 -59.81
C SER H 38 4.41 -80.74 -61.24
N LYS H 39 4.30 -79.87 -62.24
CA LYS H 39 4.57 -80.10 -63.67
C LYS H 39 5.22 -78.86 -64.29
N GLY H 40 5.65 -78.96 -65.54
CA GLY H 40 6.35 -77.86 -66.21
C GLY H 40 7.74 -77.60 -65.65
N ASN H 41 8.50 -76.72 -66.27
CA ASN H 41 9.85 -76.38 -65.86
C ASN H 41 10.10 -74.88 -65.65
N VAL H 42 9.04 -74.07 -65.67
CA VAL H 42 9.10 -72.63 -65.40
C VAL H 42 7.89 -72.21 -64.58
N VAL H 43 8.09 -71.34 -63.59
CA VAL H 43 7.03 -70.54 -62.99
C VAL H 43 7.28 -69.07 -63.30
N HIS H 44 6.29 -68.39 -63.84
CA HIS H 44 6.23 -66.95 -64.01
C HIS H 44 5.51 -66.32 -62.84
N ILE H 45 6.18 -65.37 -62.19
CA ILE H 45 5.68 -64.57 -61.08
C ILE H 45 5.61 -63.11 -61.54
N ALA H 46 4.50 -62.44 -61.28
CA ALA H 46 4.27 -61.06 -61.72
C ALA H 46 3.93 -60.14 -60.55
N GLY H 47 4.26 -58.86 -60.68
CA GLY H 47 4.04 -57.85 -59.67
C GLY H 47 3.43 -56.58 -60.21
N VAL H 48 2.56 -55.95 -59.42
CA VAL H 48 1.91 -54.67 -59.72
C VAL H 48 2.95 -53.57 -59.93
N VAL H 49 2.73 -52.69 -60.90
CA VAL H 49 3.28 -51.33 -60.88
C VAL H 49 2.20 -50.38 -60.41
N ALA H 50 2.45 -49.60 -59.36
CA ALA H 50 1.44 -48.67 -58.85
C ALA H 50 1.03 -47.59 -59.88
N PRO H 51 -0.26 -47.23 -59.97
CA PRO H 51 -0.71 -46.05 -60.71
C PRO H 51 -0.11 -44.74 -60.17
N THR H 52 0.01 -43.71 -61.00
CA THR H 52 0.78 -42.49 -60.68
C THR H 52 -0.16 -41.31 -60.36
N VAL H 53 0.04 -40.68 -59.21
CA VAL H 53 -0.73 -39.51 -58.75
C VAL H 53 -0.43 -38.29 -59.61
N LYS H 54 -1.47 -37.57 -60.02
CA LYS H 54 -1.40 -36.36 -60.84
C LYS H 54 -1.80 -35.13 -60.04
N ASP H 55 -1.22 -33.98 -60.39
CA ASP H 55 -1.66 -32.66 -59.92
C ASP H 55 -2.89 -32.23 -60.72
N TYR H 56 -4.08 -32.51 -60.19
CA TYR H 56 -5.38 -32.18 -60.80
C TYR H 56 -5.57 -30.67 -60.92
N LYS H 57 -4.99 -29.88 -60.00
CA LYS H 57 -5.05 -28.42 -60.01
C LYS H 57 -4.17 -27.78 -61.08
N ALA H 58 -2.98 -28.31 -61.34
CA ALA H 58 -2.11 -27.83 -62.41
C ALA H 58 -2.63 -28.22 -63.80
N ALA H 59 -3.27 -29.39 -63.91
CA ALA H 59 -3.97 -29.86 -65.09
C ALA H 59 -5.30 -29.12 -65.39
N GLY H 60 -5.45 -27.85 -65.01
CA GLY H 60 -6.72 -27.14 -65.00
C GLY H 60 -7.59 -27.67 -63.88
N ARG H 61 -8.61 -28.47 -64.21
CA ARG H 61 -9.22 -29.47 -63.33
C ARG H 61 -9.54 -30.75 -64.12
N GLN H 62 -8.70 -31.08 -65.09
CA GLN H 62 -8.84 -32.21 -65.98
C GLN H 62 -8.21 -33.48 -65.40
N THR H 63 -8.70 -34.64 -65.79
CA THR H 63 -8.04 -35.93 -65.57
C THR H 63 -8.32 -36.89 -66.71
N SER H 64 -7.29 -37.59 -67.17
CA SER H 64 -7.37 -38.65 -68.17
C SER H 64 -6.70 -39.92 -67.66
N ALA H 65 -7.22 -41.08 -68.04
CA ALA H 65 -6.80 -42.36 -67.50
C ALA H 65 -5.46 -42.84 -68.07
N ASP H 66 -4.65 -43.52 -67.25
CA ASP H 66 -3.46 -44.26 -67.64
C ASP H 66 -3.72 -45.74 -67.94
N ALA H 67 -2.88 -46.35 -68.76
CA ALA H 67 -2.74 -47.79 -68.81
C ALA H 67 -2.05 -48.33 -67.56
N ILE H 68 -2.58 -49.39 -66.96
CA ILE H 68 -1.83 -50.17 -65.97
C ILE H 68 -0.73 -51.01 -66.62
N SER H 69 0.26 -51.39 -65.83
CA SER H 69 1.48 -52.07 -66.26
C SER H 69 1.95 -53.02 -65.17
N ASP H 70 2.73 -54.03 -65.51
CA ASP H 70 3.25 -55.05 -64.59
C ASP H 70 4.75 -55.27 -64.70
N THR H 71 5.28 -56.01 -63.74
CA THR H 71 6.65 -56.50 -63.65
C THR H 71 6.61 -58.02 -63.56
N GLY H 72 7.69 -58.72 -63.89
CA GLY H 72 7.75 -60.15 -63.64
C GLY H 72 9.14 -60.77 -63.66
N VAL H 73 9.22 -61.93 -63.04
CA VAL H 73 10.39 -62.78 -62.90
C VAL H 73 10.00 -64.23 -63.12
N ASP H 74 10.90 -65.02 -63.65
CA ASP H 74 10.70 -66.44 -63.93
C ASP H 74 11.66 -67.33 -63.13
N LEU H 75 11.11 -68.28 -62.39
CA LEU H 75 11.82 -69.32 -61.65
C LEU H 75 11.96 -70.55 -62.55
N LEU H 76 13.20 -70.97 -62.83
CA LEU H 76 13.49 -72.10 -63.72
C LEU H 76 13.82 -73.35 -62.92
N ILE H 77 13.15 -74.47 -63.20
CA ILE H 77 13.47 -75.77 -62.60
C ILE H 77 14.57 -76.45 -63.41
N ASP H 78 15.77 -75.88 -63.39
CA ASP H 78 16.87 -76.23 -64.29
C ASP H 78 18.02 -77.00 -63.64
N GLN H 79 17.94 -77.36 -62.36
CA GLN H 79 18.99 -78.09 -61.65
C GLN H 79 18.61 -79.55 -61.52
N GLU H 80 19.52 -80.42 -61.93
CA GLU H 80 19.31 -81.87 -62.05
C GLU H 80 20.56 -82.57 -61.56
N LYS H 81 20.53 -83.13 -60.36
CA LYS H 81 21.70 -83.70 -59.66
C LYS H 81 21.44 -85.13 -59.25
N SER H 82 22.46 -85.97 -59.31
CA SER H 82 22.33 -87.39 -58.99
C SER H 82 23.49 -87.97 -58.18
N ILE H 83 23.19 -89.05 -57.48
CA ILE H 83 24.13 -89.95 -56.79
C ILE H 83 23.96 -91.33 -57.42
N ASP H 84 25.04 -92.07 -57.60
CA ASP H 84 25.01 -93.36 -58.30
C ASP H 84 26.23 -94.20 -57.93
N PHE H 85 26.06 -95.26 -57.16
CA PHE H 85 27.17 -96.08 -56.64
C PHE H 85 26.84 -97.56 -56.53
N LEU H 86 27.87 -98.40 -56.60
CA LEU H 86 27.79 -99.84 -56.50
C LEU H 86 28.19 -100.34 -55.12
N VAL H 87 27.44 -101.28 -54.55
CA VAL H 87 27.90 -102.10 -53.43
C VAL H 87 28.17 -103.50 -53.93
N ASP H 88 29.43 -103.84 -54.07
CA ASP H 88 29.87 -105.17 -54.46
C ASP H 88 29.40 -106.21 -53.44
N ASP H 89 28.73 -107.25 -53.90
CA ASP H 89 28.08 -108.19 -53.00
C ASP H 89 28.98 -109.32 -52.48
N ILE H 90 30.25 -109.39 -52.90
CA ILE H 90 31.29 -110.09 -52.14
C ILE H 90 31.69 -109.20 -50.97
N ASP H 91 31.98 -107.91 -51.21
CA ASP H 91 32.35 -106.98 -50.15
C ASP H 91 31.28 -106.89 -49.07
N ARG H 92 30.00 -106.77 -49.46
CA ARG H 92 28.88 -106.60 -48.49
C ARG H 92 28.96 -107.71 -47.43
N VAL H 93 29.39 -108.92 -47.79
CA VAL H 93 29.52 -110.09 -46.87
C VAL H 93 30.87 -110.05 -46.14
N GLN H 94 31.97 -109.81 -46.85
CA GLN H 94 33.31 -109.86 -46.28
C GLN H 94 33.63 -108.74 -45.27
N VAL H 95 32.98 -107.58 -45.34
CA VAL H 95 33.27 -106.46 -44.42
C VAL H 95 32.83 -106.74 -42.99
N ALA H 96 33.42 -106.00 -42.04
CA ALA H 96 33.24 -106.19 -40.60
C ALA H 96 31.85 -105.80 -40.05
N GLY H 97 31.01 -105.12 -40.83
CA GLY H 97 29.68 -104.70 -40.43
C GLY H 97 28.85 -104.12 -41.57
N SER H 98 27.74 -103.46 -41.26
CA SER H 98 26.84 -102.87 -42.26
C SER H 98 27.49 -101.81 -43.16
N LEU H 99 27.05 -101.75 -44.43
CA LEU H 99 27.39 -100.72 -45.42
C LEU H 99 26.24 -99.72 -45.65
N GLU H 100 25.17 -99.74 -44.87
CA GLU H 100 24.02 -98.82 -45.01
C GLU H 100 24.45 -97.34 -44.98
N ALA H 101 25.52 -97.01 -44.26
CA ALA H 101 26.07 -95.68 -44.12
C ALA H 101 26.38 -95.01 -45.47
N TYR H 102 26.74 -95.76 -46.51
CA TYR H 102 26.94 -95.21 -47.85
C TYR H 102 25.67 -94.67 -48.49
N THR H 103 24.49 -95.19 -48.16
CA THR H 103 23.23 -94.61 -48.63
C THR H 103 22.97 -93.26 -47.95
N ARG H 104 23.22 -93.18 -46.62
CA ARG H 104 23.07 -91.96 -45.83
C ARG H 104 24.07 -90.89 -46.23
N ALA H 105 25.30 -91.27 -46.54
CA ALA H 105 26.29 -90.38 -47.13
C ALA H 105 25.78 -89.81 -48.47
N GLY H 106 25.23 -90.65 -49.35
CA GLY H 106 24.65 -90.21 -50.63
C GLY H 106 23.49 -89.24 -50.47
N ALA H 107 22.53 -89.52 -49.60
CA ALA H 107 21.43 -88.60 -49.30
C ALA H 107 21.94 -87.27 -48.72
N THR H 108 22.88 -87.33 -47.78
CA THR H 108 23.50 -86.15 -47.18
C THR H 108 24.26 -85.30 -48.19
N ALA H 109 24.88 -85.92 -49.19
CA ALA H 109 25.56 -85.19 -50.25
C ALA H 109 24.61 -84.41 -51.16
N LEU H 110 23.44 -84.98 -51.52
CA LEU H 110 22.42 -84.24 -52.29
C LEU H 110 21.82 -83.08 -51.47
N ALA H 111 21.57 -83.28 -50.18
CA ALA H 111 21.11 -82.21 -49.30
C ALA H 111 22.12 -81.08 -49.17
N THR H 112 23.40 -81.40 -49.05
CA THR H 112 24.48 -80.41 -49.05
C THR H 112 24.53 -79.64 -50.36
N ASP H 113 24.41 -80.31 -51.50
CA ASP H 113 24.46 -79.66 -52.80
C ASP H 113 23.27 -78.71 -53.05
N THR H 114 22.10 -79.10 -52.54
CA THR H 114 20.91 -78.25 -52.50
C THR H 114 21.17 -77.00 -51.67
N ASP H 115 21.75 -77.16 -50.47
CA ASP H 115 22.06 -76.03 -49.61
C ASP H 115 23.07 -75.07 -50.25
N LYS H 116 24.14 -75.58 -50.86
CA LYS H 116 25.11 -74.76 -51.61
C LYS H 116 24.48 -74.05 -52.80
N PHE H 117 23.50 -74.66 -53.48
CA PHE H 117 22.78 -73.97 -54.56
C PHE H 117 22.01 -72.75 -54.04
N ILE H 118 21.21 -72.90 -52.99
CA ILE H 118 20.45 -71.78 -52.45
C ILE H 118 21.39 -70.68 -51.94
N ALA H 119 22.47 -71.05 -51.24
CA ALA H 119 23.47 -70.11 -50.78
C ALA H 119 24.12 -69.33 -51.94
N ASP H 120 24.57 -70.00 -53.00
CA ASP H 120 25.15 -69.33 -54.17
C ASP H 120 24.14 -68.44 -54.90
N MET H 121 22.86 -68.81 -54.92
CA MET H 121 21.83 -68.00 -55.53
C MET H 121 21.63 -66.70 -54.75
N LEU H 122 21.46 -66.77 -53.43
CA LEU H 122 21.40 -65.59 -52.57
C LEU H 122 22.64 -64.69 -52.73
N VAL H 123 23.84 -65.25 -52.76
CA VAL H 123 25.06 -64.46 -52.98
C VAL H 123 25.11 -63.85 -54.38
N ASP H 124 24.86 -64.61 -55.44
CA ASP H 124 25.05 -64.12 -56.81
C ASP H 124 24.00 -63.12 -57.27
N ASN H 125 22.76 -63.30 -56.85
CA ASN H 125 21.63 -62.52 -57.34
C ASN H 125 21.18 -61.41 -56.38
N GLY H 126 21.62 -61.41 -55.12
CA GLY H 126 21.31 -60.35 -54.17
C GLY H 126 22.04 -59.03 -54.44
N THR H 127 21.57 -57.95 -53.82
CA THR H 127 22.15 -56.61 -53.90
C THR H 127 23.47 -56.51 -53.15
N ALA H 128 24.51 -55.90 -53.70
CA ALA H 128 25.79 -55.75 -53.02
C ALA H 128 25.71 -54.76 -51.84
N LEU H 129 26.31 -55.10 -50.70
CA LEU H 129 26.60 -54.16 -49.62
C LEU H 129 27.91 -53.40 -49.91
N THR H 130 27.99 -52.14 -49.52
CA THR H 130 29.05 -51.22 -49.99
C THR H 130 30.42 -51.43 -49.34
N GLY H 131 30.46 -51.83 -48.07
CA GLY H 131 31.66 -51.71 -47.24
C GLY H 131 32.86 -52.61 -47.61
N SER H 132 33.99 -52.34 -46.96
CA SER H 132 35.20 -53.18 -46.99
C SER H 132 35.25 -54.16 -45.80
N ALA H 133 36.16 -55.14 -45.85
CA ALA H 133 36.26 -56.18 -44.83
C ALA H 133 36.50 -55.63 -43.41
N PRO H 134 35.86 -56.19 -42.38
CA PRO H 134 35.95 -55.66 -41.03
C PRO H 134 37.37 -55.74 -40.47
N SER H 135 37.84 -54.65 -39.88
CA SER H 135 39.12 -54.62 -39.17
C SER H 135 38.98 -55.00 -37.70
N ASP H 136 37.77 -54.90 -37.14
CA ASP H 136 37.47 -55.18 -35.73
C ASP H 136 35.99 -55.52 -35.52
N ALA H 137 35.62 -55.95 -34.31
CA ALA H 137 34.27 -56.43 -34.05
C ALA H 137 33.19 -55.36 -34.21
N ASP H 138 33.51 -54.09 -34.00
CA ASP H 138 32.60 -52.97 -34.29
C ASP H 138 32.40 -52.74 -35.79
N ASP H 139 33.43 -52.88 -36.63
CA ASP H 139 33.21 -52.90 -38.06
C ASP H 139 32.27 -54.03 -38.48
N ALA H 140 32.42 -55.24 -37.93
CA ALA H 140 31.53 -56.34 -38.25
C ALA H 140 30.09 -56.07 -37.82
N PHE H 141 29.88 -55.43 -36.67
CA PHE H 141 28.57 -55.01 -36.23
C PHE H 141 27.96 -53.95 -37.13
N ASP H 142 28.75 -52.96 -37.55
CA ASP H 142 28.30 -51.89 -38.44
C ASP H 142 28.00 -52.40 -39.84
N LEU H 143 28.71 -53.42 -40.34
CA LEU H 143 28.32 -54.11 -41.56
C LEU H 143 26.95 -54.78 -41.44
N ILE H 144 26.64 -55.44 -40.33
CA ILE H 144 25.29 -56.01 -40.16
C ILE H 144 24.26 -54.89 -40.05
N ALA H 145 24.51 -53.87 -39.23
CA ALA H 145 23.59 -52.76 -39.04
C ALA H 145 23.31 -52.00 -40.34
N SER H 146 24.31 -51.82 -41.20
CA SER H 146 24.14 -51.19 -42.51
C SER H 146 23.43 -52.09 -43.50
N ALA H 147 23.63 -53.41 -43.51
CA ALA H 147 22.82 -54.31 -44.31
C ALA H 147 21.33 -54.24 -43.95
N LEU H 148 21.02 -54.15 -42.66
CA LEU H 148 19.65 -53.98 -42.20
C LEU H 148 19.10 -52.59 -42.55
N LYS H 149 19.92 -51.54 -42.60
CA LYS H 149 19.52 -50.25 -43.21
C LYS H 149 19.11 -50.44 -44.66
N GLU H 150 19.93 -51.05 -45.50
CA GLU H 150 19.61 -51.20 -46.92
C GLU H 150 18.35 -52.03 -47.15
N LEU H 151 18.04 -53.03 -46.33
CA LEU H 151 16.71 -53.63 -46.35
C LEU H 151 15.59 -52.64 -46.03
N THR H 152 15.74 -51.82 -44.98
CA THR H 152 14.74 -50.81 -44.62
C THR H 152 14.56 -49.73 -45.69
N LYS H 153 15.60 -49.29 -46.38
CA LYS H 153 15.44 -48.33 -47.49
C LYS H 153 14.69 -48.93 -48.68
N ALA H 154 14.80 -50.24 -48.87
CA ALA H 154 14.05 -51.00 -49.88
C ALA H 154 12.61 -51.36 -49.46
N ASN H 155 12.15 -50.93 -48.29
CA ASN H 155 10.82 -51.21 -47.72
C ASN H 155 10.54 -52.68 -47.44
N VAL H 156 11.57 -53.49 -47.27
CA VAL H 156 11.49 -54.89 -46.86
C VAL H 156 10.87 -54.97 -45.47
N PRO H 157 9.96 -55.93 -45.18
CA PRO H 157 9.29 -56.01 -43.88
C PRO H 157 10.26 -56.07 -42.71
N ASN H 158 9.88 -55.56 -41.54
CA ASN H 158 10.76 -55.55 -40.37
C ASN H 158 10.75 -56.87 -39.59
N VAL H 159 9.59 -57.49 -39.43
CA VAL H 159 9.47 -58.80 -38.78
C VAL H 159 9.98 -59.90 -39.70
N GLY H 160 10.72 -60.86 -39.15
CA GLY H 160 11.12 -62.09 -39.85
C GLY H 160 12.39 -62.02 -40.69
N ARG H 161 13.22 -61.00 -40.55
CA ARG H 161 14.51 -60.88 -41.25
C ARG H 161 15.53 -61.87 -40.71
N VAL H 162 16.43 -62.33 -41.56
CA VAL H 162 17.48 -63.30 -41.26
C VAL H 162 18.82 -62.82 -41.81
N VAL H 163 19.91 -62.94 -41.05
CA VAL H 163 21.27 -62.82 -41.57
C VAL H 163 21.96 -64.18 -41.46
N VAL H 164 22.51 -64.69 -42.56
CA VAL H 164 23.32 -65.91 -42.58
C VAL H 164 24.77 -65.54 -42.78
N VAL H 165 25.64 -65.95 -41.85
CA VAL H 165 27.05 -65.60 -41.74
C VAL H 165 27.94 -66.82 -41.98
N ASN H 166 29.07 -66.64 -42.67
CA ASN H 166 30.10 -67.68 -42.74
C ASN H 166 30.93 -67.70 -41.45
N ALA H 167 31.73 -68.76 -41.22
CA ALA H 167 32.54 -68.89 -40.02
C ALA H 167 33.51 -67.71 -39.80
N GLU H 168 34.15 -67.19 -40.84
CA GLU H 168 34.99 -65.99 -40.77
C GLU H 168 34.23 -64.76 -40.26
N MET H 169 33.00 -64.56 -40.71
CA MET H 169 32.15 -63.50 -40.22
C MET H 169 31.66 -63.75 -38.79
N ALA H 170 31.25 -64.98 -38.48
CA ALA H 170 30.78 -65.36 -37.15
C ALA H 170 31.86 -65.24 -36.08
N PHE H 171 33.14 -65.41 -36.43
CA PHE H 171 34.27 -65.16 -35.54
C PHE H 171 34.22 -63.77 -34.91
N TRP H 172 33.96 -62.72 -35.70
CA TRP H 172 33.91 -61.37 -35.16
C TRP H 172 32.84 -61.19 -34.09
N LEU H 173 31.67 -61.78 -34.26
CA LEU H 173 30.61 -61.76 -33.26
C LEU H 173 30.97 -62.48 -31.95
N ARG H 174 32.01 -63.32 -31.95
CA ARG H 174 32.54 -64.02 -30.76
C ARG H 174 33.97 -63.62 -30.38
N SER H 175 34.55 -62.62 -31.02
CA SER H 175 35.90 -62.15 -30.75
C SER H 175 35.98 -61.37 -29.44
N SER H 176 37.19 -61.04 -28.99
CA SER H 176 37.42 -60.25 -27.77
C SER H 176 36.72 -58.89 -27.80
N GLY H 177 36.67 -58.22 -28.95
CA GLY H 177 36.06 -56.89 -29.09
C GLY H 177 34.54 -56.88 -29.23
N SER H 178 33.89 -58.03 -29.32
CA SER H 178 32.45 -58.16 -29.53
C SER H 178 31.61 -57.63 -28.36
N LYS H 179 30.43 -57.07 -28.66
CA LYS H 179 29.40 -56.76 -27.66
C LYS H 179 28.91 -57.98 -26.90
N LEU H 180 28.95 -59.14 -27.54
CA LEU H 180 28.35 -60.38 -27.05
C LEU H 180 29.25 -61.13 -26.07
N THR H 181 30.57 -60.97 -26.16
CA THR H 181 31.57 -61.60 -25.26
C THR H 181 31.78 -60.80 -23.97
N SER H 182 30.74 -60.12 -23.50
CA SER H 182 30.81 -59.18 -22.38
C SER H 182 29.50 -59.17 -21.63
N ALA H 183 29.48 -59.67 -20.40
CA ALA H 183 28.32 -59.60 -19.51
C ALA H 183 27.91 -58.18 -19.13
N ASP H 184 28.76 -57.20 -19.42
CA ASP H 184 28.55 -55.78 -19.18
C ASP H 184 27.76 -55.14 -20.32
N THR H 185 28.24 -55.35 -21.55
CA THR H 185 27.69 -54.76 -22.78
C THR H 185 26.42 -55.46 -23.24
N SER H 186 26.37 -56.78 -23.10
CA SER H 186 25.14 -57.58 -23.22
C SER H 186 24.42 -57.67 -21.88
N GLY H 187 23.21 -58.20 -21.86
CA GLY H 187 22.46 -58.36 -20.60
C GLY H 187 22.97 -59.48 -19.67
N ASP H 188 23.74 -60.43 -20.20
CA ASP H 188 24.13 -61.69 -19.56
C ASP H 188 25.48 -62.21 -20.07
N ALA H 189 26.05 -63.19 -19.38
CA ALA H 189 27.34 -63.80 -19.71
C ALA H 189 27.28 -64.92 -20.76
N ALA H 190 26.11 -65.21 -21.33
CA ALA H 190 25.89 -66.33 -22.25
C ALA H 190 26.79 -66.31 -23.50
N GLY H 191 27.06 -65.14 -24.07
CA GLY H 191 27.96 -65.01 -25.22
C GLY H 191 29.44 -65.20 -24.87
N LEU H 192 29.81 -65.14 -23.60
CA LEU H 192 31.16 -65.47 -23.12
C LEU H 192 31.27 -66.96 -22.74
N ARG H 193 30.34 -67.48 -21.94
CA ARG H 193 30.39 -68.86 -21.43
C ARG H 193 29.88 -69.90 -22.42
N ALA H 194 28.64 -69.77 -22.88
CA ALA H 194 28.02 -70.68 -23.84
C ALA H 194 28.44 -70.41 -25.30
N GLY H 195 28.86 -69.19 -25.61
CA GLY H 195 29.24 -68.77 -26.97
C GLY H 195 28.06 -68.37 -27.85
N THR H 196 26.86 -68.22 -27.29
CA THR H 196 25.63 -67.87 -28.01
C THR H 196 25.75 -66.53 -28.73
N ILE H 197 25.32 -66.44 -29.99
CA ILE H 197 25.19 -65.14 -30.69
C ILE H 197 23.80 -64.54 -30.46
N GLY H 198 22.73 -65.31 -30.66
CA GLY H 198 21.34 -64.84 -30.49
C GLY H 198 20.90 -63.86 -31.57
N ASN H 199 19.80 -63.14 -31.35
CA ASN H 199 19.33 -62.10 -32.26
C ASN H 199 20.18 -60.83 -32.19
N LEU H 200 20.35 -60.14 -33.30
CA LEU H 200 20.90 -58.79 -33.35
C LEU H 200 19.93 -57.89 -34.10
N LEU H 201 19.62 -56.72 -33.55
CA LEU H 201 18.82 -55.68 -34.19
C LEU H 201 17.48 -56.19 -34.77
N GLY H 202 16.88 -57.18 -34.13
CA GLY H 202 15.63 -57.83 -34.53
C GLY H 202 15.78 -58.98 -35.52
N ALA H 203 16.92 -59.10 -36.20
CA ALA H 203 17.20 -60.19 -37.13
C ALA H 203 17.69 -61.46 -36.42
N ARG H 204 17.30 -62.62 -36.94
CA ARG H 204 17.93 -63.90 -36.58
C ARG H 204 19.33 -63.93 -37.16
N ILE H 205 20.30 -64.41 -36.40
CA ILE H 205 21.65 -64.68 -36.92
C ILE H 205 21.85 -66.19 -37.01
N VAL H 206 22.24 -66.66 -38.18
CA VAL H 206 22.34 -68.09 -38.51
C VAL H 206 23.72 -68.36 -39.09
N GLU H 207 24.39 -69.43 -38.70
CA GLU H 207 25.74 -69.74 -39.17
C GLU H 207 25.73 -70.83 -40.23
N SER H 208 26.55 -70.71 -41.29
CA SER H 208 26.68 -71.75 -42.32
C SER H 208 28.07 -71.84 -42.94
N ASN H 209 28.57 -73.05 -43.15
CA ASN H 209 29.78 -73.30 -43.97
C ASN H 209 29.49 -73.37 -45.48
N ASN H 210 28.23 -73.43 -45.92
CA ASN H 210 27.85 -73.58 -47.33
C ASN H 210 27.91 -72.29 -48.16
N LEU H 211 28.15 -71.14 -47.55
CA LEU H 211 28.46 -69.91 -48.29
C LEU H 211 29.76 -70.08 -49.09
N ARG H 212 29.91 -69.37 -50.21
CA ARG H 212 31.02 -69.59 -51.14
C ARG H 212 32.36 -69.23 -50.53
N ASP H 213 32.46 -68.14 -49.78
CA ASP H 213 33.72 -67.72 -49.20
C ASP H 213 34.01 -68.44 -47.89
N THR H 214 35.24 -68.91 -47.73
CA THR H 214 35.70 -69.69 -46.58
C THR H 214 37.00 -69.17 -45.99
N ASP H 215 37.56 -68.08 -46.50
CA ASP H 215 38.70 -67.43 -45.86
C ASP H 215 38.65 -65.89 -45.83
N ASP H 216 37.62 -65.27 -46.41
CA ASP H 216 37.16 -63.93 -46.02
C ASP H 216 35.76 -63.99 -45.42
N GLU H 217 35.39 -62.95 -44.70
CA GLU H 217 34.05 -62.74 -44.18
C GLU H 217 33.04 -62.58 -45.30
N GLN H 218 31.92 -63.26 -45.20
CA GLN H 218 30.81 -63.14 -46.14
C GLN H 218 29.51 -63.36 -45.37
N PHE H 219 28.47 -62.61 -45.70
CA PHE H 219 27.14 -62.85 -45.16
C PHE H 219 26.06 -62.35 -46.11
N VAL H 220 24.85 -62.91 -45.98
CA VAL H 220 23.64 -62.43 -46.66
C VAL H 220 22.56 -62.08 -45.64
N ALA H 221 21.98 -60.88 -45.75
CA ALA H 221 20.85 -60.43 -44.97
C ALA H 221 19.62 -60.38 -45.87
N PHE H 222 18.51 -61.01 -45.48
CA PHE H 222 17.34 -61.10 -46.35
C PHE H 222 16.03 -61.31 -45.59
N HIS H 223 14.92 -61.08 -46.27
CA HIS H 223 13.61 -61.52 -45.80
C HIS H 223 13.22 -62.83 -46.50
N PRO H 224 12.69 -63.84 -45.81
CA PRO H 224 12.35 -65.14 -46.39
C PRO H 224 11.54 -65.09 -47.68
N SER H 225 10.60 -64.16 -47.79
CA SER H 225 9.76 -64.00 -48.98
C SER H 225 10.49 -63.48 -50.23
N ALA H 226 11.71 -62.94 -50.12
CA ALA H 226 12.45 -62.37 -51.23
C ALA H 226 13.03 -63.40 -52.20
N ALA H 227 13.18 -64.65 -51.76
CA ALA H 227 13.81 -65.71 -52.51
C ALA H 227 12.99 -66.99 -52.38
N ALA H 228 12.81 -67.71 -53.48
CA ALA H 228 11.97 -68.88 -53.53
C ALA H 228 12.70 -70.07 -54.13
N TYR H 229 12.31 -71.26 -53.72
CA TYR H 229 12.91 -72.51 -54.16
C TYR H 229 11.87 -73.62 -54.25
N VAL H 230 12.02 -74.46 -55.27
CA VAL H 230 11.12 -75.57 -55.60
C VAL H 230 11.94 -76.85 -55.75
N SER H 231 11.60 -77.88 -54.98
CA SER H 231 11.99 -79.26 -55.25
C SER H 231 10.87 -79.93 -56.05
N GLN H 232 11.13 -80.34 -57.27
CA GLN H 232 10.12 -80.91 -58.16
C GLN H 232 10.11 -82.43 -58.10
N ILE H 233 11.29 -83.06 -58.17
CA ILE H 233 11.47 -84.51 -58.09
C ILE H 233 12.59 -84.80 -57.09
N ASP H 234 12.36 -85.74 -56.18
CA ASP H 234 13.36 -86.24 -55.25
C ASP H 234 13.12 -87.74 -55.07
N THR H 235 13.91 -88.58 -55.73
CA THR H 235 13.68 -90.04 -55.80
C THR H 235 14.95 -90.86 -55.63
N VAL H 236 14.81 -92.05 -55.06
CA VAL H 236 15.88 -93.05 -54.90
C VAL H 236 15.41 -94.43 -55.38
N GLU H 237 16.30 -95.15 -56.04
CA GLU H 237 16.06 -96.38 -56.78
C GLU H 237 17.21 -97.37 -56.55
N ALA H 238 16.89 -98.64 -56.34
CA ALA H 238 17.85 -99.71 -56.21
C ALA H 238 17.73 -100.74 -57.33
N LEU H 239 18.86 -101.15 -57.90
CA LEU H 239 18.99 -102.10 -59.01
C LEU H 239 20.10 -103.14 -58.75
N ARG H 240 20.17 -104.20 -59.56
CA ARG H 240 21.38 -105.03 -59.69
C ARG H 240 22.27 -104.47 -60.80
N ASP H 241 23.57 -104.51 -60.64
CA ASP H 241 24.54 -104.15 -61.69
C ASP H 241 24.50 -105.14 -62.88
N GLN H 242 24.77 -104.69 -64.10
CA GLN H 242 24.83 -105.55 -65.28
C GLN H 242 26.19 -106.22 -65.47
N ASP H 243 27.29 -105.61 -65.03
CA ASP H 243 28.65 -106.10 -65.31
C ASP H 243 29.30 -106.87 -64.15
N SER H 244 28.66 -106.93 -62.99
CA SER H 244 29.22 -107.57 -61.79
C SER H 244 28.13 -107.96 -60.81
N PHE H 245 28.44 -108.84 -59.86
CA PHE H 245 27.56 -109.12 -58.74
C PHE H 245 27.64 -107.97 -57.73
N SER H 246 26.86 -106.93 -57.97
CA SER H 246 26.80 -105.74 -57.13
C SER H 246 25.38 -105.24 -57.08
N ASP H 247 24.98 -104.68 -55.95
CA ASP H 247 23.84 -103.77 -55.93
C ASP H 247 24.25 -102.42 -56.51
N ARG H 248 23.30 -101.71 -57.10
CA ARG H 248 23.44 -100.34 -57.56
C ARG H 248 22.39 -99.49 -56.88
N ILE H 249 22.80 -98.46 -56.17
CA ILE H 249 21.89 -97.50 -55.55
C ILE H 249 22.09 -96.17 -56.27
N ARG H 250 21.00 -95.54 -56.70
CA ARG H 250 21.03 -94.23 -57.35
C ARG H 250 19.87 -93.35 -56.95
N ALA H 251 20.09 -92.04 -56.91
CA ALA H 251 19.08 -91.06 -56.56
C ALA H 251 19.18 -89.82 -57.44
N LEU H 252 18.07 -89.16 -57.67
CA LEU H 252 17.94 -87.97 -58.49
C LEU H 252 17.19 -86.90 -57.73
N HIS H 253 17.71 -85.67 -57.76
CA HIS H 253 17.03 -84.48 -57.28
C HIS H 253 16.91 -83.47 -58.43
N VAL H 254 15.69 -83.02 -58.71
CA VAL H 254 15.38 -82.00 -59.71
C VAL H 254 14.71 -80.83 -59.04
N TYR H 255 15.27 -79.65 -59.19
CA TYR H 255 14.91 -78.48 -58.40
C TYR H 255 15.32 -77.16 -59.07
N GLY H 256 14.89 -76.04 -58.50
CA GLY H 256 15.30 -74.72 -58.94
C GLY H 256 14.91 -73.64 -57.94
N GLY H 257 15.44 -72.43 -58.09
CA GLY H 257 15.11 -71.30 -57.24
C GLY H 257 15.47 -69.97 -57.88
N LYS H 258 14.86 -68.89 -57.38
CA LYS H 258 15.04 -67.52 -57.88
C LYS H 258 14.99 -66.53 -56.71
N VAL H 259 15.81 -65.48 -56.72
CA VAL H 259 15.51 -64.30 -55.90
C VAL H 259 14.41 -63.51 -56.62
N VAL H 260 13.15 -63.73 -56.19
CA VAL H 260 11.98 -63.08 -56.85
C VAL H 260 12.09 -61.58 -56.65
N ARG H 261 12.63 -61.12 -55.52
CA ARG H 261 12.85 -59.69 -55.23
C ARG H 261 14.36 -59.52 -54.98
N PRO H 262 15.15 -58.87 -55.87
CA PRO H 262 16.57 -58.62 -55.61
C PRO H 262 16.83 -57.67 -54.42
N THR H 263 16.00 -56.64 -54.18
CA THR H 263 16.17 -55.65 -53.13
C THR H 263 15.89 -56.21 -51.72
N GLY H 264 15.25 -57.37 -51.61
CA GLY H 264 15.02 -58.09 -50.36
C GLY H 264 16.18 -58.95 -49.89
N VAL H 265 17.29 -59.00 -50.62
CA VAL H 265 18.51 -59.72 -50.28
C VAL H 265 19.69 -58.75 -50.39
N VAL H 266 20.49 -58.62 -49.35
CA VAL H 266 21.72 -57.82 -49.32
C VAL H 266 22.91 -58.71 -49.00
N VAL H 267 23.97 -58.60 -49.78
CA VAL H 267 25.14 -59.49 -49.77
C VAL H 267 26.40 -58.70 -49.42
N PHE H 268 27.07 -59.02 -48.32
CA PHE H 268 28.43 -58.55 -48.08
C PHE H 268 29.47 -59.46 -48.74
N ASN H 269 30.55 -58.90 -49.30
CA ASN H 269 31.58 -59.66 -50.01
C ASN H 269 31.00 -60.53 -51.14
N LYS H 270 30.27 -59.91 -52.06
CA LYS H 270 29.54 -60.60 -53.14
C LYS H 270 30.45 -61.29 -54.14
N THR H 271 31.63 -60.73 -54.42
CA THR H 271 32.66 -61.32 -55.27
C THR H 271 33.59 -62.30 -54.51
N GLY H 272 33.29 -62.64 -53.26
CA GLY H 272 34.09 -63.53 -52.43
C GLY H 272 34.11 -64.98 -52.94
N SER H 273 35.27 -65.62 -52.94
CA SER H 273 35.49 -66.96 -53.49
C SER H 273 36.70 -67.64 -52.87
N ALA I 2 -109.10 67.07 -38.83
CA ALA I 2 -108.45 65.77 -38.60
C ALA I 2 -108.02 65.60 -37.16
N PHE I 3 -107.86 64.37 -36.70
CA PHE I 3 -107.42 64.02 -35.35
C PHE I 3 -105.91 64.16 -35.17
N ASN I 4 -105.41 65.38 -34.93
CA ASN I 4 -104.00 65.61 -34.62
C ASN I 4 -103.57 65.12 -33.23
N ASN I 5 -104.51 64.96 -32.31
CA ASN I 5 -104.25 64.74 -30.89
C ASN I 5 -104.76 63.41 -30.32
N PHE I 6 -105.66 62.69 -30.99
CA PHE I 6 -106.36 61.55 -30.40
C PHE I 6 -105.95 60.17 -30.94
N ILE I 7 -105.11 60.13 -31.98
CA ILE I 7 -104.58 58.88 -32.56
C ILE I 7 -103.30 58.49 -31.80
N PRO I 8 -103.27 57.34 -31.09
CA PRO I 8 -102.10 56.94 -30.33
C PRO I 8 -100.97 56.46 -31.25
N GLU I 9 -99.73 56.81 -30.91
CA GLU I 9 -98.55 56.05 -31.32
C GLU I 9 -98.37 54.84 -30.39
N LEU I 10 -97.71 53.78 -30.86
CA LEU I 10 -97.54 52.53 -30.11
C LEU I 10 -96.07 52.14 -29.99
N TRP I 11 -95.73 51.46 -28.89
CA TRP I 11 -94.41 50.89 -28.63
C TRP I 11 -94.51 49.38 -28.44
N SER I 12 -93.59 48.63 -29.02
CA SER I 12 -93.40 47.23 -28.64
C SER I 12 -92.87 47.14 -27.21
N ASP I 13 -93.45 46.28 -26.39
CA ASP I 13 -92.98 46.03 -25.03
C ASP I 13 -91.71 45.17 -24.96
N MET I 14 -91.01 45.02 -26.08
CA MET I 14 -89.89 44.09 -26.23
C MET I 14 -88.72 44.76 -26.97
N LEU I 15 -87.50 44.63 -26.45
CA LEU I 15 -86.28 45.07 -27.12
C LEU I 15 -85.86 44.04 -28.17
N LEU I 16 -85.38 44.50 -29.33
CA LEU I 16 -84.71 43.65 -30.29
C LEU I 16 -83.28 43.38 -29.81
N GLU I 17 -82.97 42.14 -29.50
CA GLU I 17 -81.61 41.71 -29.21
C GLU I 17 -80.73 41.91 -30.44
N GLU I 18 -79.48 42.35 -30.26
CA GLU I 18 -78.53 42.44 -31.37
C GLU I 18 -78.20 41.04 -31.93
N TRP I 19 -78.03 40.90 -33.24
CA TRP I 19 -77.44 39.72 -33.87
C TRP I 19 -75.92 39.75 -33.69
N THR I 20 -75.36 38.68 -33.14
CA THR I 20 -73.95 38.58 -32.77
C THR I 20 -73.36 37.24 -33.19
N ALA I 21 -72.08 37.23 -33.55
CA ALA I 21 -71.40 36.06 -34.05
C ALA I 21 -71.29 34.94 -33.00
N GLN I 22 -71.44 33.70 -33.43
CA GLN I 22 -71.15 32.54 -32.59
C GLN I 22 -69.67 32.48 -32.22
N THR I 23 -69.34 32.45 -30.94
CA THR I 23 -67.98 32.36 -30.41
C THR I 23 -67.55 30.90 -30.27
N VAL I 24 -66.42 30.52 -30.85
CA VAL I 24 -65.98 29.12 -30.92
C VAL I 24 -64.59 28.87 -30.36
N PHE I 25 -63.66 29.82 -30.43
CA PHE I 25 -62.24 29.54 -30.25
C PHE I 25 -61.87 29.07 -28.84
N ALA I 26 -62.53 29.53 -27.78
CA ALA I 26 -62.26 29.09 -26.41
C ALA I 26 -62.57 27.60 -26.15
N ASN I 27 -63.35 26.95 -26.99
CA ASN I 27 -63.57 25.51 -26.96
C ASN I 27 -62.63 24.73 -27.89
N LEU I 28 -61.92 25.39 -28.80
CA LEU I 28 -61.01 24.73 -29.73
C LEU I 28 -59.59 24.62 -29.19
N VAL I 29 -59.07 25.65 -28.53
CA VAL I 29 -57.70 25.70 -28.00
C VAL I 29 -57.51 24.89 -26.70
N ASN I 30 -56.26 24.68 -26.29
CA ASN I 30 -55.87 23.96 -25.07
C ASN I 30 -56.21 24.73 -23.78
N ARG I 31 -56.79 24.04 -22.80
CA ARG I 31 -57.19 24.62 -21.50
C ARG I 31 -56.40 24.07 -20.31
N GLU I 32 -55.36 23.26 -20.51
CA GLU I 32 -54.74 22.51 -19.40
C GLU I 32 -54.10 23.39 -18.33
N TYR I 33 -53.52 24.53 -18.70
CA TYR I 33 -52.82 25.39 -17.75
C TYR I 33 -53.74 26.14 -16.79
N GLU I 34 -55.07 26.07 -16.94
CA GLU I 34 -55.98 26.64 -15.95
C GLU I 34 -55.86 26.00 -14.57
N GLY I 35 -55.37 24.76 -14.49
CA GLY I 35 -55.04 24.12 -13.21
C GLY I 35 -53.92 24.84 -12.49
N ILE I 36 -52.72 24.89 -13.09
CA ILE I 36 -51.57 25.58 -12.51
C ILE I 36 -51.86 27.07 -12.30
N ALA I 37 -52.47 27.76 -13.28
CA ALA I 37 -52.69 29.20 -13.25
C ALA I 37 -53.83 29.68 -12.33
N SER I 38 -54.20 28.90 -11.32
CA SER I 38 -55.11 29.32 -10.26
C SER I 38 -54.59 30.47 -9.40
N LYS I 39 -53.30 30.82 -9.54
CA LYS I 39 -52.57 31.89 -8.86
C LYS I 39 -51.53 32.50 -9.81
N GLY I 40 -50.98 33.65 -9.45
CA GLY I 40 -49.90 34.28 -10.21
C GLY I 40 -50.34 34.89 -11.54
N ASN I 41 -49.45 35.60 -12.22
CA ASN I 41 -49.74 36.27 -13.49
C ASN I 41 -48.92 35.75 -14.69
N VAL I 42 -48.10 34.72 -14.50
CA VAL I 42 -47.31 34.08 -15.57
C VAL I 42 -47.24 32.57 -15.36
N VAL I 43 -47.33 31.81 -16.44
CA VAL I 43 -46.96 30.40 -16.50
C VAL I 43 -45.77 30.25 -17.46
N HIS I 44 -44.73 29.58 -17.02
CA HIS I 44 -43.54 29.26 -17.80
C HIS I 44 -43.63 27.82 -18.30
N ILE I 45 -43.56 27.65 -19.61
CA ILE I 45 -43.64 26.34 -20.27
C ILE I 45 -42.31 26.08 -20.97
N ALA I 46 -41.68 24.95 -20.69
CA ALA I 46 -40.39 24.58 -21.26
C ALA I 46 -40.48 23.30 -22.10
N GLY I 47 -39.67 23.17 -23.14
CA GLY I 47 -39.56 21.99 -23.99
C GLY I 47 -38.12 21.54 -24.16
N VAL I 48 -37.93 20.23 -24.35
CA VAL I 48 -36.61 19.62 -24.54
C VAL I 48 -35.97 20.06 -25.85
N VAL I 49 -34.65 20.21 -25.87
CA VAL I 49 -33.86 20.18 -27.10
C VAL I 49 -33.18 18.82 -27.14
N ALA I 50 -33.39 18.05 -28.19
CA ALA I 50 -32.83 16.70 -28.28
C ALA I 50 -31.29 16.73 -28.34
N PRO I 51 -30.58 15.74 -27.76
CA PRO I 51 -29.16 15.55 -28.04
C PRO I 51 -28.92 15.19 -29.51
N THR I 52 -27.78 15.59 -30.06
CA THR I 52 -27.41 15.33 -31.47
C THR I 52 -26.75 13.97 -31.67
N VAL I 53 -27.15 13.23 -32.71
CA VAL I 53 -26.48 11.97 -33.09
C VAL I 53 -25.13 12.25 -33.75
N LYS I 54 -24.07 11.59 -33.26
CA LYS I 54 -22.68 11.75 -33.71
C LYS I 54 -22.20 10.56 -34.52
N ASP I 55 -21.43 10.83 -35.58
CA ASP I 55 -20.75 9.81 -36.39
C ASP I 55 -19.55 9.25 -35.63
N TYR I 56 -19.70 8.08 -35.03
CA TYR I 56 -18.70 7.47 -34.16
C TYR I 56 -17.46 7.04 -34.94
N LYS I 57 -17.63 6.52 -36.18
CA LYS I 57 -16.51 6.09 -37.04
C LYS I 57 -15.69 7.23 -37.61
N ALA I 58 -16.30 8.37 -37.88
CA ALA I 58 -15.57 9.54 -38.37
C ALA I 58 -14.74 10.20 -37.26
N ALA I 59 -15.13 10.03 -35.99
CA ALA I 59 -14.44 10.52 -34.80
C ALA I 59 -13.28 9.59 -34.34
N GLY I 60 -12.64 8.84 -35.24
CA GLY I 60 -11.85 7.67 -34.86
C GLY I 60 -12.81 6.60 -34.35
N ARG I 61 -12.84 6.37 -33.05
CA ARG I 61 -14.00 5.81 -32.32
C ARG I 61 -14.18 6.53 -30.97
N GLN I 62 -14.00 7.85 -30.97
CA GLN I 62 -14.11 8.69 -29.78
C GLN I 62 -15.54 9.20 -29.59
N THR I 63 -15.93 9.48 -28.35
CA THR I 63 -17.16 10.17 -27.99
C THR I 63 -16.94 11.07 -26.78
N SER I 64 -17.62 12.21 -26.73
CA SER I 64 -17.63 13.11 -25.57
C SER I 64 -19.02 13.70 -25.35
N ALA I 65 -19.39 13.92 -24.09
CA ALA I 65 -20.75 14.29 -23.73
C ALA I 65 -21.02 15.78 -23.98
N ASP I 66 -22.13 16.09 -24.64
CA ASP I 66 -22.67 17.45 -24.74
C ASP I 66 -23.50 17.83 -23.52
N ALA I 67 -23.61 19.11 -23.19
CA ALA I 67 -24.63 19.55 -22.23
C ALA I 67 -26.03 19.54 -22.86
N ILE I 68 -27.03 19.08 -22.11
CA ILE I 68 -28.44 19.27 -22.48
C ILE I 68 -28.83 20.76 -22.43
N SER I 69 -29.94 21.10 -23.07
CA SER I 69 -30.47 22.45 -23.18
C SER I 69 -31.99 22.43 -23.34
N ASP I 70 -32.66 23.55 -23.10
CA ASP I 70 -34.12 23.67 -23.24
C ASP I 70 -34.55 24.90 -24.05
N THR I 71 -35.84 24.96 -24.32
CA THR I 71 -36.55 26.08 -24.96
C THR I 71 -37.72 26.46 -24.07
N GLY I 72 -38.22 27.68 -24.14
CA GLY I 72 -39.38 28.04 -23.34
C GLY I 72 -40.20 29.21 -23.87
N VAL I 73 -41.44 29.29 -23.39
CA VAL I 73 -42.43 30.34 -23.69
C VAL I 73 -43.17 30.72 -22.42
N ASP I 74 -43.60 31.98 -22.35
CA ASP I 74 -44.37 32.50 -21.22
C ASP I 74 -45.82 32.70 -21.64
N LEU I 75 -46.75 32.11 -20.90
CA LEU I 75 -48.15 32.50 -20.96
C LEU I 75 -48.37 33.57 -19.90
N LEU I 76 -48.65 34.80 -20.32
CA LEU I 76 -48.91 35.93 -19.42
C LEU I 76 -50.42 36.04 -19.23
N ILE I 77 -50.91 36.01 -18.00
CA ILE I 77 -52.30 36.33 -17.70
C ILE I 77 -52.39 37.85 -17.55
N ASP I 78 -52.51 38.55 -18.66
CA ASP I 78 -52.28 39.99 -18.73
C ASP I 78 -53.39 40.78 -19.45
N GLN I 79 -54.51 40.15 -19.78
CA GLN I 79 -55.70 40.83 -20.29
C GLN I 79 -56.71 41.00 -19.16
N GLU I 80 -57.11 42.22 -18.86
CA GLU I 80 -58.06 42.60 -17.82
C GLU I 80 -59.17 43.45 -18.44
N LYS I 81 -60.37 42.91 -18.58
CA LYS I 81 -61.47 43.51 -19.36
C LYS I 81 -62.71 43.63 -18.51
N SER I 82 -63.45 44.72 -18.64
CA SER I 82 -64.66 44.92 -17.85
C SER I 82 -65.80 45.58 -18.62
N ILE I 83 -67.01 45.29 -18.14
CA ILE I 83 -68.27 45.93 -18.48
C ILE I 83 -68.78 46.61 -17.22
N ASP I 84 -69.31 47.82 -17.33
CA ASP I 84 -69.79 48.58 -16.18
C ASP I 84 -70.83 49.61 -16.62
N PHE I 85 -72.08 49.46 -16.22
CA PHE I 85 -73.18 50.32 -16.67
C PHE I 85 -74.26 50.52 -15.61
N LEU I 86 -75.02 51.60 -15.76
CA LEU I 86 -76.15 51.98 -14.91
C LEU I 86 -77.49 51.68 -15.56
N VAL I 87 -78.42 51.11 -14.81
CA VAL I 87 -79.86 51.15 -15.11
C VAL I 87 -80.52 52.15 -14.17
N ASP I 88 -80.79 53.34 -14.67
CA ASP I 88 -81.50 54.39 -13.95
C ASP I 88 -82.90 53.93 -13.59
N ASP I 89 -83.27 53.93 -12.31
CA ASP I 89 -84.52 53.30 -11.90
C ASP I 89 -85.76 54.18 -12.12
N ILE I 90 -85.60 55.43 -12.60
CA ILE I 90 -86.69 56.17 -13.24
C ILE I 90 -86.90 55.62 -14.65
N ASP I 91 -85.85 55.45 -15.44
CA ASP I 91 -85.95 54.82 -16.75
C ASP I 91 -86.55 53.43 -16.66
N ARG I 92 -86.13 52.59 -15.70
CA ARG I 92 -86.73 51.28 -15.48
C ARG I 92 -88.25 51.32 -15.31
N VAL I 93 -88.81 52.37 -14.72
CA VAL I 93 -90.26 52.54 -14.58
C VAL I 93 -90.92 53.07 -15.86
N GLN I 94 -90.28 54.01 -16.53
CA GLN I 94 -90.85 54.71 -17.68
C GLN I 94 -90.71 53.96 -19.02
N VAL I 95 -89.78 53.02 -19.19
CA VAL I 95 -89.63 52.23 -20.44
C VAL I 95 -90.82 51.30 -20.71
N ALA I 96 -91.01 50.90 -21.96
CA ALA I 96 -92.13 50.08 -22.39
C ALA I 96 -92.11 48.64 -21.88
N GLY I 97 -90.96 48.09 -21.52
CA GLY I 97 -90.78 46.75 -20.97
C GLY I 97 -89.38 46.51 -20.42
N SER I 98 -89.02 45.27 -20.12
CA SER I 98 -87.80 44.90 -19.40
C SER I 98 -86.48 45.39 -20.00
N LEU I 99 -85.52 45.68 -19.12
CA LEU I 99 -84.13 46.04 -19.44
C LEU I 99 -83.14 44.89 -19.16
N GLU I 100 -83.59 43.67 -18.87
CA GLU I 100 -82.71 42.51 -18.62
C GLU I 100 -81.79 42.17 -19.79
N ALA I 101 -82.21 42.49 -21.02
CA ALA I 101 -81.44 42.37 -22.25
C ALA I 101 -80.08 43.08 -22.18
N TYR I 102 -79.96 44.18 -21.45
CA TYR I 102 -78.69 44.89 -21.32
C TYR I 102 -77.66 44.09 -20.51
N THR I 103 -78.08 43.23 -19.58
CA THR I 103 -77.15 42.37 -18.84
C THR I 103 -76.58 41.27 -19.75
N ARG I 104 -77.42 40.68 -20.60
CA ARG I 104 -77.03 39.72 -21.63
C ARG I 104 -76.16 40.34 -22.71
N ALA I 105 -76.43 41.55 -23.14
CA ALA I 105 -75.57 42.29 -24.06
C ALA I 105 -74.16 42.50 -23.48
N GLY I 106 -74.03 42.77 -22.18
CA GLY I 106 -72.74 42.88 -21.49
C GLY I 106 -71.99 41.55 -21.42
N ALA I 107 -72.64 40.47 -21.02
CA ALA I 107 -72.01 39.16 -20.98
C ALA I 107 -71.54 38.71 -22.37
N THR I 108 -72.35 38.98 -23.39
CA THR I 108 -72.03 38.70 -24.78
C THR I 108 -70.86 39.53 -25.29
N ALA I 109 -70.73 40.79 -24.87
CA ALA I 109 -69.61 41.64 -25.24
C ALA I 109 -68.26 41.09 -24.73
N LEU I 110 -68.20 40.62 -23.48
CA LEU I 110 -67.00 39.96 -22.94
C LEU I 110 -66.71 38.64 -23.65
N ALA I 111 -67.72 37.80 -23.89
CA ALA I 111 -67.50 36.53 -24.58
C ALA I 111 -66.94 36.77 -25.98
N THR I 112 -67.42 37.79 -26.68
CA THR I 112 -66.95 38.15 -28.02
C THR I 112 -65.54 38.71 -28.00
N ASP I 113 -65.19 39.54 -27.02
CA ASP I 113 -63.84 40.08 -26.89
C ASP I 113 -62.80 38.98 -26.61
N THR I 114 -63.21 37.95 -25.88
CA THR I 114 -62.42 36.74 -25.69
C THR I 114 -62.21 35.99 -27.00
N ASP I 115 -63.28 35.76 -27.75
CA ASP I 115 -63.22 35.02 -29.01
C ASP I 115 -62.36 35.75 -30.03
N LYS I 116 -62.49 37.07 -30.15
CA LYS I 116 -61.63 37.89 -30.99
C LYS I 116 -60.19 37.91 -30.53
N PHE I 117 -59.90 37.82 -29.23
CA PHE I 117 -58.53 37.72 -28.74
C PHE I 117 -57.86 36.40 -29.14
N ILE I 118 -58.52 35.26 -28.94
CA ILE I 118 -57.94 33.99 -29.37
C ILE I 118 -57.74 33.97 -30.88
N ALA I 119 -58.74 34.41 -31.65
CA ALA I 119 -58.61 34.55 -33.08
C ALA I 119 -57.46 35.47 -33.51
N ASP I 120 -57.27 36.61 -32.85
CA ASP I 120 -56.16 37.52 -33.11
C ASP I 120 -54.81 36.85 -32.84
N MET I 121 -54.63 36.11 -31.75
CA MET I 121 -53.33 35.49 -31.51
C MET I 121 -53.03 34.34 -32.46
N LEU I 122 -54.02 33.54 -32.86
CA LEU I 122 -53.80 32.50 -33.86
C LEU I 122 -53.40 33.10 -35.21
N VAL I 123 -54.08 34.13 -35.68
CA VAL I 123 -53.66 34.84 -36.90
C VAL I 123 -52.30 35.49 -36.71
N ASP I 124 -52.07 36.25 -35.64
CA ASP I 124 -50.83 37.02 -35.51
C ASP I 124 -49.59 36.17 -35.23
N ASN I 125 -49.69 35.11 -34.44
CA ASN I 125 -48.53 34.35 -33.98
C ASN I 125 -48.28 33.02 -34.72
N GLY I 126 -49.21 32.54 -35.52
CA GLY I 126 -49.03 31.33 -36.33
C GLY I 126 -48.11 31.50 -37.55
N THR I 127 -47.75 30.39 -38.15
CA THR I 127 -46.90 30.29 -39.36
C THR I 127 -47.66 30.73 -40.61
N ALA I 128 -47.16 31.64 -41.43
CA ALA I 128 -47.83 32.04 -42.66
C ALA I 128 -47.81 30.95 -43.74
N LEU I 129 -48.96 30.62 -44.32
CA LEU I 129 -49.06 29.82 -45.53
C LEU I 129 -48.70 30.67 -46.76
N THR I 130 -47.97 30.13 -47.71
CA THR I 130 -47.37 30.87 -48.85
C THR I 130 -48.24 30.93 -50.12
N GLY I 131 -49.52 30.55 -50.06
CA GLY I 131 -50.43 30.54 -51.22
C GLY I 131 -50.91 31.91 -51.70
N SER I 132 -51.97 31.92 -52.51
CA SER I 132 -52.61 33.12 -53.08
C SER I 132 -54.13 33.01 -53.06
N ALA I 133 -54.86 34.13 -53.07
CA ALA I 133 -56.31 34.17 -52.94
C ALA I 133 -57.03 33.25 -53.95
N PRO I 134 -57.95 32.39 -53.51
CA PRO I 134 -58.57 31.39 -54.37
C PRO I 134 -59.40 32.03 -55.48
N SER I 135 -59.21 31.58 -56.73
CA SER I 135 -59.95 32.04 -57.90
C SER I 135 -61.10 31.11 -58.28
N ASP I 136 -61.14 29.90 -57.74
CA ASP I 136 -62.22 28.95 -57.92
C ASP I 136 -62.27 27.97 -56.73
N ALA I 137 -63.30 27.14 -56.67
CA ALA I 137 -63.47 26.18 -55.57
C ALA I 137 -62.39 25.11 -55.48
N ASP I 138 -61.64 24.84 -56.55
CA ASP I 138 -60.50 23.92 -56.51
C ASP I 138 -59.28 24.58 -55.87
N ASP I 139 -59.05 25.88 -56.13
CA ASP I 139 -58.04 26.63 -55.39
C ASP I 139 -58.33 26.62 -53.90
N ALA I 140 -59.58 26.85 -53.51
CA ALA I 140 -59.96 26.90 -52.11
C ALA I 140 -59.72 25.55 -51.42
N PHE I 141 -60.07 24.45 -52.07
CA PHE I 141 -59.78 23.12 -51.53
C PHE I 141 -58.28 22.85 -51.44
N ASP I 142 -57.51 23.23 -52.47
CA ASP I 142 -56.06 23.06 -52.47
C ASP I 142 -55.34 23.92 -51.44
N LEU I 143 -55.83 25.09 -51.09
CA LEU I 143 -55.32 25.86 -49.96
C LEU I 143 -55.52 25.10 -48.65
N ILE I 144 -56.68 24.53 -48.40
CA ILE I 144 -56.88 23.70 -47.20
C ILE I 144 -55.94 22.50 -47.23
N ALA I 145 -55.84 21.78 -48.34
CA ALA I 145 -54.94 20.63 -48.48
C ALA I 145 -53.46 21.02 -48.29
N SER I 146 -53.01 22.14 -48.83
CA SER I 146 -51.64 22.62 -48.64
C SER I 146 -51.39 23.15 -47.22
N ALA I 147 -52.38 23.68 -46.51
CA ALA I 147 -52.25 24.01 -45.10
C ALA I 147 -52.08 22.77 -44.21
N LEU I 148 -52.84 21.71 -44.46
CA LEU I 148 -52.64 20.42 -43.80
C LEU I 148 -51.29 19.78 -44.17
N LYS I 149 -50.77 19.99 -45.39
CA LYS I 149 -49.39 19.62 -45.73
C LYS I 149 -48.40 20.33 -44.82
N GLU I 150 -48.51 21.64 -44.63
CA GLU I 150 -47.58 22.36 -43.75
C GLU I 150 -47.67 21.95 -42.28
N LEU I 151 -48.83 21.53 -41.77
CA LEU I 151 -48.88 20.89 -40.46
C LEU I 151 -48.14 19.55 -40.46
N THR I 152 -48.24 18.76 -41.51
CA THR I 152 -47.55 17.45 -41.58
C THR I 152 -46.04 17.60 -41.77
N LYS I 153 -45.54 18.52 -42.58
CA LYS I 153 -44.10 18.77 -42.71
C LYS I 153 -43.45 19.29 -41.43
N ALA I 154 -44.23 19.86 -40.52
CA ALA I 154 -43.82 20.23 -39.18
C ALA I 154 -44.10 19.15 -38.12
N ASN I 155 -44.44 17.92 -38.51
CA ASN I 155 -44.66 16.76 -37.64
C ASN I 155 -45.79 16.91 -36.62
N VAL I 156 -46.73 17.84 -36.84
CA VAL I 156 -47.89 18.07 -35.98
C VAL I 156 -48.77 16.80 -35.96
N PRO I 157 -49.35 16.39 -34.82
CA PRO I 157 -50.21 15.20 -34.74
C PRO I 157 -51.28 15.14 -35.83
N ASN I 158 -51.58 13.95 -36.34
CA ASN I 158 -52.47 13.78 -37.50
C ASN I 158 -53.95 13.74 -37.14
N VAL I 159 -54.29 13.62 -35.86
CA VAL I 159 -55.67 13.43 -35.36
C VAL I 159 -56.13 14.65 -34.56
N GLY I 160 -57.36 15.10 -34.80
CA GLY I 160 -57.96 16.23 -34.09
C GLY I 160 -57.54 17.61 -34.61
N ARG I 161 -57.01 17.72 -35.83
CA ARG I 161 -56.74 19.02 -36.47
C ARG I 161 -58.04 19.77 -36.77
N VAL I 162 -58.00 21.09 -36.70
CA VAL I 162 -59.14 21.98 -36.86
C VAL I 162 -58.76 23.07 -37.87
N VAL I 163 -59.64 23.39 -38.79
CA VAL I 163 -59.51 24.55 -39.68
C VAL I 163 -60.65 25.51 -39.41
N VAL I 164 -60.36 26.75 -39.05
CA VAL I 164 -61.38 27.78 -38.84
C VAL I 164 -61.31 28.75 -40.00
N VAL I 165 -62.41 28.89 -40.72
CA VAL I 165 -62.52 29.66 -41.97
C VAL I 165 -63.43 30.87 -41.77
N ASN I 166 -63.12 31.98 -42.41
CA ASN I 166 -64.05 33.11 -42.49
C ASN I 166 -65.16 32.87 -43.52
N ALA I 167 -66.19 33.71 -43.53
CA ALA I 167 -67.32 33.58 -44.45
C ALA I 167 -66.90 33.66 -45.92
N GLU I 168 -65.90 34.47 -46.27
CA GLU I 168 -65.35 34.54 -47.62
C GLU I 168 -64.77 33.19 -48.07
N MET I 169 -64.03 32.51 -47.20
CA MET I 169 -63.51 31.19 -47.48
C MET I 169 -64.64 30.14 -47.51
N ALA I 170 -65.57 30.16 -46.55
CA ALA I 170 -66.66 29.17 -46.48
C ALA I 170 -67.61 29.22 -47.68
N PHE I 171 -67.80 30.40 -48.30
CA PHE I 171 -68.50 30.55 -49.57
C PHE I 171 -67.93 29.63 -50.64
N TRP I 172 -66.62 29.50 -50.78
CA TRP I 172 -66.04 28.64 -51.80
C TRP I 172 -66.35 27.17 -51.58
N LEU I 173 -66.39 26.70 -50.33
CA LEU I 173 -66.79 25.34 -50.00
C LEU I 173 -68.29 25.08 -50.24
N ARG I 174 -69.11 26.13 -50.41
CA ARG I 174 -70.53 26.05 -50.77
C ARG I 174 -70.86 26.62 -52.15
N SER I 175 -69.85 26.95 -52.96
CA SER I 175 -70.06 27.51 -54.30
C SER I 175 -70.42 26.44 -55.34
N SER I 176 -70.78 26.87 -56.54
CA SER I 176 -71.19 25.97 -57.64
C SER I 176 -70.12 24.96 -58.05
N GLY I 177 -68.84 25.30 -57.93
CA GLY I 177 -67.73 24.40 -58.26
C GLY I 177 -67.27 23.48 -57.13
N SER I 178 -67.79 23.65 -55.92
CA SER I 178 -67.39 22.85 -54.77
C SER I 178 -67.67 21.36 -54.95
N LYS I 179 -66.81 20.49 -54.40
CA LYS I 179 -67.05 19.05 -54.28
C LYS I 179 -68.30 18.73 -53.47
N LEU I 180 -68.62 19.57 -52.51
CA LEU I 180 -69.70 19.35 -51.54
C LEU I 180 -71.07 19.73 -52.07
N THR I 181 -71.16 20.62 -53.05
CA THR I 181 -72.42 21.03 -53.69
C THR I 181 -72.86 20.08 -54.81
N SER I 182 -72.51 18.81 -54.68
CA SER I 182 -72.79 17.74 -55.62
C SER I 182 -72.93 16.39 -54.92
N ALA I 183 -74.00 15.68 -55.22
CA ALA I 183 -74.20 14.29 -54.81
C ALA I 183 -73.34 13.31 -55.61
N ASP I 184 -72.70 13.78 -56.67
CA ASP I 184 -71.76 13.00 -57.47
C ASP I 184 -70.39 12.99 -56.80
N THR I 185 -69.80 14.18 -56.61
CA THR I 185 -68.43 14.33 -56.12
C THR I 185 -68.30 14.05 -54.63
N SER I 186 -69.30 14.39 -53.81
CA SER I 186 -69.42 13.93 -52.42
C SER I 186 -70.39 12.76 -52.34
N GLY I 187 -70.56 12.17 -51.15
CA GLY I 187 -71.39 10.98 -51.01
C GLY I 187 -72.90 11.20 -51.24
N ASP I 188 -73.42 12.42 -51.02
CA ASP I 188 -74.85 12.67 -50.84
C ASP I 188 -75.28 14.12 -51.14
N ALA I 189 -76.57 14.41 -51.16
CA ALA I 189 -77.13 15.72 -51.48
C ALA I 189 -77.09 16.75 -50.33
N ALA I 190 -76.68 16.39 -49.12
CA ALA I 190 -76.72 17.31 -47.97
C ALA I 190 -75.91 18.60 -48.16
N GLY I 191 -74.76 18.56 -48.83
CA GLY I 191 -73.97 19.76 -49.10
C GLY I 191 -74.56 20.66 -50.18
N LEU I 192 -75.50 20.17 -50.99
CA LEU I 192 -76.31 20.95 -51.91
C LEU I 192 -77.59 21.48 -51.23
N ARG I 193 -78.29 20.64 -50.49
CA ARG I 193 -79.60 20.97 -49.91
C ARG I 193 -79.51 21.74 -48.60
N ALA I 194 -78.86 21.17 -47.60
CA ALA I 194 -78.68 21.82 -46.31
C ALA I 194 -77.47 22.77 -46.27
N GLY I 195 -76.52 22.65 -47.20
CA GLY I 195 -75.28 23.41 -47.19
C GLY I 195 -74.25 22.93 -46.17
N THR I 196 -74.39 21.71 -45.66
CA THR I 196 -73.49 21.14 -44.65
C THR I 196 -72.08 20.96 -45.21
N ILE I 197 -71.04 21.52 -44.56
CA ILE I 197 -69.65 21.34 -45.00
C ILE I 197 -69.09 20.00 -44.50
N GLY I 198 -69.21 19.69 -43.21
CA GLY I 198 -68.62 18.49 -42.61
C GLY I 198 -67.09 18.51 -42.57
N ASN I 199 -66.45 17.36 -42.36
CA ASN I 199 -65.00 17.27 -42.31
C ASN I 199 -64.40 17.20 -43.72
N LEU I 200 -63.19 17.71 -43.88
CA LEU I 200 -62.40 17.55 -45.10
C LEU I 200 -61.02 17.04 -44.74
N LEU I 201 -60.50 16.08 -45.51
CA LEU I 201 -59.13 15.56 -45.38
C LEU I 201 -58.75 15.14 -43.95
N GLY I 202 -59.72 14.74 -43.13
CA GLY I 202 -59.57 14.36 -41.72
C GLY I 202 -59.63 15.51 -40.71
N ALA I 203 -59.61 16.77 -41.14
CA ALA I 203 -59.73 17.94 -40.28
C ALA I 203 -61.20 18.35 -40.06
N ARG I 204 -61.52 18.87 -38.88
CA ARG I 204 -62.80 19.56 -38.61
C ARG I 204 -62.81 20.92 -39.28
N ILE I 205 -63.89 21.27 -39.97
CA ILE I 205 -64.07 22.60 -40.55
C ILE I 205 -65.06 23.40 -39.68
N VAL I 206 -64.70 24.62 -39.31
CA VAL I 206 -65.46 25.50 -38.42
C VAL I 206 -65.54 26.90 -39.01
N GLU I 207 -66.70 27.56 -38.95
CA GLU I 207 -66.89 28.91 -39.48
C GLU I 207 -66.82 29.95 -38.37
N SER I 208 -66.13 31.07 -38.59
CA SER I 208 -66.13 32.18 -37.64
C SER I 208 -66.20 33.54 -38.33
N ASN I 209 -67.03 34.44 -37.80
CA ASN I 209 -67.04 35.85 -38.16
C ASN I 209 -66.05 36.69 -37.32
N ASN I 210 -65.38 36.10 -36.34
CA ASN I 210 -64.44 36.78 -35.43
C ASN I 210 -62.96 36.69 -35.85
N LEU I 211 -62.63 35.98 -36.93
CA LEU I 211 -61.36 36.17 -37.63
C LEU I 211 -61.24 37.62 -38.13
N ARG I 212 -60.03 38.14 -38.29
CA ARG I 212 -59.80 39.57 -38.52
C ARG I 212 -60.26 40.03 -39.89
N ASP I 213 -59.93 39.32 -40.95
CA ASP I 213 -60.33 39.71 -42.30
C ASP I 213 -61.75 39.27 -42.58
N THR I 214 -62.59 40.20 -43.01
CA THR I 214 -64.02 39.99 -43.26
C THR I 214 -64.39 40.15 -44.72
N ASP I 215 -63.49 40.50 -45.63
CA ASP I 215 -63.83 40.65 -47.04
C ASP I 215 -62.81 40.09 -48.04
N ASP I 216 -61.67 39.57 -47.58
CA ASP I 216 -60.88 38.58 -48.31
C ASP I 216 -60.87 37.25 -47.53
N GLU I 217 -60.65 36.14 -48.23
CA GLU I 217 -60.54 34.81 -47.64
C GLU I 217 -59.43 34.80 -46.57
N GLN I 218 -59.71 34.21 -45.42
CA GLN I 218 -58.74 34.01 -44.35
C GLN I 218 -59.10 32.74 -43.60
N PHE I 219 -58.10 31.98 -43.17
CA PHE I 219 -58.33 30.82 -42.31
C PHE I 219 -57.10 30.44 -41.52
N VAL I 220 -57.32 29.69 -40.46
CA VAL I 220 -56.30 29.10 -39.61
C VAL I 220 -56.47 27.60 -39.54
N ALA I 221 -55.45 26.84 -39.92
CA ALA I 221 -55.37 25.40 -39.69
C ALA I 221 -54.47 25.15 -38.48
N PHE I 222 -54.91 24.39 -37.49
CA PHE I 222 -54.15 24.21 -36.27
C PHE I 222 -54.48 22.91 -35.57
N HIS I 223 -53.62 22.52 -34.65
CA HIS I 223 -53.91 21.46 -33.67
C HIS I 223 -54.28 22.09 -32.32
N PRO I 224 -55.30 21.60 -31.61
CA PRO I 224 -55.71 22.12 -30.31
C PRO I 224 -54.57 22.33 -29.32
N SER I 225 -53.60 21.42 -29.26
CA SER I 225 -52.46 21.50 -28.35
C SER I 225 -51.42 22.58 -28.70
N ALA I 226 -51.48 23.22 -29.87
CA ALA I 226 -50.50 24.22 -30.29
C ALA I 226 -50.67 25.59 -29.62
N ALA I 227 -51.84 25.90 -29.08
CA ALA I 227 -52.13 27.17 -28.43
C ALA I 227 -52.99 26.98 -27.20
N ALA I 228 -52.79 27.81 -26.18
CA ALA I 228 -53.42 27.68 -24.88
C ALA I 228 -54.09 28.98 -24.43
N TYR I 229 -55.19 28.86 -23.71
CA TYR I 229 -55.94 29.98 -23.13
C TYR I 229 -56.29 29.67 -21.67
N VAL I 230 -56.10 30.66 -20.80
CA VAL I 230 -56.44 30.60 -19.38
C VAL I 230 -57.45 31.68 -19.06
N SER I 231 -58.62 31.31 -18.55
CA SER I 231 -59.53 32.20 -17.83
C SER I 231 -59.22 32.12 -16.34
N GLN I 232 -58.68 33.19 -15.75
CA GLN I 232 -58.34 33.21 -14.34
C GLN I 232 -59.48 33.74 -13.45
N ILE I 233 -60.13 34.82 -13.89
CA ILE I 233 -61.23 35.49 -13.20
C ILE I 233 -62.36 35.72 -14.20
N ASP I 234 -63.59 35.39 -13.84
CA ASP I 234 -64.78 35.81 -14.56
C ASP I 234 -65.90 36.01 -13.53
N THR I 235 -66.20 37.25 -13.19
CA THR I 235 -67.13 37.61 -12.10
C THR I 235 -68.08 38.73 -12.53
N VAL I 236 -69.35 38.67 -12.10
CA VAL I 236 -70.34 39.73 -12.27
C VAL I 236 -70.96 40.13 -10.94
N GLU I 237 -71.13 41.43 -10.74
CA GLU I 237 -71.51 42.09 -9.50
C GLU I 237 -72.66 43.09 -9.72
N ALA I 238 -73.60 43.15 -8.78
CA ALA I 238 -74.72 44.08 -8.75
C ALA I 238 -74.67 44.94 -7.49
N LEU I 239 -74.83 46.25 -7.66
CA LEU I 239 -74.76 47.24 -6.59
C LEU I 239 -75.63 48.45 -6.94
N ARG I 240 -76.00 49.29 -5.96
CA ARG I 240 -76.61 50.59 -6.25
C ARG I 240 -75.53 51.62 -6.54
N ASP I 241 -75.81 52.57 -7.41
CA ASP I 241 -74.95 53.74 -7.62
C ASP I 241 -74.87 54.60 -6.34
N GLN I 242 -73.76 55.30 -6.11
CA GLN I 242 -73.65 56.29 -5.03
C GLN I 242 -74.22 57.66 -5.42
N ASP I 243 -74.09 58.05 -6.70
CA ASP I 243 -74.40 59.42 -7.13
C ASP I 243 -75.82 59.60 -7.68
N SER I 244 -76.60 58.53 -7.83
CA SER I 244 -77.95 58.55 -8.40
C SER I 244 -78.80 57.36 -7.97
N PHE I 245 -80.12 57.42 -8.17
CA PHE I 245 -80.99 56.26 -8.03
C PHE I 245 -80.89 55.37 -9.28
N SER I 246 -79.84 54.57 -9.31
CA SER I 246 -79.58 53.61 -10.37
C SER I 246 -79.10 52.29 -9.79
N ASP I 247 -79.50 51.18 -10.40
CA ASP I 247 -78.73 49.95 -10.31
C ASP I 247 -77.46 50.09 -11.13
N ARG I 248 -76.40 49.44 -10.68
CA ARG I 248 -75.13 49.30 -11.38
C ARG I 248 -74.87 47.82 -11.57
N ILE I 249 -74.52 47.43 -12.78
CA ILE I 249 -74.08 46.08 -13.10
C ILE I 249 -72.66 46.21 -13.62
N ARG I 250 -71.74 45.45 -13.07
CA ARG I 250 -70.37 45.40 -13.57
C ARG I 250 -69.82 43.99 -13.57
N ALA I 251 -68.95 43.71 -14.51
CA ALA I 251 -68.33 42.41 -14.70
C ALA I 251 -66.88 42.58 -15.10
N LEU I 252 -66.04 41.67 -14.63
CA LEU I 252 -64.60 41.65 -14.86
C LEU I 252 -64.23 40.27 -15.42
N HIS I 253 -63.34 40.25 -16.39
CA HIS I 253 -62.75 39.04 -16.91
C HIS I 253 -61.24 39.21 -17.03
N VAL I 254 -60.47 38.30 -16.44
CA VAL I 254 -59.01 38.31 -16.45
C VAL I 254 -58.51 37.01 -17.03
N TYR I 255 -57.70 37.09 -18.07
CA TYR I 255 -57.33 35.96 -18.90
C TYR I 255 -55.99 36.19 -19.61
N GLY I 256 -55.48 35.14 -20.22
CA GLY I 256 -54.30 35.20 -21.07
C GLY I 256 -54.26 34.03 -22.02
N GLY I 257 -53.40 34.08 -23.02
CA GLY I 257 -53.23 32.99 -23.95
C GLY I 257 -51.99 33.14 -24.81
N LYS I 258 -51.46 32.03 -25.32
CA LYS I 258 -50.20 31.98 -26.07
C LYS I 258 -50.27 30.89 -27.12
N VAL I 259 -49.69 31.10 -28.31
CA VAL I 259 -49.37 29.95 -29.17
C VAL I 259 -48.06 29.35 -28.65
N VAL I 260 -48.16 28.24 -27.89
CA VAL I 260 -46.96 27.62 -27.23
C VAL I 260 -46.09 27.00 -28.33
N ARG I 261 -46.70 26.47 -29.38
CA ARG I 261 -45.97 25.91 -30.56
C ARG I 261 -46.39 26.76 -31.76
N PRO I 262 -45.53 27.65 -32.33
CA PRO I 262 -45.88 28.41 -33.54
C PRO I 262 -46.09 27.54 -34.78
N THR I 263 -45.34 26.44 -34.98
CA THR I 263 -45.42 25.60 -36.17
C THR I 263 -46.67 24.74 -36.22
N GLY I 264 -47.40 24.54 -35.12
CA GLY I 264 -48.69 23.88 -35.08
C GLY I 264 -49.90 24.75 -35.43
N VAL I 265 -49.66 26.01 -35.80
CA VAL I 265 -50.70 26.94 -36.29
C VAL I 265 -50.26 27.44 -37.65
N VAL I 266 -51.06 27.24 -38.69
CA VAL I 266 -50.82 27.68 -40.07
C VAL I 266 -51.92 28.66 -40.51
N VAL I 267 -51.54 29.82 -41.03
CA VAL I 267 -52.44 30.95 -41.27
C VAL I 267 -52.42 31.35 -42.74
N PHE I 268 -53.56 31.34 -43.42
CA PHE I 268 -53.71 31.86 -44.77
C PHE I 268 -54.25 33.29 -44.74
N ASN I 269 -53.66 34.21 -45.51
CA ASN I 269 -53.90 35.64 -45.45
C ASN I 269 -53.64 36.21 -44.05
N LYS I 270 -52.43 35.95 -43.51
CA LYS I 270 -51.99 36.40 -42.19
C LYS I 270 -52.01 37.92 -42.04
N THR I 271 -51.64 38.63 -43.10
CA THR I 271 -51.66 40.10 -43.16
C THR I 271 -53.05 40.69 -43.44
N GLY I 272 -54.10 39.88 -43.55
CA GLY I 272 -55.46 40.33 -43.84
C GLY I 272 -56.07 41.15 -42.73
N SER I 273 -56.67 42.30 -43.09
CA SER I 273 -57.23 43.29 -42.15
C SER I 273 -58.26 44.17 -42.83
#